data_7IB8
# 
_entry.id   7IB8 
# 
_audit_conform.dict_name       mmcif_pdbx.dic 
_audit_conform.dict_version    5.408 
_audit_conform.dict_location   http://mmcif.pdb.org/dictionaries/ascii/mmcif_pdbx.dic 
# 
loop_
_database_2.database_id 
_database_2.database_code 
_database_2.pdbx_database_accession 
_database_2.pdbx_DOI 
PDB   7IB8         pdb_00007ib8 10.2210/pdb7ib8/pdb 
WWPDB D_1001408547 ?            ?                   
# 
loop_
_pdbx_audit_revision_history.ordinal 
_pdbx_audit_revision_history.data_content_type 
_pdbx_audit_revision_history.major_revision 
_pdbx_audit_revision_history.minor_revision 
_pdbx_audit_revision_history.revision_date 
_pdbx_audit_revision_history.part_number 
1 'Structure model' 1 0 2025-10-22 ? 
2 'Structure model' 1 1 2025-12-10 ? 
# 
_pdbx_audit_revision_details.ordinal             1 
_pdbx_audit_revision_details.revision_ordinal    1 
_pdbx_audit_revision_details.data_content_type   'Structure model' 
_pdbx_audit_revision_details.provider            repository 
_pdbx_audit_revision_details.type                'Initial release' 
_pdbx_audit_revision_details.description         ? 
_pdbx_audit_revision_details.details             ? 
# 
_pdbx_audit_revision_group.ordinal             1 
_pdbx_audit_revision_group.revision_ordinal    2 
_pdbx_audit_revision_group.data_content_type   'Structure model' 
_pdbx_audit_revision_group.group               'Database references' 
# 
_pdbx_audit_revision_category.ordinal             1 
_pdbx_audit_revision_category.revision_ordinal    2 
_pdbx_audit_revision_category.data_content_type   'Structure model' 
_pdbx_audit_revision_category.category            citation 
# 
loop_
_pdbx_audit_revision_item.ordinal 
_pdbx_audit_revision_item.revision_ordinal 
_pdbx_audit_revision_item.data_content_type 
_pdbx_audit_revision_item.item 
1 2 'Structure model' '_citation.journal_volume' 
2 2 'Structure model' '_citation.page_first'     
3 2 'Structure model' '_citation.page_last'      
# 
_database_PDB_caveat.id     1 
_database_PDB_caveat.text   
'Residues ARG A 124 and LYS A 125 that are next to each other in the sample sequence are not properly linked in conformers C and D.' 
# 
_pdbx_database_status.entry_id                        7IB8 
_pdbx_database_status.status_code                     REL 
_pdbx_database_status.status_code_sf                  REL 
_pdbx_database_status.status_code_mr                  ? 
_pdbx_database_status.status_code_cs                  ? 
_pdbx_database_status.recvd_initial_deposition_date   2025-05-27 
_pdbx_database_status.status_code_nmr_data            ? 
_pdbx_database_status.deposit_site                    RCSB 
_pdbx_database_status.process_site                    RCSB 
_pdbx_database_status.SG_entry                        ? 
_pdbx_database_status.pdb_format_compatible           N 
_pdbx_database_status.methods_development_category    ? 
# 
_pdbx_contact_author.id                 2 
_pdbx_contact_author.name_last          Weiss 
_pdbx_contact_author.name_first         Manfred 
_pdbx_contact_author.name_mi            S. 
_pdbx_contact_author.email              manfred.weiss@helmholtz-berlin.de 
_pdbx_contact_author.identifier_ORCID   0000-0002-2362-7047 
_pdbx_contact_author.role               'principal investigator/group leader' 
# 
loop_
_audit_author.pdbx_ordinal 
_audit_author.name 
_audit_author.identifier_ORCID 
1 'Lennartz, F.' 0000-0001-5617-5502 
2 'Weiss, M.S.'  0000-0002-2362-7047 
# 
_citation.id                        primary 
_citation.title                     
;Crystallographic fragment screening against SARS-CoV-2 nonstructural protein 1 using the F2X-Entry Screen and a newly developed fragment library.
;
_citation.journal_abbrev            'Acta Crystallogr D Struct Biol' 
_citation.journal_volume            81 
_citation.page_first                630 
_citation.page_last                 645 
_citation.year                      2025 
_citation.journal_id_ASTM           ? 
_citation.country                   ? 
_citation.journal_id_ISSN           2059-7983 
_citation.journal_id_CSD            ? 
_citation.book_publisher            ? 
_citation.pdbx_database_id_PubMed   41081353 
_citation.pdbx_database_id_DOI      10.1107/S2059798325008563 
# 
loop_
_citation_author.ordinal 
_citation_author.citation_id 
_citation_author.name 
_citation_author.identifier_ORCID 
1  primary 'Lennartz, F.'    ?                   
2  primary 'Wollenhaupt, J.' 0000-0002-3418-5213 
3  primary 'Oelker, M.'      0000-0001-7301-8445 
4  primary 'Froling, P.'     ?                   
5  primary 'Mueller, U.'     0000-0002-7139-0718 
6  primary 'Deckers, A.'     ?                   
7  primary 'Grathwol, C.'    ?                   
8  primary 'Brase, S.'       ?                   
9  primary 'Jung, N.'        0000-0001-9513-2468 
10 primary 'Weiss, M.S.'     0000-0002-2362-7047 
# 
loop_
_entity.id 
_entity.type 
_entity.src_method 
_entity.pdbx_description 
_entity.formula_weight 
_entity.pdbx_number_of_molecules 
_entity.pdbx_ec 
_entity.pdbx_mutation 
_entity.pdbx_fragment 
_entity.details 
1 polymer     man 'Host translation inhibitor nsp1' 12863.854 1  ? ? ? ? 
2 non-polymer syn '5-(4-bromophenyl)-1H-tetrazole'  225.045   1  ? ? ? ? 
3 water       nat water                             18.015    81 ? ? ? ? 
# 
_entity_name_com.entity_id   1 
_entity_name_com.name        'Leader protein,Non-structural protein 1,nsp1' 
# 
_entity_poly.entity_id                      1 
_entity_poly.type                           'polypeptide(L)' 
_entity_poly.nstd_linkage                   no 
_entity_poly.nstd_monomer                   no 
_entity_poly.pdbx_seq_one_letter_code       
;EKTHVQLSLPVLQVRDVLVRGFGDSVEEVLSEARQHLKDGTCGLVEVEKGVLPQLEQPYVFIKRSDARTAPHGHVMVELV
AELEGIQYGRSGETLGVLVPHVGEIPVAYRKVLLRK
;
_entity_poly.pdbx_seq_one_letter_code_can   
;EKTHVQLSLPVLQVRDVLVRGFGDSVEEVLSEARQHLKDGTCGLVEVEKGVLPQLEQPYVFIKRSDARTAPHGHVMVELV
AELEGIQYGRSGETLGVLVPHVGEIPVAYRKVLLRK
;
_entity_poly.pdbx_strand_id                 A 
_entity_poly.pdbx_target_identifier         ? 
# 
loop_
_pdbx_entity_nonpoly.entity_id 
_pdbx_entity_nonpoly.name 
_pdbx_entity_nonpoly.comp_id 
2 '5-(4-bromophenyl)-1H-tetrazole' A1CEI 
3 water                            HOH   
# 
loop_
_entity_poly_seq.entity_id 
_entity_poly_seq.num 
_entity_poly_seq.mon_id 
_entity_poly_seq.hetero 
1 1   GLU n 
1 2   LYS n 
1 3   THR n 
1 4   HIS n 
1 5   VAL n 
1 6   GLN n 
1 7   LEU n 
1 8   SER n 
1 9   LEU n 
1 10  PRO n 
1 11  VAL n 
1 12  LEU n 
1 13  GLN n 
1 14  VAL n 
1 15  ARG n 
1 16  ASP n 
1 17  VAL n 
1 18  LEU n 
1 19  VAL n 
1 20  ARG n 
1 21  GLY n 
1 22  PHE n 
1 23  GLY n 
1 24  ASP n 
1 25  SER n 
1 26  VAL n 
1 27  GLU n 
1 28  GLU n 
1 29  VAL n 
1 30  LEU n 
1 31  SER n 
1 32  GLU n 
1 33  ALA n 
1 34  ARG n 
1 35  GLN n 
1 36  HIS n 
1 37  LEU n 
1 38  LYS n 
1 39  ASP n 
1 40  GLY n 
1 41  THR n 
1 42  CYS n 
1 43  GLY n 
1 44  LEU n 
1 45  VAL n 
1 46  GLU n 
1 47  VAL n 
1 48  GLU n 
1 49  LYS n 
1 50  GLY n 
1 51  VAL n 
1 52  LEU n 
1 53  PRO n 
1 54  GLN n 
1 55  LEU n 
1 56  GLU n 
1 57  GLN n 
1 58  PRO n 
1 59  TYR n 
1 60  VAL n 
1 61  PHE n 
1 62  ILE n 
1 63  LYS n 
1 64  ARG n 
1 65  SER n 
1 66  ASP n 
1 67  ALA n 
1 68  ARG n 
1 69  THR n 
1 70  ALA n 
1 71  PRO n 
1 72  HIS n 
1 73  GLY n 
1 74  HIS n 
1 75  VAL n 
1 76  MET n 
1 77  VAL n 
1 78  GLU n 
1 79  LEU n 
1 80  VAL n 
1 81  ALA n 
1 82  GLU n 
1 83  LEU n 
1 84  GLU n 
1 85  GLY n 
1 86  ILE n 
1 87  GLN n 
1 88  TYR n 
1 89  GLY n 
1 90  ARG n 
1 91  SER n 
1 92  GLY n 
1 93  GLU n 
1 94  THR n 
1 95  LEU n 
1 96  GLY n 
1 97  VAL n 
1 98  LEU n 
1 99  VAL n 
1 100 PRO n 
1 101 HIS n 
1 102 VAL n 
1 103 GLY n 
1 104 GLU n 
1 105 ILE n 
1 106 PRO n 
1 107 VAL n 
1 108 ALA n 
1 109 TYR n 
1 110 ARG n 
1 111 LYS n 
1 112 VAL n 
1 113 LEU n 
1 114 LEU n 
1 115 ARG n 
1 116 LYS n 
# 
_entity_src_gen.entity_id                          1 
_entity_src_gen.pdbx_src_id                        1 
_entity_src_gen.pdbx_alt_source_flag               sample 
_entity_src_gen.pdbx_seq_type                      'Biological sequence' 
_entity_src_gen.pdbx_beg_seq_num                   1 
_entity_src_gen.pdbx_end_seq_num                   116 
_entity_src_gen.gene_src_common_name               ? 
_entity_src_gen.gene_src_genus                     ? 
_entity_src_gen.pdbx_gene_src_gene                 'rep, 1a-1b' 
_entity_src_gen.gene_src_species                   ? 
_entity_src_gen.gene_src_strain                    ? 
_entity_src_gen.gene_src_tissue                    ? 
_entity_src_gen.gene_src_tissue_fraction           ? 
_entity_src_gen.gene_src_details                   ? 
_entity_src_gen.pdbx_gene_src_fragment             ? 
_entity_src_gen.pdbx_gene_src_scientific_name      'Severe acute respiratory syndrome coronavirus 2' 
_entity_src_gen.pdbx_gene_src_ncbi_taxonomy_id     2697049 
_entity_src_gen.pdbx_gene_src_variant              ? 
_entity_src_gen.pdbx_gene_src_cell_line            ? 
_entity_src_gen.pdbx_gene_src_atcc                 ? 
_entity_src_gen.pdbx_gene_src_organ                ? 
_entity_src_gen.pdbx_gene_src_organelle            ? 
_entity_src_gen.pdbx_gene_src_cell                 ? 
_entity_src_gen.pdbx_gene_src_cellular_location    ? 
_entity_src_gen.host_org_common_name               ? 
_entity_src_gen.pdbx_host_org_scientific_name      'Escherichia coli BL21(DE3)' 
_entity_src_gen.pdbx_host_org_ncbi_taxonomy_id     469008 
_entity_src_gen.host_org_genus                     ? 
_entity_src_gen.pdbx_host_org_gene                 ? 
_entity_src_gen.pdbx_host_org_organ                ? 
_entity_src_gen.host_org_species                   ? 
_entity_src_gen.pdbx_host_org_tissue               ? 
_entity_src_gen.pdbx_host_org_tissue_fraction      ? 
_entity_src_gen.pdbx_host_org_strain               ? 
_entity_src_gen.pdbx_host_org_variant              ? 
_entity_src_gen.pdbx_host_org_cell_line            ? 
_entity_src_gen.pdbx_host_org_atcc                 ? 
_entity_src_gen.pdbx_host_org_culture_collection   ? 
_entity_src_gen.pdbx_host_org_cell                 ? 
_entity_src_gen.pdbx_host_org_organelle            ? 
_entity_src_gen.pdbx_host_org_cellular_location    ? 
_entity_src_gen.pdbx_host_org_vector_type          plasmid 
_entity_src_gen.pdbx_host_org_vector               ? 
_entity_src_gen.host_org_details                   ? 
_entity_src_gen.expression_system_id               ? 
_entity_src_gen.plasmid_name                       pET15b 
_entity_src_gen.plasmid_details                    ? 
_entity_src_gen.pdbx_description                   ? 
# 
loop_
_chem_comp.id 
_chem_comp.type 
_chem_comp.mon_nstd_flag 
_chem_comp.name 
_chem_comp.pdbx_synonyms 
_chem_comp.formula 
_chem_comp.formula_weight 
A1CEI non-polymer         . '5-(4-bromophenyl)-1H-tetrazole' ? 'C7 H5 Br N4'    225.045 
ALA   'L-peptide linking' y ALANINE                          ? 'C3 H7 N O2'     89.093  
ARG   'L-peptide linking' y ARGININE                         ? 'C6 H15 N4 O2 1' 175.209 
ASP   'L-peptide linking' y 'ASPARTIC ACID'                  ? 'C4 H7 N O4'     133.103 
CYS   'L-peptide linking' y CYSTEINE                         ? 'C3 H7 N O2 S'   121.158 
GLN   'L-peptide linking' y GLUTAMINE                        ? 'C5 H10 N2 O3'   146.144 
GLU   'L-peptide linking' y 'GLUTAMIC ACID'                  ? 'C5 H9 N O4'     147.129 
GLY   'peptide linking'   y GLYCINE                          ? 'C2 H5 N O2'     75.067  
HIS   'L-peptide linking' y HISTIDINE                        ? 'C6 H10 N3 O2 1' 156.162 
HOH   non-polymer         . WATER                            ? 'H2 O'           18.015  
ILE   'L-peptide linking' y ISOLEUCINE                       ? 'C6 H13 N O2'    131.173 
LEU   'L-peptide linking' y LEUCINE                          ? 'C6 H13 N O2'    131.173 
LYS   'L-peptide linking' y LYSINE                           ? 'C6 H15 N2 O2 1' 147.195 
MET   'L-peptide linking' y METHIONINE                       ? 'C5 H11 N O2 S'  149.211 
PHE   'L-peptide linking' y PHENYLALANINE                    ? 'C9 H11 N O2'    165.189 
PRO   'L-peptide linking' y PROLINE                          ? 'C5 H9 N O2'     115.130 
SER   'L-peptide linking' y SERINE                           ? 'C3 H7 N O3'     105.093 
THR   'L-peptide linking' y THREONINE                        ? 'C4 H9 N O3'     119.119 
TYR   'L-peptide linking' y TYROSINE                         ? 'C9 H11 N O3'    181.189 
VAL   'L-peptide linking' y VALINE                           ? 'C5 H11 N O2'    117.146 
# 
loop_
_pdbx_poly_seq_scheme.asym_id 
_pdbx_poly_seq_scheme.entity_id 
_pdbx_poly_seq_scheme.seq_id 
_pdbx_poly_seq_scheme.mon_id 
_pdbx_poly_seq_scheme.ndb_seq_num 
_pdbx_poly_seq_scheme.pdb_seq_num 
_pdbx_poly_seq_scheme.auth_seq_num 
_pdbx_poly_seq_scheme.pdb_mon_id 
_pdbx_poly_seq_scheme.auth_mon_id 
_pdbx_poly_seq_scheme.pdb_strand_id 
_pdbx_poly_seq_scheme.pdb_ins_code 
_pdbx_poly_seq_scheme.hetero 
A 1 1   GLU 1   10  ?   ?   ?   A . n 
A 1 2   LYS 2   11  11  LYS LYS A . n 
A 1 3   THR 3   12  12  THR THR A . n 
A 1 4   HIS 4   13  13  HIS HIS A . n 
A 1 5   VAL 5   14  14  VAL VAL A . n 
A 1 6   GLN 6   15  15  GLN GLN A . n 
A 1 7   LEU 7   16  16  LEU LEU A . n 
A 1 8   SER 8   17  17  SER SER A . n 
A 1 9   LEU 9   18  18  LEU LEU A . n 
A 1 10  PRO 10  19  19  PRO PRO A . n 
A 1 11  VAL 11  20  20  VAL VAL A . n 
A 1 12  LEU 12  21  21  LEU LEU A . n 
A 1 13  GLN 13  22  22  GLN GLN A . n 
A 1 14  VAL 14  23  23  VAL VAL A . n 
A 1 15  ARG 15  24  24  ARG ARG A . n 
A 1 16  ASP 16  25  25  ASP ASP A . n 
A 1 17  VAL 17  26  26  VAL VAL A . n 
A 1 18  LEU 18  27  27  LEU LEU A . n 
A 1 19  VAL 19  28  28  VAL VAL A . n 
A 1 20  ARG 20  29  29  ARG ARG A . n 
A 1 21  GLY 21  30  30  GLY GLY A . n 
A 1 22  PHE 22  31  31  PHE PHE A . n 
A 1 23  GLY 23  32  32  GLY GLY A . n 
A 1 24  ASP 24  33  33  ASP ASP A . n 
A 1 25  SER 25  34  34  SER SER A . n 
A 1 26  VAL 26  35  35  VAL VAL A . n 
A 1 27  GLU 27  36  36  GLU GLU A . n 
A 1 28  GLU 28  37  37  GLU GLU A . n 
A 1 29  VAL 29  38  38  VAL VAL A . n 
A 1 30  LEU 30  39  39  LEU LEU A . n 
A 1 31  SER 31  40  40  SER SER A . n 
A 1 32  GLU 32  41  41  GLU GLU A . n 
A 1 33  ALA 33  42  42  ALA ALA A . n 
A 1 34  ARG 34  43  43  ARG ARG A . n 
A 1 35  GLN 35  44  44  GLN GLN A . n 
A 1 36  HIS 36  45  45  HIS HIS A . n 
A 1 37  LEU 37  46  46  LEU LEU A . n 
A 1 38  LYS 38  47  47  LYS LYS A . n 
A 1 39  ASP 39  48  48  ASP ASP A . n 
A 1 40  GLY 40  49  49  GLY GLY A . n 
A 1 41  THR 41  50  50  THR THR A . n 
A 1 42  CYS 42  51  51  CYS CYS A . n 
A 1 43  GLY 43  52  52  GLY GLY A . n 
A 1 44  LEU 44  53  53  LEU LEU A . n 
A 1 45  VAL 45  54  54  VAL VAL A . n 
A 1 46  GLU 46  55  55  GLU GLU A . n 
A 1 47  VAL 47  56  56  VAL VAL A . n 
A 1 48  GLU 48  57  57  GLU GLU A . n 
A 1 49  LYS 49  58  58  LYS LYS A . n 
A 1 50  GLY 50  59  59  GLY GLY A . n 
A 1 51  VAL 51  60  60  VAL VAL A . n 
A 1 52  LEU 52  61  61  LEU LEU A . n 
A 1 53  PRO 53  62  62  PRO PRO A . n 
A 1 54  GLN 54  63  63  GLN GLN A . n 
A 1 55  LEU 55  64  64  LEU LEU A . n 
A 1 56  GLU 56  65  65  GLU GLU A . n 
A 1 57  GLN 57  66  66  GLN GLN A . n 
A 1 58  PRO 58  67  67  PRO PRO A . n 
A 1 59  TYR 59  68  68  TYR TYR A . n 
A 1 60  VAL 60  69  69  VAL VAL A . n 
A 1 61  PHE 61  70  70  PHE PHE A . n 
A 1 62  ILE 62  71  71  ILE ILE A . n 
A 1 63  LYS 63  72  72  LYS LYS A . n 
A 1 64  ARG 64  73  73  ARG ARG A . n 
A 1 65  SER 65  74  74  SER SER A . n 
A 1 66  ASP 66  75  75  ASP ASP A . n 
A 1 67  ALA 67  76  76  ALA ALA A . n 
A 1 68  ARG 68  77  ?   ?   ?   A . n 
A 1 69  THR 69  78  ?   ?   ?   A . n 
A 1 70  ALA 70  79  79  ALA ALA A . n 
A 1 71  PRO 71  80  80  PRO PRO A . n 
A 1 72  HIS 72  81  81  HIS HIS A . n 
A 1 73  GLY 73  82  82  GLY GLY A . n 
A 1 74  HIS 74  83  83  HIS HIS A . n 
A 1 75  VAL 75  84  84  VAL VAL A . n 
A 1 76  MET 76  85  85  MET MET A . n 
A 1 77  VAL 77  86  86  VAL VAL A . n 
A 1 78  GLU 78  87  87  GLU GLU A . n 
A 1 79  LEU 79  88  88  LEU LEU A . n 
A 1 80  VAL 80  89  89  VAL VAL A . n 
A 1 81  ALA 81  90  90  ALA ALA A . n 
A 1 82  GLU 82  91  91  GLU GLU A . n 
A 1 83  LEU 83  92  92  LEU LEU A . n 
A 1 84  GLU 84  93  93  GLU GLU A . n 
A 1 85  GLY 85  94  94  GLY GLY A . n 
A 1 86  ILE 86  95  95  ILE ILE A . n 
A 1 87  GLN 87  96  96  GLN GLN A . n 
A 1 88  TYR 88  97  97  TYR TYR A . n 
A 1 89  GLY 89  98  98  GLY GLY A . n 
A 1 90  ARG 90  99  99  ARG ARG A . n 
A 1 91  SER 91  100 100 SER SER A . n 
A 1 92  GLY 92  101 101 GLY GLY A . n 
A 1 93  GLU 93  102 102 GLU GLU A . n 
A 1 94  THR 94  103 103 THR THR A . n 
A 1 95  LEU 95  104 104 LEU LEU A . n 
A 1 96  GLY 96  105 105 GLY GLY A . n 
A 1 97  VAL 97  106 106 VAL VAL A . n 
A 1 98  LEU 98  107 107 LEU LEU A . n 
A 1 99  VAL 99  108 108 VAL VAL A . n 
A 1 100 PRO 100 109 109 PRO PRO A . n 
A 1 101 HIS 101 110 110 HIS HIS A . n 
A 1 102 VAL 102 111 111 VAL VAL A . n 
A 1 103 GLY 103 112 112 GLY GLY A . n 
A 1 104 GLU 104 113 113 GLU GLU A . n 
A 1 105 ILE 105 114 114 ILE ILE A . n 
A 1 106 PRO 106 115 115 PRO PRO A . n 
A 1 107 VAL 107 116 116 VAL VAL A . n 
A 1 108 ALA 108 117 117 ALA ALA A . n 
A 1 109 TYR 109 118 118 TYR TYR A . n 
A 1 110 ARG 110 119 119 ARG ARG A . n 
A 1 111 LYS 111 120 120 LYS LYS A . n 
A 1 112 VAL 112 121 121 VAL VAL A . n 
A 1 113 LEU 113 122 122 LEU LEU A . n 
A 1 114 LEU 114 123 123 LEU LEU A . n 
A 1 115 ARG 115 124 124 ARG ARG A . n 
A 1 116 LYS 116 125 125 LYS LYS A . n 
# 
_pdbx_entity_instance_feature.ordinal        1 
_pdbx_entity_instance_feature.comp_id        A1CEI 
_pdbx_entity_instance_feature.asym_id        ? 
_pdbx_entity_instance_feature.seq_num        ? 
_pdbx_entity_instance_feature.auth_comp_id   A1CEI 
_pdbx_entity_instance_feature.auth_asym_id   ? 
_pdbx_entity_instance_feature.auth_seq_num   ? 
_pdbx_entity_instance_feature.feature_type   'SUBJECT OF INVESTIGATION' 
_pdbx_entity_instance_feature.details        ? 
# 
loop_
_pdbx_nonpoly_scheme.asym_id 
_pdbx_nonpoly_scheme.entity_id 
_pdbx_nonpoly_scheme.mon_id 
_pdbx_nonpoly_scheme.ndb_seq_num 
_pdbx_nonpoly_scheme.pdb_seq_num 
_pdbx_nonpoly_scheme.auth_seq_num 
_pdbx_nonpoly_scheme.pdb_mon_id 
_pdbx_nonpoly_scheme.auth_mon_id 
_pdbx_nonpoly_scheme.pdb_strand_id 
_pdbx_nonpoly_scheme.pdb_ins_code 
B 2 A1CEI 1  201 210 A1CEI LIG A . 
C 3 HOH   1  301 42  HOH   HOH A . 
C 3 HOH   2  302 68  HOH   HOH A . 
C 3 HOH   3  303 40  HOH   HOH A . 
C 3 HOH   4  304 35  HOH   HOH A . 
C 3 HOH   5  305 56  HOH   HOH A . 
C 3 HOH   6  306 28  HOH   HOH A . 
C 3 HOH   7  307 43  HOH   HOH A . 
C 3 HOH   8  308 44  HOH   HOH A . 
C 3 HOH   9  309 64  HOH   HOH A . 
C 3 HOH   10 310 46  HOH   HOH A . 
C 3 HOH   11 311 66  HOH   HOH A . 
C 3 HOH   12 312 80  HOH   HOH A . 
C 3 HOH   13 313 19  HOH   HOH A . 
C 3 HOH   14 314 72  HOH   HOH A . 
C 3 HOH   15 315 77  HOH   HOH A . 
C 3 HOH   16 316 25  HOH   HOH A . 
C 3 HOH   17 317 30  HOH   HOH A . 
C 3 HOH   18 318 37  HOH   HOH A . 
C 3 HOH   19 319 6   HOH   HOH A . 
C 3 HOH   20 320 76  HOH   HOH A . 
C 3 HOH   21 321 69  HOH   HOH A . 
C 3 HOH   22 322 3   HOH   HOH A . 
C 3 HOH   23 323 4   HOH   HOH A . 
C 3 HOH   24 324 78  HOH   HOH A . 
C 3 HOH   25 325 22  HOH   HOH A . 
C 3 HOH   26 326 15  HOH   HOH A . 
C 3 HOH   27 327 36  HOH   HOH A . 
C 3 HOH   28 328 55  HOH   HOH A . 
C 3 HOH   29 329 9   HOH   HOH A . 
C 3 HOH   30 330 12  HOH   HOH A . 
C 3 HOH   31 331 26  HOH   HOH A . 
C 3 HOH   32 332 7   HOH   HOH A . 
C 3 HOH   33 333 10  HOH   HOH A . 
C 3 HOH   34 334 48  HOH   HOH A . 
C 3 HOH   35 335 57  HOH   HOH A . 
C 3 HOH   36 336 14  HOH   HOH A . 
C 3 HOH   37 337 39  HOH   HOH A . 
C 3 HOH   38 338 13  HOH   HOH A . 
C 3 HOH   39 339 23  HOH   HOH A . 
C 3 HOH   40 340 1   HOH   HOH A . 
C 3 HOH   41 341 24  HOH   HOH A . 
C 3 HOH   42 342 50  HOH   HOH A . 
C 3 HOH   43 343 2   HOH   HOH A . 
C 3 HOH   44 344 58  HOH   HOH A . 
C 3 HOH   45 345 16  HOH   HOH A . 
C 3 HOH   46 346 8   HOH   HOH A . 
C 3 HOH   47 347 73  HOH   HOH A . 
C 3 HOH   48 348 18  HOH   HOH A . 
C 3 HOH   49 349 21  HOH   HOH A . 
C 3 HOH   50 350 74  HOH   HOH A . 
C 3 HOH   51 351 27  HOH   HOH A . 
C 3 HOH   52 352 33  HOH   HOH A . 
C 3 HOH   53 353 51  HOH   HOH A . 
C 3 HOH   54 354 29  HOH   HOH A . 
C 3 HOH   55 355 17  HOH   HOH A . 
C 3 HOH   56 356 60  HOH   HOH A . 
C 3 HOH   57 357 20  HOH   HOH A . 
C 3 HOH   58 358 52  HOH   HOH A . 
C 3 HOH   59 359 71  HOH   HOH A . 
C 3 HOH   60 360 47  HOH   HOH A . 
C 3 HOH   61 361 34  HOH   HOH A . 
C 3 HOH   62 362 38  HOH   HOH A . 
C 3 HOH   63 363 32  HOH   HOH A . 
C 3 HOH   64 364 11  HOH   HOH A . 
C 3 HOH   65 365 81  HOH   HOH A . 
C 3 HOH   66 366 5   HOH   HOH A . 
C 3 HOH   67 367 45  HOH   HOH A . 
C 3 HOH   68 368 65  HOH   HOH A . 
C 3 HOH   69 369 49  HOH   HOH A . 
C 3 HOH   70 370 31  HOH   HOH A . 
C 3 HOH   71 371 63  HOH   HOH A . 
C 3 HOH   72 372 62  HOH   HOH A . 
C 3 HOH   73 373 67  HOH   HOH A . 
C 3 HOH   74 374 70  HOH   HOH A . 
C 3 HOH   75 375 61  HOH   HOH A . 
C 3 HOH   76 376 41  HOH   HOH A . 
C 3 HOH   77 377 53  HOH   HOH A . 
C 3 HOH   78 378 79  HOH   HOH A . 
C 3 HOH   79 379 59  HOH   HOH A . 
C 3 HOH   80 380 54  HOH   HOH A . 
C 3 HOH   81 381 75  HOH   HOH A . 
# 
loop_
_software.classification 
_software.name 
_software.version 
_software.citation_id 
_software.pdbx_ordinal 
_software.date 
_software.type 
_software.location 
_software.language 
refinement       REFMAC 5.8.0267 ? 1 ? ? ? ? 
phasing          PHASER .        ? 2 ? ? ? ? 
'data scaling'   XDS    .        ? 3 ? ? ? ? 
'data reduction' XDS    .        ? 4 ? ? ? ? 
# 
_cell.entry_id           7IB8 
_cell.length_a           36.730 
_cell.length_b           36.730 
_cell.length_c           141.770 
_cell.angle_alpha        90.00 
_cell.angle_beta         90.00 
_cell.angle_gamma        90.00 
_cell.Z_PDB              8 
_cell.pdbx_unique_axis   ? 
# 
_symmetry.entry_id                         7IB8 
_symmetry.space_group_name_H-M             'P 43 21 2' 
_symmetry.pdbx_full_space_group_name_H-M   ? 
_symmetry.cell_setting                     ? 
_symmetry.Int_Tables_number                96 
# 
_exptl.entry_id          7IB8 
_exptl.method            'X-RAY DIFFRACTION' 
_exptl.crystals_number   1 
# 
_exptl_crystal.id                    1 
_exptl_crystal.density_Matthews      1.86 
_exptl_crystal.density_percent_sol   33.96 
_exptl_crystal.density_meas          ? 
_exptl_crystal.description           ? 
_exptl_crystal.preparation           ? 
# 
_exptl_crystal_grow.crystal_id      1 
_exptl_crystal_grow.method          'VAPOR DIFFUSION, SITTING DROP' 
_exptl_crystal_grow.pdbx_details    '0.1 M HEPES pH 7.5 and 25% (w/v) PEG 3350. Reproducibility was improved by seeding.' 
_exptl_crystal_grow.temp            293 
_exptl_crystal_grow.pH              7.5 
_exptl_crystal_grow.temp_details    ? 
_exptl_crystal_grow.pdbx_pH_range   ? 
# 
_diffrn.id                               1 
_diffrn.ambient_temp                     100 
_diffrn.crystal_id                       1 
_diffrn.ambient_temp_details             ? 
_diffrn.pdbx_serial_crystal_experiment   ? 
# 
_diffrn_detector.diffrn_id              1 
_diffrn_detector.detector               PIXEL 
_diffrn_detector.pdbx_collection_date   2023-05-02 
_diffrn_detector.type                   'DECTRIS PILATUS3 6M' 
_diffrn_detector.id                     1 
_diffrn_detector.details                ? 
# 
_diffrn_radiation.diffrn_id                        1 
_diffrn_radiation.pdbx_diffrn_protocol             'SINGLE WAVELENGTH' 
_diffrn_radiation.pdbx_monochromatic_or_laue_m_l   M 
_diffrn_radiation.pdbx_scattering_type             x-ray 
_diffrn_radiation.wavelength_id                    1 
_diffrn_radiation.monochromator                    ? 
# 
_diffrn_radiation_wavelength.id           1 
_diffrn_radiation_wavelength.wavelength   0.9184 
_diffrn_radiation_wavelength.wt           1.0 
# 
_diffrn_source.diffrn_id                   1 
_diffrn_source.pdbx_wavelength_list        0.9184 
_diffrn_source.source                      SYNCHROTRON 
_diffrn_source.type                        'BESSY BEAMLINE 14.1' 
_diffrn_source.pdbx_synchrotron_site       BESSY 
_diffrn_source.pdbx_synchrotron_beamline   14.1 
_diffrn_source.pdbx_wavelength             ? 
# 
_reflns.entry_id                     7IB8 
_reflns.pdbx_diffrn_id               1 
_reflns.pdbx_ordinal                 1 
_reflns.d_resolution_low             35.56 
_reflns.d_resolution_high            1.57 
_reflns.number_obs                   14427 
_reflns.percent_possible_obs         100.0 
_reflns.pdbx_Rmerge_I_obs            0.062 
_reflns.pdbx_netI_over_sigmaI        20.04 
_reflns.pdbx_Rrim_I_all              0.065 
_reflns.pdbx_CC_half                 1.0 
_reflns.pdbx_number_measured_all     177249 
_reflns.observed_criterion_sigma_I   ? 
_reflns.observed_criterion_sigma_F   ? 
_reflns.number_all                   ? 
_reflns.pdbx_Rsym_value              ? 
_reflns.B_iso_Wilson_estimate        ? 
_reflns.pdbx_redundancy              ? 
_reflns.pdbx_CC_star                 ? 
_reflns.pdbx_Rpim_I_all              ? 
# 
loop_
_reflns_shell.pdbx_diffrn_id 
_reflns_shell.pdbx_ordinal 
_reflns_shell.d_res_high 
_reflns_shell.d_res_low 
_reflns_shell.number_measured_obs 
_reflns_shell.number_unique_obs 
_reflns_shell.Rmerge_I_obs 
_reflns_shell.percent_possible_obs 
_reflns_shell.pdbx_netI_over_sigmaI_obs 
_reflns_shell.pdbx_Rrim_I_all 
_reflns_shell.pdbx_CC_half 
_reflns_shell.percent_possible_all 
_reflns_shell.pdbx_Rsym_value 
_reflns_shell.meanI_over_sigI_obs 
_reflns_shell.pdbx_redundancy 
_reflns_shell.number_unique_all 
_reflns_shell.pdbx_CC_star 
_reflns_shell.pdbx_Rpim_I_all 
1 1 1.57 1.67 28467 2269 1.6230000000000002 100.0 1.51  1.692 0.601              ? ? ? ? ? ? ? 
1 2 1.67 1.78 26521 2127 0.853              100.0 2.99  0.889 0.87               ? ? ? ? ? ? ? 
1 3 1.78 1.92 25629 2003 0.449              100.0 5.80  0.467 0.9570000000000001 ? ? ? ? ? ? ? 
1 4 1.92 2.1  22333 1842 0.215              100.0 11.43 0.225 0.9890000000000001 ? ? ? ? ? ? ? 
1 5 2.10 2.35 21591 1684 0.126              100.0 19.81 0.132 0.996              ? ? ? ? ? ? ? 
1 6 2.35 2.71 18126 1508 0.081              100.0 28.92 0.084 0.998              ? ? ? ? ? ? ? 
1 7 2.71 3.32 16292 1308 0.047              100.0 46.44 0.049 0.9990000000000001 ? ? ? ? ? ? ? 
1 8 3.32 4.67 11647 1037 0.032              100.0 64.39 0.034 1.0                ? ? ? ? ? ? ? 
1 9 4.67 ?    6643  649  0.03               99.7  64.88 0.031 0.9990000000000001 ? ? ? ? ? ? ? 
# 
_refine.pdbx_refine_id                           'X-RAY DIFFRACTION' 
_refine.entry_id                                 7IB8 
_refine.pdbx_diffrn_id                           1 
_refine.pdbx_TLS_residual_ADP_flag               ? 
_refine.ls_number_reflns_obs                     13705 
_refine.ls_number_reflns_all                     ? 
_refine.pdbx_ls_sigma_I                          ? 
_refine.pdbx_ls_sigma_F                          ? 
_refine.pdbx_data_cutoff_high_absF               ? 
_refine.pdbx_data_cutoff_low_absF                ? 
_refine.pdbx_data_cutoff_high_rms_absF           ? 
_refine.ls_d_res_low                             35.56 
_refine.ls_d_res_high                            1.57 
_refine.ls_percent_reflns_obs                    99.99 
_refine.ls_R_factor_obs                          0.19706 
_refine.ls_R_factor_all                          ? 
_refine.ls_R_factor_R_work                       0.19530 
_refine.ls_R_factor_R_free                       0.23069 
_refine.ls_R_factor_R_free_error                 ? 
_refine.ls_R_factor_R_free_error_details         ? 
_refine.ls_percent_reflns_R_free                 5.0 
_refine.ls_number_reflns_R_free                  722 
_refine.ls_number_parameters                     ? 
_refine.ls_number_restraints                     ? 
_refine.occupancy_min                            ? 
_refine.occupancy_max                            ? 
_refine.correlation_coeff_Fo_to_Fc               0.965 
_refine.correlation_coeff_Fo_to_Fc_free          0.958 
_refine.B_iso_mean                               30.312 
_refine.aniso_B[1][1]                            0.04 
_refine.aniso_B[2][2]                            0.04 
_refine.aniso_B[3][3]                            -0.08 
_refine.aniso_B[1][2]                            -0.00 
_refine.aniso_B[1][3]                            -0.00 
_refine.aniso_B[2][3]                            -0.00 
_refine.solvent_model_details                    MASK 
_refine.solvent_model_param_ksol                 ? 
_refine.solvent_model_param_bsol                 ? 
_refine.pdbx_solvent_vdw_probe_radii             1.20 
_refine.pdbx_solvent_ion_probe_radii             0.80 
_refine.pdbx_solvent_shrinkage_radii             0.80 
_refine.pdbx_ls_cross_valid_method               THROUGHOUT 
_refine.details                                  'HYDROGENS HAVE BEEN ADDED IN THE RIDING POSITIONS' 
_refine.pdbx_starting_model                      ? 
_refine.pdbx_method_to_determine_struct          'MOLECULAR REPLACEMENT' 
_refine.pdbx_isotropic_thermal_model             ? 
_refine.pdbx_stereochemistry_target_values       'MAXIMUM LIKELIHOOD' 
_refine.pdbx_stereochem_target_val_spec_case     ? 
_refine.pdbx_R_Free_selection_details            RANDOM 
_refine.pdbx_overall_ESU_R                       0.129 
_refine.pdbx_overall_ESU_R_Free                  0.117 
_refine.overall_SU_ML                            0.090 
_refine.pdbx_overall_phase_error                 ? 
_refine.overall_SU_B                             2.612 
_refine.overall_SU_R_Cruickshank_DPI             ? 
_refine.pdbx_overall_SU_R_free_Cruickshank_DPI   ? 
_refine.pdbx_overall_SU_R_Blow_DPI               ? 
_refine.pdbx_overall_SU_R_free_Blow_DPI          ? 
# 
_refine_hist.pdbx_refine_id                   'X-RAY DIFFRACTION' 
_refine_hist.cycle_id                         1 
_refine_hist.pdbx_number_atoms_protein        873 
_refine_hist.pdbx_number_atoms_nucleic_acid   0 
_refine_hist.pdbx_number_atoms_ligand         21 
_refine_hist.number_atoms_solvent             81 
_refine_hist.number_atoms_total               975 
_refine_hist.d_res_high                       1.57 
_refine_hist.d_res_low                        35.56 
# 
loop_
_refine_ls_restr.type 
_refine_ls_restr.dev_ideal 
_refine_ls_restr.dev_ideal_target 
_refine_ls_restr.weight 
_refine_ls_restr.number 
_refine_ls_restr.pdbx_refine_id 
_refine_ls_restr.pdbx_restraint_function 
r_bond_refined_d             0.009  0.014  ? 1631 'X-RAY DIFFRACTION' ? 
r_bond_other_d               0.001  0.017  ? 1364 'X-RAY DIFFRACTION' ? 
r_angle_refined_deg          1.533  1.642  ? 1855 'X-RAY DIFFRACTION' ? 
r_angle_other_deg            1.316  1.588  ? 3149 'X-RAY DIFFRACTION' ? 
r_dihedral_angle_1_deg       7.430  5.000  ? 184  'X-RAY DIFFRACTION' ? 
r_dihedral_angle_2_deg       31.990 21.167 ? 60   'X-RAY DIFFRACTION' ? 
r_dihedral_angle_3_deg       13.241 15.000 ? 248  'X-RAY DIFFRACTION' ? 
r_dihedral_angle_4_deg       18.449 15.000 ? 10   'X-RAY DIFFRACTION' ? 
r_chiral_restr               0.079  0.200  ? 162  'X-RAY DIFFRACTION' ? 
r_gen_planes_refined         0.008  0.020  ? 1590 'X-RAY DIFFRACTION' ? 
r_gen_planes_other           0.002  0.020  ? 300  'X-RAY DIFFRACTION' ? 
r_nbd_refined                ?      ?      ? ?    'X-RAY DIFFRACTION' ? 
r_nbd_other                  ?      ?      ? ?    'X-RAY DIFFRACTION' ? 
r_nbtor_refined              ?      ?      ? ?    'X-RAY DIFFRACTION' ? 
r_nbtor_other                ?      ?      ? ?    'X-RAY DIFFRACTION' ? 
r_xyhbond_nbd_refined        ?      ?      ? ?    'X-RAY DIFFRACTION' ? 
r_xyhbond_nbd_other          ?      ?      ? ?    'X-RAY DIFFRACTION' ? 
r_metal_ion_refined          ?      ?      ? ?    'X-RAY DIFFRACTION' ? 
r_metal_ion_other            ?      ?      ? ?    'X-RAY DIFFRACTION' ? 
r_symmetry_vdw_refined       ?      ?      ? ?    'X-RAY DIFFRACTION' ? 
r_symmetry_vdw_other         ?      ?      ? ?    'X-RAY DIFFRACTION' ? 
r_symmetry_hbond_refined     ?      ?      ? ?    'X-RAY DIFFRACTION' ? 
r_symmetry_hbond_other       ?      ?      ? ?    'X-RAY DIFFRACTION' ? 
r_symmetry_metal_ion_refined ?      ?      ? ?    'X-RAY DIFFRACTION' ? 
r_symmetry_metal_ion_other   ?      ?      ? ?    'X-RAY DIFFRACTION' ? 
r_mcbond_it                  2.007  2.843  ? 816  'X-RAY DIFFRACTION' ? 
r_mcbond_other               2.006  2.835  ? 812  'X-RAY DIFFRACTION' ? 
r_mcangle_it                 3.173  4.193  ? 880  'X-RAY DIFFRACTION' ? 
r_mcangle_other              3.172  4.195  ? 881  'X-RAY DIFFRACTION' ? 
r_scbond_it                  3.073  3.353  ? 815  'X-RAY DIFFRACTION' ? 
r_scbond_other               3.071  3.353  ? 816  'X-RAY DIFFRACTION' ? 
r_scangle_it                 ?      ?      ? ?    'X-RAY DIFFRACTION' ? 
r_scangle_other              5.230  4.826  ? 976  'X-RAY DIFFRACTION' ? 
r_long_range_B_refined       6.736  33.989 ? 1396 'X-RAY DIFFRACTION' ? 
r_long_range_B_other         6.739  34.038 ? 1395 'X-RAY DIFFRACTION' ? 
r_rigid_bond_restr           ?      ?      ? ?    'X-RAY DIFFRACTION' ? 
r_sphericity_free            ?      ?      ? ?    'X-RAY DIFFRACTION' ? 
r_sphericity_bonded          ?      ?      ? ?    'X-RAY DIFFRACTION' ? 
# 
_refine_ls_shell.pdbx_refine_id                   'X-RAY DIFFRACTION' 
_refine_ls_shell.pdbx_total_number_of_bins_used   20 
_refine_ls_shell.d_res_high                       1.570 
_refine_ls_shell.d_res_low                        1.611 
_refine_ls_shell.number_reflns_R_work             993 
_refine_ls_shell.R_factor_R_work                  0.309 
_refine_ls_shell.percent_reflns_obs               100.00 
_refine_ls_shell.R_factor_R_free                  0.330 
_refine_ls_shell.R_factor_R_free_error            ? 
_refine_ls_shell.percent_reflns_R_free            ? 
_refine_ls_shell.number_reflns_R_free             53 
_refine_ls_shell.number_reflns_all                ? 
_refine_ls_shell.R_factor_all                     ? 
_refine_ls_shell.R_factor_obs                     ? 
_refine_ls_shell.number_reflns_obs                ? 
# 
_struct.entry_id                  7IB8 
_struct.title                     
'PanDDA analysis group deposition -- SARS-CoV-2 Nsp1 in complex with fragment X10590 (well A03) from the KIT library' 
_struct.pdbx_CASP_flag            N 
_struct.pdbx_model_details        ? 
_struct.pdbx_model_type_details   ? 
# 
_struct_keywords.entry_id        7IB8 
_struct_keywords.pdbx_keywords   'VIRAL PROTEIN' 
_struct_keywords.text            'SARS-CoV-2, fragment screen, Nsp1, KIT library, VIRAL PROTEIN' 
# 
loop_
_struct_asym.id 
_struct_asym.pdbx_blank_PDB_chainid_flag 
_struct_asym.pdbx_modified 
_struct_asym.entity_id 
_struct_asym.details 
A N N 1 ? 
B N N 2 ? 
C N N 3 ? 
# 
_struct_ref.id                         1 
_struct_ref.db_name                    UNP 
_struct_ref.db_code                    R1AB_SARS2 
_struct_ref.pdbx_db_accession          P0DTD1 
_struct_ref.pdbx_db_isoform            ? 
_struct_ref.entity_id                  1 
_struct_ref.pdbx_seq_one_letter_code   
;EKTHVQLSLPVLQVRDVLVRGFGDSVEEVLSEARQHLKDGTCGLVEVEKGVLPQLEQPYVFIKRSDARTAPHGHVMVELV
AELEGIQYGRSGETLGVLVPHVGEIPVAYRKVLLRK
;
_struct_ref.pdbx_align_begin           10 
# 
_struct_ref_seq.align_id                      1 
_struct_ref_seq.ref_id                        1 
_struct_ref_seq.pdbx_PDB_id_code              7IB8 
_struct_ref_seq.pdbx_strand_id                A 
_struct_ref_seq.seq_align_beg                 1 
_struct_ref_seq.pdbx_seq_align_beg_ins_code   ? 
_struct_ref_seq.seq_align_end                 116 
_struct_ref_seq.pdbx_seq_align_end_ins_code   ? 
_struct_ref_seq.pdbx_db_accession             P0DTD1 
_struct_ref_seq.db_align_beg                  10 
_struct_ref_seq.pdbx_db_align_beg_ins_code    ? 
_struct_ref_seq.db_align_end                  125 
_struct_ref_seq.pdbx_db_align_end_ins_code    ? 
_struct_ref_seq.pdbx_auth_seq_align_beg       10 
_struct_ref_seq.pdbx_auth_seq_align_end       125 
# 
_pdbx_struct_assembly.id                   1 
_pdbx_struct_assembly.details              author_and_software_defined_assembly 
_pdbx_struct_assembly.method_details       PISA 
_pdbx_struct_assembly.oligomeric_details   monomeric 
_pdbx_struct_assembly.oligomeric_count     1 
# 
loop_
_pdbx_struct_assembly_prop.biol_id 
_pdbx_struct_assembly_prop.type 
_pdbx_struct_assembly_prop.value 
_pdbx_struct_assembly_prop.details 
1 'ABSA (A^2)' 370  ? 
1 MORE         -1   ? 
1 'SSA (A^2)'  6380 ? 
# 
_pdbx_struct_assembly_gen.assembly_id       1 
_pdbx_struct_assembly_gen.oper_expression   1 
_pdbx_struct_assembly_gen.asym_id_list      A,B,C 
# 
_pdbx_struct_oper_list.id                   1 
_pdbx_struct_oper_list.type                 'identity operation' 
_pdbx_struct_oper_list.name                 1_555 
_pdbx_struct_oper_list.symmetry_operation   x,y,z 
_pdbx_struct_oper_list.matrix[1][1]         1.0000000000 
_pdbx_struct_oper_list.matrix[1][2]         0.0000000000 
_pdbx_struct_oper_list.matrix[1][3]         0.0000000000 
_pdbx_struct_oper_list.vector[1]            0.0000000000 
_pdbx_struct_oper_list.matrix[2][1]         0.0000000000 
_pdbx_struct_oper_list.matrix[2][2]         1.0000000000 
_pdbx_struct_oper_list.matrix[2][3]         0.0000000000 
_pdbx_struct_oper_list.vector[2]            0.0000000000 
_pdbx_struct_oper_list.matrix[3][1]         0.0000000000 
_pdbx_struct_oper_list.matrix[3][2]         0.0000000000 
_pdbx_struct_oper_list.matrix[3][3]         1.0000000000 
_pdbx_struct_oper_list.vector[3]            0.0000000000 
# 
loop_
_struct_conf.conf_type_id 
_struct_conf.id 
_struct_conf.pdbx_PDB_helix_id 
_struct_conf.beg_label_comp_id 
_struct_conf.beg_label_asym_id 
_struct_conf.beg_label_seq_id 
_struct_conf.pdbx_beg_PDB_ins_code 
_struct_conf.end_label_comp_id 
_struct_conf.end_label_asym_id 
_struct_conf.end_label_seq_id 
_struct_conf.pdbx_end_PDB_ins_code 
_struct_conf.beg_auth_comp_id 
_struct_conf.beg_auth_asym_id 
_struct_conf.beg_auth_seq_id 
_struct_conf.end_auth_comp_id 
_struct_conf.end_auth_asym_id 
_struct_conf.end_auth_seq_id 
_struct_conf.pdbx_PDB_helix_class 
_struct_conf.details 
_struct_conf.pdbx_PDB_helix_length 
HELX_P HELX_P1 AA1 GLN A 13 ? VAL A 17 ? GLN A 22 VAL A 26 5 ? 5  
HELX_P HELX_P2 AA2 SER A 25 ? GLY A 40 ? SER A 34 GLY A 49 1 ? 16 
HELX_P HELX_P3 AA3 VAL A 51 ? LEU A 55 ? VAL A 60 LEU A 64 5 ? 5  
HELX_P HELX_P4 AA4 ALA A 70 ? HIS A 74 ? ALA A 79 HIS A 83 5 ? 5  
# 
_struct_conf_type.id          HELX_P 
_struct_conf_type.criteria    ? 
_struct_conf_type.reference   ? 
# 
_struct_mon_prot_cis.pdbx_id                1 
_struct_mon_prot_cis.label_comp_id          GLN 
_struct_mon_prot_cis.label_seq_id           57 
_struct_mon_prot_cis.label_asym_id          A 
_struct_mon_prot_cis.label_alt_id           . 
_struct_mon_prot_cis.pdbx_PDB_ins_code      ? 
_struct_mon_prot_cis.auth_comp_id           GLN 
_struct_mon_prot_cis.auth_seq_id            66 
_struct_mon_prot_cis.auth_asym_id           A 
_struct_mon_prot_cis.pdbx_label_comp_id_2   PRO 
_struct_mon_prot_cis.pdbx_label_seq_id_2    58 
_struct_mon_prot_cis.pdbx_label_asym_id_2   A 
_struct_mon_prot_cis.pdbx_PDB_ins_code_2    ? 
_struct_mon_prot_cis.pdbx_auth_comp_id_2    PRO 
_struct_mon_prot_cis.pdbx_auth_seq_id_2     67 
_struct_mon_prot_cis.pdbx_auth_asym_id_2    A 
_struct_mon_prot_cis.pdbx_PDB_model_num     1 
_struct_mon_prot_cis.pdbx_omega_angle       -5.16 
# 
_struct_sheet.id               AA1 
_struct_sheet.type             ? 
_struct_sheet.number_strands   8 
_struct_sheet.details          ? 
# 
loop_
_struct_sheet_order.sheet_id 
_struct_sheet_order.range_id_1 
_struct_sheet_order.range_id_2 
_struct_sheet_order.offset 
_struct_sheet_order.sense 
AA1 1 2 ? anti-parallel 
AA1 2 3 ? parallel      
AA1 3 4 ? anti-parallel 
AA1 4 5 ? parallel      
AA1 5 6 ? anti-parallel 
AA1 6 7 ? anti-parallel 
AA1 7 8 ? anti-parallel 
# 
loop_
_struct_sheet_range.sheet_id 
_struct_sheet_range.id 
_struct_sheet_range.beg_label_comp_id 
_struct_sheet_range.beg_label_asym_id 
_struct_sheet_range.beg_label_seq_id 
_struct_sheet_range.pdbx_beg_PDB_ins_code 
_struct_sheet_range.end_label_comp_id 
_struct_sheet_range.end_label_asym_id 
_struct_sheet_range.end_label_seq_id 
_struct_sheet_range.pdbx_end_PDB_ins_code 
_struct_sheet_range.beg_auth_comp_id 
_struct_sheet_range.beg_auth_asym_id 
_struct_sheet_range.beg_auth_seq_id 
_struct_sheet_range.end_auth_comp_id 
_struct_sheet_range.end_auth_asym_id 
_struct_sheet_range.end_auth_seq_id 
AA1 1 ILE A 86  ? TYR A 88  ? ILE A 95  TYR A 97  
AA1 2 VAL A 75  ? LEU A 83  ? VAL A 84  LEU A 92  
AA1 3 ALA A 108 ? ARG A 115 ? ALA A 117 ARG A 124 
AA1 4 HIS A 4   ? VAL A 11  ? HIS A 13  VAL A 20  
AA1 5 CYS A 42  ? VAL A 45  ? CYS A 51  VAL A 54  
AA1 6 THR A 94  ? PRO A 100 ? THR A 103 PRO A 109 
AA1 7 TYR A 59  ? ARG A 64  ? TYR A 68  ARG A 73  
AA1 8 VAL A 75  ? LEU A 83  ? VAL A 84  LEU A 92  
# 
loop_
_pdbx_struct_sheet_hbond.sheet_id 
_pdbx_struct_sheet_hbond.range_id_1 
_pdbx_struct_sheet_hbond.range_id_2 
_pdbx_struct_sheet_hbond.range_1_label_atom_id 
_pdbx_struct_sheet_hbond.range_1_label_comp_id 
_pdbx_struct_sheet_hbond.range_1_label_asym_id 
_pdbx_struct_sheet_hbond.range_1_label_seq_id 
_pdbx_struct_sheet_hbond.range_1_PDB_ins_code 
_pdbx_struct_sheet_hbond.range_1_auth_atom_id 
_pdbx_struct_sheet_hbond.range_1_auth_comp_id 
_pdbx_struct_sheet_hbond.range_1_auth_asym_id 
_pdbx_struct_sheet_hbond.range_1_auth_seq_id 
_pdbx_struct_sheet_hbond.range_2_label_atom_id 
_pdbx_struct_sheet_hbond.range_2_label_comp_id 
_pdbx_struct_sheet_hbond.range_2_label_asym_id 
_pdbx_struct_sheet_hbond.range_2_label_seq_id 
_pdbx_struct_sheet_hbond.range_2_PDB_ins_code 
_pdbx_struct_sheet_hbond.range_2_auth_atom_id 
_pdbx_struct_sheet_hbond.range_2_auth_comp_id 
_pdbx_struct_sheet_hbond.range_2_auth_asym_id 
_pdbx_struct_sheet_hbond.range_2_auth_seq_id 
AA1 1 2 O ILE A 86  ? O ILE A 95  N LEU A 83  ? N LEU A 92  
AA1 2 3 N VAL A 75  ? N VAL A 84  O LEU A 113 ? O LEU A 122 
AA1 3 4 O ALA A 108 ? O ALA A 117 N VAL A 11  ? N VAL A 20  
AA1 4 5 N PRO A 10  ? N PRO A 19  O LEU A 44  ? O LEU A 53  
AA1 5 6 N GLY A 43  ? N GLY A 52  O VAL A 99  ? O VAL A 108 
AA1 6 7 O LEU A 95  ? O LEU A 104 N ILE A 62  ? N ILE A 71  
AA1 7 8 N PHE A 61  ? N PHE A 70  O VAL A 80  ? O VAL A 89  
# 
_pdbx_entry_details.entry_id                   7IB8 
_pdbx_entry_details.has_ligand_of_interest     Y 
_pdbx_entry_details.compound_details           ? 
_pdbx_entry_details.source_details             ? 
_pdbx_entry_details.nonpolymer_details         ? 
_pdbx_entry_details.sequence_details           ? 
_pdbx_entry_details.has_protein_modification   N 
# 
_pdbx_validate_close_contact.id               1 
_pdbx_validate_close_contact.PDB_model_num    1 
_pdbx_validate_close_contact.auth_atom_id_1   O 
_pdbx_validate_close_contact.auth_asym_id_1   A 
_pdbx_validate_close_contact.auth_comp_id_1   HOH 
_pdbx_validate_close_contact.auth_seq_id_1    363 
_pdbx_validate_close_contact.PDB_ins_code_1   ? 
_pdbx_validate_close_contact.label_alt_id_1   ? 
_pdbx_validate_close_contact.auth_atom_id_2   O 
_pdbx_validate_close_contact.auth_asym_id_2   A 
_pdbx_validate_close_contact.auth_comp_id_2   HOH 
_pdbx_validate_close_contact.auth_seq_id_2    372 
_pdbx_validate_close_contact.PDB_ins_code_2   ? 
_pdbx_validate_close_contact.label_alt_id_2   ? 
_pdbx_validate_close_contact.dist             2.16 
# 
_pdbx_validate_symm_contact.id                1 
_pdbx_validate_symm_contact.PDB_model_num     1 
_pdbx_validate_symm_contact.auth_atom_id_1    O 
_pdbx_validate_symm_contact.auth_asym_id_1    A 
_pdbx_validate_symm_contact.auth_comp_id_1    HOH 
_pdbx_validate_symm_contact.auth_seq_id_1     334 
_pdbx_validate_symm_contact.PDB_ins_code_1    ? 
_pdbx_validate_symm_contact.label_alt_id_1    ? 
_pdbx_validate_symm_contact.site_symmetry_1   1_555 
_pdbx_validate_symm_contact.auth_atom_id_2    O 
_pdbx_validate_symm_contact.auth_asym_id_2    A 
_pdbx_validate_symm_contact.auth_comp_id_2    HOH 
_pdbx_validate_symm_contact.auth_seq_id_2     358 
_pdbx_validate_symm_contact.PDB_ins_code_2    ? 
_pdbx_validate_symm_contact.label_alt_id_2    ? 
_pdbx_validate_symm_contact.site_symmetry_2   7_645 
_pdbx_validate_symm_contact.dist              1.99 
# 
_pdbx_validate_rmsd_angle.id                         1 
_pdbx_validate_rmsd_angle.PDB_model_num              1 
_pdbx_validate_rmsd_angle.auth_atom_id_1             CG 
_pdbx_validate_rmsd_angle.auth_asym_id_1             A 
_pdbx_validate_rmsd_angle.auth_comp_id_1             ARG 
_pdbx_validate_rmsd_angle.auth_seq_id_1              99 
_pdbx_validate_rmsd_angle.PDB_ins_code_1             ? 
_pdbx_validate_rmsd_angle.label_alt_id_1             ? 
_pdbx_validate_rmsd_angle.auth_atom_id_2             CD 
_pdbx_validate_rmsd_angle.auth_asym_id_2             A 
_pdbx_validate_rmsd_angle.auth_comp_id_2             ARG 
_pdbx_validate_rmsd_angle.auth_seq_id_2              99 
_pdbx_validate_rmsd_angle.PDB_ins_code_2             ? 
_pdbx_validate_rmsd_angle.label_alt_id_2             ? 
_pdbx_validate_rmsd_angle.auth_atom_id_3             NE 
_pdbx_validate_rmsd_angle.auth_asym_id_3             A 
_pdbx_validate_rmsd_angle.auth_comp_id_3             ARG 
_pdbx_validate_rmsd_angle.auth_seq_id_3              99 
_pdbx_validate_rmsd_angle.PDB_ins_code_3             ? 
_pdbx_validate_rmsd_angle.label_alt_id_3             ? 
_pdbx_validate_rmsd_angle.angle_value                98.51 
_pdbx_validate_rmsd_angle.angle_target_value         111.80 
_pdbx_validate_rmsd_angle.angle_deviation            -13.29 
_pdbx_validate_rmsd_angle.angle_standard_deviation   2.10 
_pdbx_validate_rmsd_angle.linker_flag                N 
# 
loop_
_pdbx_validate_polymer_linkage.id 
_pdbx_validate_polymer_linkage.PDB_model_num 
_pdbx_validate_polymer_linkage.auth_atom_id_1 
_pdbx_validate_polymer_linkage.auth_asym_id_1 
_pdbx_validate_polymer_linkage.auth_comp_id_1 
_pdbx_validate_polymer_linkage.auth_seq_id_1 
_pdbx_validate_polymer_linkage.PDB_ins_code_1 
_pdbx_validate_polymer_linkage.label_alt_id_1 
_pdbx_validate_polymer_linkage.auth_atom_id_2 
_pdbx_validate_polymer_linkage.auth_asym_id_2 
_pdbx_validate_polymer_linkage.auth_comp_id_2 
_pdbx_validate_polymer_linkage.auth_seq_id_2 
_pdbx_validate_polymer_linkage.PDB_ins_code_2 
_pdbx_validate_polymer_linkage.label_alt_id_2 
_pdbx_validate_polymer_linkage.dist 
1 1 C A ARG 124 ? C N A LYS 125 ? C 2.14 
2 1 C A ARG 124 ? D N A LYS 125 ? D 2.14 
# 
loop_
_pdbx_struct_special_symmetry.id 
_pdbx_struct_special_symmetry.PDB_model_num 
_pdbx_struct_special_symmetry.auth_asym_id 
_pdbx_struct_special_symmetry.auth_comp_id 
_pdbx_struct_special_symmetry.auth_seq_id 
_pdbx_struct_special_symmetry.PDB_ins_code 
_pdbx_struct_special_symmetry.label_asym_id 
_pdbx_struct_special_symmetry.label_comp_id 
_pdbx_struct_special_symmetry.label_seq_id 
1 1 A HOH 301 ? C HOH . 
2 1 A HOH 308 ? C HOH . 
3 1 A HOH 373 ? C HOH . 
# 
loop_
_pdbx_unobs_or_zero_occ_residues.id 
_pdbx_unobs_or_zero_occ_residues.PDB_model_num 
_pdbx_unobs_or_zero_occ_residues.polymer_flag 
_pdbx_unobs_or_zero_occ_residues.occupancy_flag 
_pdbx_unobs_or_zero_occ_residues.auth_asym_id 
_pdbx_unobs_or_zero_occ_residues.auth_comp_id 
_pdbx_unobs_or_zero_occ_residues.auth_seq_id 
_pdbx_unobs_or_zero_occ_residues.PDB_ins_code 
_pdbx_unobs_or_zero_occ_residues.label_asym_id 
_pdbx_unobs_or_zero_occ_residues.label_comp_id 
_pdbx_unobs_or_zero_occ_residues.label_seq_id 
1 1 Y 1 A GLU 10 ? A GLU 1  
2 1 Y 1 A ARG 77 ? A ARG 68 
3 1 Y 1 A THR 78 ? A THR 69 
# 
loop_
_chem_comp_atom.comp_id 
_chem_comp_atom.atom_id 
_chem_comp_atom.type_symbol 
_chem_comp_atom.pdbx_aromatic_flag 
_chem_comp_atom.pdbx_stereo_config 
_chem_comp_atom.pdbx_ordinal 
A1CEI N12  N  Y N 1   
A1CEI BR1  BR N N 2   
A1CEI C02  C  Y N 3   
A1CEI C03  C  Y N 4   
A1CEI C04  C  Y N 5   
A1CEI C05  C  Y N 6   
A1CEI C06  C  Y N 7   
A1CEI C07  C  Y N 8   
A1CEI C08  C  Y N 9   
A1CEI N09  N  Y N 10  
A1CEI N10  N  Y N 11  
A1CEI N11  N  Y N 12  
A1CEI H1   H  N N 13  
A1CEI H2   H  N N 14  
A1CEI H3   H  N N 15  
A1CEI H4   H  N N 16  
A1CEI H5   H  N N 17  
ALA   N    N  N N 18  
ALA   CA   C  N S 19  
ALA   C    C  N N 20  
ALA   O    O  N N 21  
ALA   CB   C  N N 22  
ALA   OXT  O  N N 23  
ALA   H    H  N N 24  
ALA   H2   H  N N 25  
ALA   HA   H  N N 26  
ALA   HB1  H  N N 27  
ALA   HB2  H  N N 28  
ALA   HB3  H  N N 29  
ALA   HXT  H  N N 30  
ARG   N    N  N N 31  
ARG   CA   C  N S 32  
ARG   C    C  N N 33  
ARG   O    O  N N 34  
ARG   CB   C  N N 35  
ARG   CG   C  N N 36  
ARG   CD   C  N N 37  
ARG   NE   N  N N 38  
ARG   CZ   C  N N 39  
ARG   NH1  N  N N 40  
ARG   NH2  N  N N 41  
ARG   OXT  O  N N 42  
ARG   H    H  N N 43  
ARG   H2   H  N N 44  
ARG   HA   H  N N 45  
ARG   HB2  H  N N 46  
ARG   HB3  H  N N 47  
ARG   HG2  H  N N 48  
ARG   HG3  H  N N 49  
ARG   HD2  H  N N 50  
ARG   HD3  H  N N 51  
ARG   HE   H  N N 52  
ARG   HH11 H  N N 53  
ARG   HH12 H  N N 54  
ARG   HH21 H  N N 55  
ARG   HH22 H  N N 56  
ARG   HXT  H  N N 57  
ASP   N    N  N N 58  
ASP   CA   C  N S 59  
ASP   C    C  N N 60  
ASP   O    O  N N 61  
ASP   CB   C  N N 62  
ASP   CG   C  N N 63  
ASP   OD1  O  N N 64  
ASP   OD2  O  N N 65  
ASP   OXT  O  N N 66  
ASP   H    H  N N 67  
ASP   H2   H  N N 68  
ASP   HA   H  N N 69  
ASP   HB2  H  N N 70  
ASP   HB3  H  N N 71  
ASP   HD2  H  N N 72  
ASP   HXT  H  N N 73  
CYS   N    N  N N 74  
CYS   CA   C  N R 75  
CYS   C    C  N N 76  
CYS   O    O  N N 77  
CYS   CB   C  N N 78  
CYS   SG   S  N N 79  
CYS   OXT  O  N N 80  
CYS   H    H  N N 81  
CYS   H2   H  N N 82  
CYS   HA   H  N N 83  
CYS   HB2  H  N N 84  
CYS   HB3  H  N N 85  
CYS   HG   H  N N 86  
CYS   HXT  H  N N 87  
GLN   N    N  N N 88  
GLN   CA   C  N S 89  
GLN   C    C  N N 90  
GLN   O    O  N N 91  
GLN   CB   C  N N 92  
GLN   CG   C  N N 93  
GLN   CD   C  N N 94  
GLN   OE1  O  N N 95  
GLN   NE2  N  N N 96  
GLN   OXT  O  N N 97  
GLN   H    H  N N 98  
GLN   H2   H  N N 99  
GLN   HA   H  N N 100 
GLN   HB2  H  N N 101 
GLN   HB3  H  N N 102 
GLN   HG2  H  N N 103 
GLN   HG3  H  N N 104 
GLN   HE21 H  N N 105 
GLN   HE22 H  N N 106 
GLN   HXT  H  N N 107 
GLU   N    N  N N 108 
GLU   CA   C  N S 109 
GLU   C    C  N N 110 
GLU   O    O  N N 111 
GLU   CB   C  N N 112 
GLU   CG   C  N N 113 
GLU   CD   C  N N 114 
GLU   OE1  O  N N 115 
GLU   OE2  O  N N 116 
GLU   OXT  O  N N 117 
GLU   H    H  N N 118 
GLU   H2   H  N N 119 
GLU   HA   H  N N 120 
GLU   HB2  H  N N 121 
GLU   HB3  H  N N 122 
GLU   HG2  H  N N 123 
GLU   HG3  H  N N 124 
GLU   HE2  H  N N 125 
GLU   HXT  H  N N 126 
GLY   N    N  N N 127 
GLY   CA   C  N N 128 
GLY   C    C  N N 129 
GLY   O    O  N N 130 
GLY   OXT  O  N N 131 
GLY   H    H  N N 132 
GLY   H2   H  N N 133 
GLY   HA2  H  N N 134 
GLY   HA3  H  N N 135 
GLY   HXT  H  N N 136 
HIS   N    N  N N 137 
HIS   CA   C  N S 138 
HIS   C    C  N N 139 
HIS   O    O  N N 140 
HIS   CB   C  N N 141 
HIS   CG   C  Y N 142 
HIS   ND1  N  Y N 143 
HIS   CD2  C  Y N 144 
HIS   CE1  C  Y N 145 
HIS   NE2  N  Y N 146 
HIS   OXT  O  N N 147 
HIS   H    H  N N 148 
HIS   H2   H  N N 149 
HIS   HA   H  N N 150 
HIS   HB2  H  N N 151 
HIS   HB3  H  N N 152 
HIS   HD1  H  N N 153 
HIS   HD2  H  N N 154 
HIS   HE1  H  N N 155 
HIS   HE2  H  N N 156 
HIS   HXT  H  N N 157 
HOH   O    O  N N 158 
HOH   H1   H  N N 159 
HOH   H2   H  N N 160 
ILE   N    N  N N 161 
ILE   CA   C  N S 162 
ILE   C    C  N N 163 
ILE   O    O  N N 164 
ILE   CB   C  N S 165 
ILE   CG1  C  N N 166 
ILE   CG2  C  N N 167 
ILE   CD1  C  N N 168 
ILE   OXT  O  N N 169 
ILE   H    H  N N 170 
ILE   H2   H  N N 171 
ILE   HA   H  N N 172 
ILE   HB   H  N N 173 
ILE   HG12 H  N N 174 
ILE   HG13 H  N N 175 
ILE   HG21 H  N N 176 
ILE   HG22 H  N N 177 
ILE   HG23 H  N N 178 
ILE   HD11 H  N N 179 
ILE   HD12 H  N N 180 
ILE   HD13 H  N N 181 
ILE   HXT  H  N N 182 
LEU   N    N  N N 183 
LEU   CA   C  N S 184 
LEU   C    C  N N 185 
LEU   O    O  N N 186 
LEU   CB   C  N N 187 
LEU   CG   C  N N 188 
LEU   CD1  C  N N 189 
LEU   CD2  C  N N 190 
LEU   OXT  O  N N 191 
LEU   H    H  N N 192 
LEU   H2   H  N N 193 
LEU   HA   H  N N 194 
LEU   HB2  H  N N 195 
LEU   HB3  H  N N 196 
LEU   HG   H  N N 197 
LEU   HD11 H  N N 198 
LEU   HD12 H  N N 199 
LEU   HD13 H  N N 200 
LEU   HD21 H  N N 201 
LEU   HD22 H  N N 202 
LEU   HD23 H  N N 203 
LEU   HXT  H  N N 204 
LYS   N    N  N N 205 
LYS   CA   C  N S 206 
LYS   C    C  N N 207 
LYS   O    O  N N 208 
LYS   CB   C  N N 209 
LYS   CG   C  N N 210 
LYS   CD   C  N N 211 
LYS   CE   C  N N 212 
LYS   NZ   N  N N 213 
LYS   OXT  O  N N 214 
LYS   H    H  N N 215 
LYS   H2   H  N N 216 
LYS   HA   H  N N 217 
LYS   HB2  H  N N 218 
LYS   HB3  H  N N 219 
LYS   HG2  H  N N 220 
LYS   HG3  H  N N 221 
LYS   HD2  H  N N 222 
LYS   HD3  H  N N 223 
LYS   HE2  H  N N 224 
LYS   HE3  H  N N 225 
LYS   HZ1  H  N N 226 
LYS   HZ2  H  N N 227 
LYS   HZ3  H  N N 228 
LYS   HXT  H  N N 229 
MET   N    N  N N 230 
MET   CA   C  N S 231 
MET   C    C  N N 232 
MET   O    O  N N 233 
MET   CB   C  N N 234 
MET   CG   C  N N 235 
MET   SD   S  N N 236 
MET   CE   C  N N 237 
MET   OXT  O  N N 238 
MET   H    H  N N 239 
MET   H2   H  N N 240 
MET   HA   H  N N 241 
MET   HB2  H  N N 242 
MET   HB3  H  N N 243 
MET   HG2  H  N N 244 
MET   HG3  H  N N 245 
MET   HE1  H  N N 246 
MET   HE2  H  N N 247 
MET   HE3  H  N N 248 
MET   HXT  H  N N 249 
PHE   N    N  N N 250 
PHE   CA   C  N S 251 
PHE   C    C  N N 252 
PHE   O    O  N N 253 
PHE   CB   C  N N 254 
PHE   CG   C  Y N 255 
PHE   CD1  C  Y N 256 
PHE   CD2  C  Y N 257 
PHE   CE1  C  Y N 258 
PHE   CE2  C  Y N 259 
PHE   CZ   C  Y N 260 
PHE   OXT  O  N N 261 
PHE   H    H  N N 262 
PHE   H2   H  N N 263 
PHE   HA   H  N N 264 
PHE   HB2  H  N N 265 
PHE   HB3  H  N N 266 
PHE   HD1  H  N N 267 
PHE   HD2  H  N N 268 
PHE   HE1  H  N N 269 
PHE   HE2  H  N N 270 
PHE   HZ   H  N N 271 
PHE   HXT  H  N N 272 
PRO   N    N  N N 273 
PRO   CA   C  N S 274 
PRO   C    C  N N 275 
PRO   O    O  N N 276 
PRO   CB   C  N N 277 
PRO   CG   C  N N 278 
PRO   CD   C  N N 279 
PRO   OXT  O  N N 280 
PRO   H    H  N N 281 
PRO   HA   H  N N 282 
PRO   HB2  H  N N 283 
PRO   HB3  H  N N 284 
PRO   HG2  H  N N 285 
PRO   HG3  H  N N 286 
PRO   HD2  H  N N 287 
PRO   HD3  H  N N 288 
PRO   HXT  H  N N 289 
SER   N    N  N N 290 
SER   CA   C  N S 291 
SER   C    C  N N 292 
SER   O    O  N N 293 
SER   CB   C  N N 294 
SER   OG   O  N N 295 
SER   OXT  O  N N 296 
SER   H    H  N N 297 
SER   H2   H  N N 298 
SER   HA   H  N N 299 
SER   HB2  H  N N 300 
SER   HB3  H  N N 301 
SER   HG   H  N N 302 
SER   HXT  H  N N 303 
THR   N    N  N N 304 
THR   CA   C  N S 305 
THR   C    C  N N 306 
THR   O    O  N N 307 
THR   CB   C  N R 308 
THR   OG1  O  N N 309 
THR   CG2  C  N N 310 
THR   OXT  O  N N 311 
THR   H    H  N N 312 
THR   H2   H  N N 313 
THR   HA   H  N N 314 
THR   HB   H  N N 315 
THR   HG1  H  N N 316 
THR   HG21 H  N N 317 
THR   HG22 H  N N 318 
THR   HG23 H  N N 319 
THR   HXT  H  N N 320 
TYR   N    N  N N 321 
TYR   CA   C  N S 322 
TYR   C    C  N N 323 
TYR   O    O  N N 324 
TYR   CB   C  N N 325 
TYR   CG   C  Y N 326 
TYR   CD1  C  Y N 327 
TYR   CD2  C  Y N 328 
TYR   CE1  C  Y N 329 
TYR   CE2  C  Y N 330 
TYR   CZ   C  Y N 331 
TYR   OH   O  N N 332 
TYR   OXT  O  N N 333 
TYR   H    H  N N 334 
TYR   H2   H  N N 335 
TYR   HA   H  N N 336 
TYR   HB2  H  N N 337 
TYR   HB3  H  N N 338 
TYR   HD1  H  N N 339 
TYR   HD2  H  N N 340 
TYR   HE1  H  N N 341 
TYR   HE2  H  N N 342 
TYR   HH   H  N N 343 
TYR   HXT  H  N N 344 
VAL   N    N  N N 345 
VAL   CA   C  N S 346 
VAL   C    C  N N 347 
VAL   O    O  N N 348 
VAL   CB   C  N N 349 
VAL   CG1  C  N N 350 
VAL   CG2  C  N N 351 
VAL   OXT  O  N N 352 
VAL   H    H  N N 353 
VAL   H2   H  N N 354 
VAL   HA   H  N N 355 
VAL   HB   H  N N 356 
VAL   HG11 H  N N 357 
VAL   HG12 H  N N 358 
VAL   HG13 H  N N 359 
VAL   HG21 H  N N 360 
VAL   HG22 H  N N 361 
VAL   HG23 H  N N 362 
VAL   HXT  H  N N 363 
# 
loop_
_chem_comp_bond.comp_id 
_chem_comp_bond.atom_id_1 
_chem_comp_bond.atom_id_2 
_chem_comp_bond.value_order 
_chem_comp_bond.pdbx_aromatic_flag 
_chem_comp_bond.pdbx_stereo_config 
_chem_comp_bond.pdbx_ordinal 
A1CEI N11 N12  sing Y N 1   
A1CEI N11 N10  doub Y N 2   
A1CEI N12 C08  sing Y N 3   
A1CEI N10 N09  sing Y N 4   
A1CEI C08 N09  doub Y N 5   
A1CEI C08 C05  sing N N 6   
A1CEI C06 C05  doub Y N 7   
A1CEI C06 C07  sing Y N 8   
A1CEI C05 C04  sing Y N 9   
A1CEI C07 C02  doub Y N 10  
A1CEI C04 C03  doub Y N 11  
A1CEI C02 C03  sing Y N 12  
A1CEI C02 BR1  sing N N 13  
A1CEI N12 H1   sing N N 14  
A1CEI C03 H2   sing N N 15  
A1CEI C04 H3   sing N N 16  
A1CEI C06 H4   sing N N 17  
A1CEI C07 H5   sing N N 18  
ALA   N   CA   sing N N 19  
ALA   N   H    sing N N 20  
ALA   N   H2   sing N N 21  
ALA   CA  C    sing N N 22  
ALA   CA  CB   sing N N 23  
ALA   CA  HA   sing N N 24  
ALA   C   O    doub N N 25  
ALA   C   OXT  sing N N 26  
ALA   CB  HB1  sing N N 27  
ALA   CB  HB2  sing N N 28  
ALA   CB  HB3  sing N N 29  
ALA   OXT HXT  sing N N 30  
ARG   N   CA   sing N N 31  
ARG   N   H    sing N N 32  
ARG   N   H2   sing N N 33  
ARG   CA  C    sing N N 34  
ARG   CA  CB   sing N N 35  
ARG   CA  HA   sing N N 36  
ARG   C   O    doub N N 37  
ARG   C   OXT  sing N N 38  
ARG   CB  CG   sing N N 39  
ARG   CB  HB2  sing N N 40  
ARG   CB  HB3  sing N N 41  
ARG   CG  CD   sing N N 42  
ARG   CG  HG2  sing N N 43  
ARG   CG  HG3  sing N N 44  
ARG   CD  NE   sing N N 45  
ARG   CD  HD2  sing N N 46  
ARG   CD  HD3  sing N N 47  
ARG   NE  CZ   sing N N 48  
ARG   NE  HE   sing N N 49  
ARG   CZ  NH1  sing N N 50  
ARG   CZ  NH2  doub N N 51  
ARG   NH1 HH11 sing N N 52  
ARG   NH1 HH12 sing N N 53  
ARG   NH2 HH21 sing N N 54  
ARG   NH2 HH22 sing N N 55  
ARG   OXT HXT  sing N N 56  
ASP   N   CA   sing N N 57  
ASP   N   H    sing N N 58  
ASP   N   H2   sing N N 59  
ASP   CA  C    sing N N 60  
ASP   CA  CB   sing N N 61  
ASP   CA  HA   sing N N 62  
ASP   C   O    doub N N 63  
ASP   C   OXT  sing N N 64  
ASP   CB  CG   sing N N 65  
ASP   CB  HB2  sing N N 66  
ASP   CB  HB3  sing N N 67  
ASP   CG  OD1  doub N N 68  
ASP   CG  OD2  sing N N 69  
ASP   OD2 HD2  sing N N 70  
ASP   OXT HXT  sing N N 71  
CYS   N   CA   sing N N 72  
CYS   N   H    sing N N 73  
CYS   N   H2   sing N N 74  
CYS   CA  C    sing N N 75  
CYS   CA  CB   sing N N 76  
CYS   CA  HA   sing N N 77  
CYS   C   O    doub N N 78  
CYS   C   OXT  sing N N 79  
CYS   CB  SG   sing N N 80  
CYS   CB  HB2  sing N N 81  
CYS   CB  HB3  sing N N 82  
CYS   SG  HG   sing N N 83  
CYS   OXT HXT  sing N N 84  
GLN   N   CA   sing N N 85  
GLN   N   H    sing N N 86  
GLN   N   H2   sing N N 87  
GLN   CA  C    sing N N 88  
GLN   CA  CB   sing N N 89  
GLN   CA  HA   sing N N 90  
GLN   C   O    doub N N 91  
GLN   C   OXT  sing N N 92  
GLN   CB  CG   sing N N 93  
GLN   CB  HB2  sing N N 94  
GLN   CB  HB3  sing N N 95  
GLN   CG  CD   sing N N 96  
GLN   CG  HG2  sing N N 97  
GLN   CG  HG3  sing N N 98  
GLN   CD  OE1  doub N N 99  
GLN   CD  NE2  sing N N 100 
GLN   NE2 HE21 sing N N 101 
GLN   NE2 HE22 sing N N 102 
GLN   OXT HXT  sing N N 103 
GLU   N   CA   sing N N 104 
GLU   N   H    sing N N 105 
GLU   N   H2   sing N N 106 
GLU   CA  C    sing N N 107 
GLU   CA  CB   sing N N 108 
GLU   CA  HA   sing N N 109 
GLU   C   O    doub N N 110 
GLU   C   OXT  sing N N 111 
GLU   CB  CG   sing N N 112 
GLU   CB  HB2  sing N N 113 
GLU   CB  HB3  sing N N 114 
GLU   CG  CD   sing N N 115 
GLU   CG  HG2  sing N N 116 
GLU   CG  HG3  sing N N 117 
GLU   CD  OE1  doub N N 118 
GLU   CD  OE2  sing N N 119 
GLU   OE2 HE2  sing N N 120 
GLU   OXT HXT  sing N N 121 
GLY   N   CA   sing N N 122 
GLY   N   H    sing N N 123 
GLY   N   H2   sing N N 124 
GLY   CA  C    sing N N 125 
GLY   CA  HA2  sing N N 126 
GLY   CA  HA3  sing N N 127 
GLY   C   O    doub N N 128 
GLY   C   OXT  sing N N 129 
GLY   OXT HXT  sing N N 130 
HIS   N   CA   sing N N 131 
HIS   N   H    sing N N 132 
HIS   N   H2   sing N N 133 
HIS   CA  C    sing N N 134 
HIS   CA  CB   sing N N 135 
HIS   CA  HA   sing N N 136 
HIS   C   O    doub N N 137 
HIS   C   OXT  sing N N 138 
HIS   CB  CG   sing N N 139 
HIS   CB  HB2  sing N N 140 
HIS   CB  HB3  sing N N 141 
HIS   CG  ND1  sing Y N 142 
HIS   CG  CD2  doub Y N 143 
HIS   ND1 CE1  doub Y N 144 
HIS   ND1 HD1  sing N N 145 
HIS   CD2 NE2  sing Y N 146 
HIS   CD2 HD2  sing N N 147 
HIS   CE1 NE2  sing Y N 148 
HIS   CE1 HE1  sing N N 149 
HIS   NE2 HE2  sing N N 150 
HIS   OXT HXT  sing N N 151 
HOH   O   H1   sing N N 152 
HOH   O   H2   sing N N 153 
ILE   N   CA   sing N N 154 
ILE   N   H    sing N N 155 
ILE   N   H2   sing N N 156 
ILE   CA  C    sing N N 157 
ILE   CA  CB   sing N N 158 
ILE   CA  HA   sing N N 159 
ILE   C   O    doub N N 160 
ILE   C   OXT  sing N N 161 
ILE   CB  CG1  sing N N 162 
ILE   CB  CG2  sing N N 163 
ILE   CB  HB   sing N N 164 
ILE   CG1 CD1  sing N N 165 
ILE   CG1 HG12 sing N N 166 
ILE   CG1 HG13 sing N N 167 
ILE   CG2 HG21 sing N N 168 
ILE   CG2 HG22 sing N N 169 
ILE   CG2 HG23 sing N N 170 
ILE   CD1 HD11 sing N N 171 
ILE   CD1 HD12 sing N N 172 
ILE   CD1 HD13 sing N N 173 
ILE   OXT HXT  sing N N 174 
LEU   N   CA   sing N N 175 
LEU   N   H    sing N N 176 
LEU   N   H2   sing N N 177 
LEU   CA  C    sing N N 178 
LEU   CA  CB   sing N N 179 
LEU   CA  HA   sing N N 180 
LEU   C   O    doub N N 181 
LEU   C   OXT  sing N N 182 
LEU   CB  CG   sing N N 183 
LEU   CB  HB2  sing N N 184 
LEU   CB  HB3  sing N N 185 
LEU   CG  CD1  sing N N 186 
LEU   CG  CD2  sing N N 187 
LEU   CG  HG   sing N N 188 
LEU   CD1 HD11 sing N N 189 
LEU   CD1 HD12 sing N N 190 
LEU   CD1 HD13 sing N N 191 
LEU   CD2 HD21 sing N N 192 
LEU   CD2 HD22 sing N N 193 
LEU   CD2 HD23 sing N N 194 
LEU   OXT HXT  sing N N 195 
LYS   N   CA   sing N N 196 
LYS   N   H    sing N N 197 
LYS   N   H2   sing N N 198 
LYS   CA  C    sing N N 199 
LYS   CA  CB   sing N N 200 
LYS   CA  HA   sing N N 201 
LYS   C   O    doub N N 202 
LYS   C   OXT  sing N N 203 
LYS   CB  CG   sing N N 204 
LYS   CB  HB2  sing N N 205 
LYS   CB  HB3  sing N N 206 
LYS   CG  CD   sing N N 207 
LYS   CG  HG2  sing N N 208 
LYS   CG  HG3  sing N N 209 
LYS   CD  CE   sing N N 210 
LYS   CD  HD2  sing N N 211 
LYS   CD  HD3  sing N N 212 
LYS   CE  NZ   sing N N 213 
LYS   CE  HE2  sing N N 214 
LYS   CE  HE3  sing N N 215 
LYS   NZ  HZ1  sing N N 216 
LYS   NZ  HZ2  sing N N 217 
LYS   NZ  HZ3  sing N N 218 
LYS   OXT HXT  sing N N 219 
MET   N   CA   sing N N 220 
MET   N   H    sing N N 221 
MET   N   H2   sing N N 222 
MET   CA  C    sing N N 223 
MET   CA  CB   sing N N 224 
MET   CA  HA   sing N N 225 
MET   C   O    doub N N 226 
MET   C   OXT  sing N N 227 
MET   CB  CG   sing N N 228 
MET   CB  HB2  sing N N 229 
MET   CB  HB3  sing N N 230 
MET   CG  SD   sing N N 231 
MET   CG  HG2  sing N N 232 
MET   CG  HG3  sing N N 233 
MET   SD  CE   sing N N 234 
MET   CE  HE1  sing N N 235 
MET   CE  HE2  sing N N 236 
MET   CE  HE3  sing N N 237 
MET   OXT HXT  sing N N 238 
PHE   N   CA   sing N N 239 
PHE   N   H    sing N N 240 
PHE   N   H2   sing N N 241 
PHE   CA  C    sing N N 242 
PHE   CA  CB   sing N N 243 
PHE   CA  HA   sing N N 244 
PHE   C   O    doub N N 245 
PHE   C   OXT  sing N N 246 
PHE   CB  CG   sing N N 247 
PHE   CB  HB2  sing N N 248 
PHE   CB  HB3  sing N N 249 
PHE   CG  CD1  doub Y N 250 
PHE   CG  CD2  sing Y N 251 
PHE   CD1 CE1  sing Y N 252 
PHE   CD1 HD1  sing N N 253 
PHE   CD2 CE2  doub Y N 254 
PHE   CD2 HD2  sing N N 255 
PHE   CE1 CZ   doub Y N 256 
PHE   CE1 HE1  sing N N 257 
PHE   CE2 CZ   sing Y N 258 
PHE   CE2 HE2  sing N N 259 
PHE   CZ  HZ   sing N N 260 
PHE   OXT HXT  sing N N 261 
PRO   N   CA   sing N N 262 
PRO   N   CD   sing N N 263 
PRO   N   H    sing N N 264 
PRO   CA  C    sing N N 265 
PRO   CA  CB   sing N N 266 
PRO   CA  HA   sing N N 267 
PRO   C   O    doub N N 268 
PRO   C   OXT  sing N N 269 
PRO   CB  CG   sing N N 270 
PRO   CB  HB2  sing N N 271 
PRO   CB  HB3  sing N N 272 
PRO   CG  CD   sing N N 273 
PRO   CG  HG2  sing N N 274 
PRO   CG  HG3  sing N N 275 
PRO   CD  HD2  sing N N 276 
PRO   CD  HD3  sing N N 277 
PRO   OXT HXT  sing N N 278 
SER   N   CA   sing N N 279 
SER   N   H    sing N N 280 
SER   N   H2   sing N N 281 
SER   CA  C    sing N N 282 
SER   CA  CB   sing N N 283 
SER   CA  HA   sing N N 284 
SER   C   O    doub N N 285 
SER   C   OXT  sing N N 286 
SER   CB  OG   sing N N 287 
SER   CB  HB2  sing N N 288 
SER   CB  HB3  sing N N 289 
SER   OG  HG   sing N N 290 
SER   OXT HXT  sing N N 291 
THR   N   CA   sing N N 292 
THR   N   H    sing N N 293 
THR   N   H2   sing N N 294 
THR   CA  C    sing N N 295 
THR   CA  CB   sing N N 296 
THR   CA  HA   sing N N 297 
THR   C   O    doub N N 298 
THR   C   OXT  sing N N 299 
THR   CB  OG1  sing N N 300 
THR   CB  CG2  sing N N 301 
THR   CB  HB   sing N N 302 
THR   OG1 HG1  sing N N 303 
THR   CG2 HG21 sing N N 304 
THR   CG2 HG22 sing N N 305 
THR   CG2 HG23 sing N N 306 
THR   OXT HXT  sing N N 307 
TYR   N   CA   sing N N 308 
TYR   N   H    sing N N 309 
TYR   N   H2   sing N N 310 
TYR   CA  C    sing N N 311 
TYR   CA  CB   sing N N 312 
TYR   CA  HA   sing N N 313 
TYR   C   O    doub N N 314 
TYR   C   OXT  sing N N 315 
TYR   CB  CG   sing N N 316 
TYR   CB  HB2  sing N N 317 
TYR   CB  HB3  sing N N 318 
TYR   CG  CD1  doub Y N 319 
TYR   CG  CD2  sing Y N 320 
TYR   CD1 CE1  sing Y N 321 
TYR   CD1 HD1  sing N N 322 
TYR   CD2 CE2  doub Y N 323 
TYR   CD2 HD2  sing N N 324 
TYR   CE1 CZ   doub Y N 325 
TYR   CE1 HE1  sing N N 326 
TYR   CE2 CZ   sing Y N 327 
TYR   CE2 HE2  sing N N 328 
TYR   CZ  OH   sing N N 329 
TYR   OH  HH   sing N N 330 
TYR   OXT HXT  sing N N 331 
VAL   N   CA   sing N N 332 
VAL   N   H    sing N N 333 
VAL   N   H2   sing N N 334 
VAL   CA  C    sing N N 335 
VAL   CA  CB   sing N N 336 
VAL   CA  HA   sing N N 337 
VAL   C   O    doub N N 338 
VAL   C   OXT  sing N N 339 
VAL   CB  CG1  sing N N 340 
VAL   CB  CG2  sing N N 341 
VAL   CB  HB   sing N N 342 
VAL   CG1 HG11 sing N N 343 
VAL   CG1 HG12 sing N N 344 
VAL   CG1 HG13 sing N N 345 
VAL   CG2 HG21 sing N N 346 
VAL   CG2 HG22 sing N N 347 
VAL   CG2 HG23 sing N N 348 
VAL   OXT HXT  sing N N 349 
# 
_pdbx_audit_support.ordinal                1 
_pdbx_audit_support.funding_organization   'Helmholtz Association' 
_pdbx_audit_support.country                Germany 
_pdbx_audit_support.grant_number           ? 
# 
_pdbx_deposit_group.group_id            G_1002337 
_pdbx_deposit_group.group_title         
'PanDDA analysis group deposition of SARS-CoV-2 Nsp1 soaked with fragments from the KIT library' 
_pdbx_deposit_group.group_description   
;SARS-CoV-2 Nsp1 soaked with Fragments from the KIT library. Includes refined models for hit compounds with ligands placed into the PanDDA event-map, which is the primary evidence for ligand placement. The event-, average and Z-maps and the 2Fo-Fc and Fo-Fc maps are included in the mmcif file. 2Fo-Fc and Fo-Fc maps are not useful to consider as evidence for ligand placement.
;
_pdbx_deposit_group.group_type          'changed state' 
# 
_pdbx_initial_refinement_model.id               1 
_pdbx_initial_refinement_model.type             'experimental model' 
_pdbx_initial_refinement_model.accession_code   7EQ4 
_pdbx_initial_refinement_model.source_name      PDB 
_pdbx_initial_refinement_model.entity_id_list   ? 
_pdbx_initial_refinement_model.details          ? 
# 
_atom_sites.entry_id                    7IB8 
_atom_sites.fract_transf_matrix[1][1]   -0.01081985 
_atom_sites.fract_transf_matrix[1][2]   -0.01989109 
_atom_sites.fract_transf_matrix[1][3]   -0.01511722 
_atom_sites.fract_transf_matrix[2][1]   -0.00709199 
_atom_sites.fract_transf_matrix[2][2]   -0.01335101 
_atom_sites.fract_transf_matrix[2][3]   0.02264309 
_atom_sites.fract_transf_matrix[3][1]   -0.00620677 
_atom_sites.fract_transf_matrix[3][2]   0.00335170 
_atom_sites.fract_transf_matrix[3][3]   0.00003225 
_atom_sites.fract_transf_vector[1]      0.172884 
_atom_sites.fract_transf_vector[2]      -0.434665 
_atom_sites.fract_transf_vector[3]      0.050888 
# 
loop_
_atom_type.symbol 
BR 
C  
N  
O  
S  
# 
loop_
_atom_site.group_PDB 
_atom_site.id 
_atom_site.type_symbol 
_atom_site.label_atom_id 
_atom_site.label_alt_id 
_atom_site.label_comp_id 
_atom_site.label_asym_id 
_atom_site.label_entity_id 
_atom_site.label_seq_id 
_atom_site.pdbx_PDB_ins_code 
_atom_site.Cartn_x 
_atom_site.Cartn_y 
_atom_site.Cartn_z 
_atom_site.occupancy 
_atom_site.B_iso_or_equiv 
_atom_site.pdbx_formal_charge 
_atom_site.auth_seq_id 
_atom_site.auth_comp_id 
_atom_site.auth_asym_id 
_atom_site.auth_atom_id 
_atom_site.pdbx_PDB_model_num 
ATOM   1    N  N   . LYS   A 1 2   ? 0.023   -17.528 0.898   1.00 45.41 ? 11  LYS   A N   1 
ATOM   2    C  CA  . LYS   A 1 2   ? 0.874   -16.888 1.977   1.00 41.66 ? 11  LYS   A CA  1 
ATOM   3    C  C   . LYS   A 1 2   ? 0.165   -15.676 2.583   1.00 36.55 ? 11  LYS   A C   1 
ATOM   4    O  O   . LYS   A 1 2   ? -0.459  -14.898 1.849   1.00 38.25 ? 11  LYS   A O   1 
ATOM   5    C  CB  . LYS   A 1 2   ? 2.197   -16.376 1.402   1.00 49.22 ? 11  LYS   A CB  1 
ATOM   6    C  CG  . LYS   A 1 2   ? 3.245   -17.434 1.097   1.00 56.08 ? 11  LYS   A CG  1 
ATOM   7    C  CD  . LYS   A 1 2   ? 4.479   -16.854 0.426   1.00 63.48 ? 11  LYS   A CD  1 
ATOM   8    C  CE  . LYS   A 1 2   ? 5.353   -17.925 -0.187  1.00 69.91 ? 11  LYS   A CE  1 
ATOM   9    N  NZ  . LYS   A 1 2   ? 5.571   -19.040 0.765   1.00 75.03 ? 11  LYS   A NZ  1 
ATOM   10   N  N   A THR   A 1 3   ? 0.323   -15.490 3.896   0.27 33.11 ? 12  THR   A N   1 
ATOM   11   N  N   B THR   A 1 3   ? 0.322   -15.490 3.897   0.26 33.15 ? 12  THR   A N   1 
ATOM   12   N  N   C THR   A 1 3   ? 0.284   -15.492 3.900   0.24 34.54 ? 12  THR   A N   1 
ATOM   13   N  N   D THR   A 1 3   ? 0.284   -15.492 3.900   0.23 34.57 ? 12  THR   A N   1 
ATOM   14   C  CA  A THR   A 1 3   ? -0.266  -14.376 4.687   0.27 31.02 ? 12  THR   A CA  1 
ATOM   15   C  CA  B THR   A 1 3   ? -0.266  -14.376 4.688   0.26 31.06 ? 12  THR   A CA  1 
ATOM   16   C  CA  C THR   A 1 3   ? -0.369  -14.386 4.651   0.24 33.09 ? 12  THR   A CA  1 
ATOM   17   C  CA  D THR   A 1 3   ? -0.369  -14.386 4.651   0.23 33.11 ? 12  THR   A CA  1 
ATOM   18   C  C   A THR   A 1 3   ? 0.439   -13.053 4.364   0.27 30.31 ? 12  THR   A C   1 
ATOM   19   C  C   B THR   A 1 3   ? 0.437   -13.053 4.363   0.26 30.33 ? 12  THR   A C   1 
ATOM   20   C  C   C THR   A 1 3   ? 0.270   -13.043 4.271   0.24 32.85 ? 12  THR   A C   1 
ATOM   21   C  C   D THR   A 1 3   ? 0.269   -13.043 4.272   0.23 32.84 ? 12  THR   A C   1 
ATOM   22   O  O   A THR   A 1 3   ? -0.164  -11.989 4.621   0.27 30.53 ? 12  THR   A O   1 
ATOM   23   O  O   B THR   A 1 3   ? -0.167  -11.988 4.618   0.26 30.49 ? 12  THR   A O   1 
ATOM   24   O  O   C THR   A 1 3   ? -0.447  -12.022 4.316   0.24 32.79 ? 12  THR   A O   1 
ATOM   25   O  O   D THR   A 1 3   ? -0.449  -12.022 4.316   0.23 32.74 ? 12  THR   A O   1 
ATOM   26   C  CB  A THR   A 1 3   ? -0.155  -14.624 6.197   0.27 31.04 ? 12  THR   A CB  1 
ATOM   27   C  CB  B THR   A 1 3   ? -0.155  -14.625 6.197   0.26 31.04 ? 12  THR   A CB  1 
ATOM   28   C  CB  C THR   A 1 3   ? -0.312  -14.613 6.168   0.24 33.27 ? 12  THR   A CB  1 
ATOM   29   C  CB  D THR   A 1 3   ? -0.312  -14.613 6.168   0.23 33.26 ? 12  THR   A CB  1 
ATOM   30   O  OG1 A THR   A 1 3   ? 1.232   -14.583 6.544   0.27 28.96 ? 12  THR   A OG1 1 
ATOM   31   O  OG1 B THR   A 1 3   ? 1.231   -14.586 6.545   0.26 29.00 ? 12  THR   A OG1 1 
ATOM   32   O  OG1 C THR   A 1 3   ? 1.056   -14.595 6.582   0.24 31.52 ? 12  THR   A OG1 1 
ATOM   33   O  OG1 D THR   A 1 3   ? 1.056   -14.595 6.582   0.23 31.55 ? 12  THR   A OG1 1 
ATOM   34   C  CG2 A THR   A 1 3   ? -0.791  -15.929 6.624   0.27 31.43 ? 12  THR   A CG2 1 
ATOM   35   C  CG2 B THR   A 1 3   ? -0.792  -15.929 6.625   0.26 31.41 ? 12  THR   A CG2 1 
ATOM   36   C  CG2 C THR   A 1 3   ? -0.977  -15.906 6.585   0.24 33.35 ? 12  THR   A CG2 1 
ATOM   37   C  CG2 D THR   A 1 3   ? -0.978  -15.906 6.586   0.23 33.34 ? 12  THR   A CG2 1 
ATOM   38   N  N   A HIS   A 1 4   ? 1.675   -13.114 3.863   0.27 28.46 ? 13  HIS   A N   1 
ATOM   39   N  N   B HIS   A 1 4   ? 1.675   -13.114 3.865   0.26 28.53 ? 13  HIS   A N   1 
ATOM   40   N  N   C HIS   A 1 4   ? 1.555   -13.036 3.908   0.24 30.97 ? 13  HIS   A N   1 
ATOM   41   N  N   D HIS   A 1 4   ? 1.555   -13.036 3.910   0.23 31.03 ? 13  HIS   A N   1 
ATOM   42   C  CA  A HIS   A 1 4   ? 2.506   -11.919 3.573   0.27 29.53 ? 13  HIS   A CA  1 
ATOM   43   C  CA  B HIS   A 1 4   ? 2.506   -11.918 3.574   0.26 29.55 ? 13  HIS   A CA  1 
ATOM   44   C  CA  C HIS   A 1 4   ? 2.300   -11.806 3.531   0.24 31.81 ? 13  HIS   A CA  1 
ATOM   45   C  CA  D HIS   A 1 4   ? 2.299   -11.807 3.532   0.23 31.81 ? 13  HIS   A CA  1 
ATOM   46   C  C   A HIS   A 1 4   ? 3.151   -12.066 2.199   0.27 30.93 ? 13  HIS   A C   1 
ATOM   47   C  C   B HIS   A 1 4   ? 3.149   -12.068 2.199   0.26 30.87 ? 13  HIS   A C   1 
ATOM   48   C  C   C HIS   A 1 4   ? 2.873   -11.961 2.121   0.24 32.23 ? 13  HIS   A C   1 
ATOM   49   C  C   D HIS   A 1 4   ? 2.873   -11.962 2.122   0.23 32.18 ? 13  HIS   A C   1 
ATOM   50   O  O   A HIS   A 1 4   ? 3.557   -13.186 1.843   0.27 28.96 ? 13  HIS   A O   1 
ATOM   51   O  O   B HIS   A 1 4   ? 3.554   -13.188 1.842   0.26 28.92 ? 13  HIS   A O   1 
ATOM   52   O  O   C HIS   A 1 4   ? 3.025   -13.110 1.656   0.24 29.44 ? 13  HIS   A O   1 
ATOM   53   O  O   D HIS   A 1 4   ? 3.029   -13.110 1.659   0.23 29.43 ? 13  HIS   A O   1 
ATOM   54   C  CB  A HIS   A 1 4   ? 3.558   -11.684 4.660   0.27 30.56 ? 13  HIS   A CB  1 
ATOM   55   C  CB  B HIS   A 1 4   ? 3.559   -11.684 4.661   0.26 30.53 ? 13  HIS   A CB  1 
ATOM   56   C  CB  C HIS   A 1 4   ? 3.386   -11.470 4.560   0.24 32.52 ? 13  HIS   A CB  1 
ATOM   57   C  CB  D HIS   A 1 4   ? 3.385   -11.470 4.561   0.23 32.50 ? 13  HIS   A CB  1 
ATOM   58   C  CG  A HIS   A 1 4   ? 3.020   -11.082 5.915   0.27 30.09 ? 13  HIS   A CG  1 
ATOM   59   C  CG  B HIS   A 1 4   ? 3.021   -11.082 5.916   0.26 30.09 ? 13  HIS   A CG  1 
ATOM   60   C  CG  C HIS   A 1 4   ? 2.864   -11.052 5.895   0.24 32.57 ? 13  HIS   A CG  1 
ATOM   61   C  CG  D HIS   A 1 4   ? 2.865   -11.052 5.895   0.23 32.57 ? 13  HIS   A CG  1 
ATOM   62   N  ND1 A HIS   A 1 4   ? 2.338   -11.833 6.854   0.27 30.66 ? 13  HIS   A ND1 1 
ATOM   63   N  ND1 B HIS   A 1 4   ? 2.338   -11.833 6.854   0.26 30.63 ? 13  HIS   A ND1 1 
ATOM   64   N  ND1 C HIS   A 1 4   ? 2.410   -11.966 6.828   0.24 33.24 ? 13  HIS   A ND1 1 
ATOM   65   N  ND1 D HIS   A 1 4   ? 2.410   -11.966 6.828   0.23 33.21 ? 13  HIS   A ND1 1 
ATOM   66   C  CD2 A HIS   A 1 4   ? 3.090   -9.825  6.413   0.27 29.97 ? 13  HIS   A CD2 1 
ATOM   67   C  CD2 B HIS   A 1 4   ? 3.091   -9.826  6.414   0.26 29.98 ? 13  HIS   A CD2 1 
ATOM   68   C  CD2 C HIS   A 1 4   ? 2.753   -9.833  6.474   0.24 33.13 ? 13  HIS   A CD2 1 
ATOM   69   C  CD2 D HIS   A 1 4   ? 2.753   -9.834  6.475   0.23 33.11 ? 13  HIS   A CD2 1 
ATOM   70   C  CE1 A HIS   A 1 4   ? 2.000   -11.062 7.872   0.27 29.56 ? 13  HIS   A CE1 1 
ATOM   71   C  CE1 B HIS   A 1 4   ? 2.000   -11.063 7.871   0.26 29.58 ? 13  HIS   A CE1 1 
ATOM   72   C  CE1 C HIS   A 1 4   ? 2.033   -11.327 7.920   0.24 32.55 ? 13  HIS   A CE1 1 
ATOM   73   C  CE1 D HIS   A 1 4   ? 2.032   -11.328 7.920   0.23 32.56 ? 13  HIS   A CE1 1 
ATOM   74   N  NE2 A HIS   A 1 4   ? 2.445   -9.826  7.627   0.27 29.23 ? 13  HIS   A NE2 1 
ATOM   75   N  NE2 B HIS   A 1 4   ? 2.445   -9.826  7.626   0.26 29.26 ? 13  HIS   A NE2 1 
ATOM   76   N  NE2 C HIS   A 1 4   ? 2.232   -10.018 7.730   0.24 31.74 ? 13  HIS   A NE2 1 
ATOM   77   N  NE2 D HIS   A 1 4   ? 2.232   -10.019 7.729   0.23 31.79 ? 13  HIS   A NE2 1 
ATOM   78   N  N   A VAL   A 1 5   ? 3.239   -10.959 1.470   0.27 28.82 ? 14  VAL   A N   1 
ATOM   79   N  N   B VAL   A 1 5   ? 3.238   -10.960 1.470   0.26 28.88 ? 14  VAL   A N   1 
ATOM   80   N  N   C VAL   A 1 5   ? 3.160   -10.831 1.475   0.24 30.39 ? 14  VAL   A N   1 
ATOM   81   N  N   D VAL   A 1 5   ? 3.159   -10.832 1.476   0.23 30.45 ? 14  VAL   A N   1 
ATOM   82   C  CA  A VAL   A 1 5   ? 3.846   -10.932 0.113   0.27 31.00 ? 14  VAL   A CA  1 
ATOM   83   C  CA  B VAL   A 1 5   ? 3.846   -10.932 0.113   0.26 30.98 ? 14  VAL   A CA  1 
ATOM   84   C  CA  C VAL   A 1 5   ? 3.768   -10.769 0.117   0.24 32.50 ? 14  VAL   A CA  1 
ATOM   85   C  CA  D VAL   A 1 5   ? 3.768   -10.769 0.116   0.23 32.48 ? 14  VAL   A CA  1 
ATOM   86   C  C   A VAL   A 1 5   ? 4.887   -9.812  0.094   0.27 29.97 ? 14  VAL   A C   1 
ATOM   87   C  C   B VAL   A 1 5   ? 4.887   -9.812  0.094   0.26 29.98 ? 14  VAL   A C   1 
ATOM   88   C  C   C VAL   A 1 5   ? 4.929   -9.774  0.167   0.24 31.00 ? 14  VAL   A C   1 
ATOM   89   C  C   D VAL   A 1 5   ? 4.929   -9.774  0.167   0.23 31.00 ? 14  VAL   A C   1 
ATOM   90   O  O   A VAL   A 1 5   ? 4.582   -8.708  0.587   0.27 26.94 ? 14  VAL   A O   1 
ATOM   91   O  O   B VAL   A 1 5   ? 4.583   -8.708  0.589   0.26 27.00 ? 14  VAL   A O   1 
ATOM   92   O  O   C VAL   A 1 5   ? 4.743   -8.694  0.754   0.24 28.64 ? 14  VAL   A O   1 
ATOM   93   O  O   D VAL   A 1 5   ? 4.744   -8.693  0.755   0.23 28.68 ? 14  VAL   A O   1 
ATOM   94   C  CB  A VAL   A 1 5   ? 2.770   -10.789 -0.977  0.27 33.11 ? 14  VAL   A CB  1 
ATOM   95   C  CB  B VAL   A 1 5   ? 2.770   -10.788 -0.978  0.26 33.05 ? 14  VAL   A CB  1 
ATOM   96   C  CB  C VAL   A 1 5   ? 2.727   -10.384 -0.953  0.24 34.96 ? 14  VAL   A CB  1 
ATOM   97   C  CB  D VAL   A 1 5   ? 2.728   -10.385 -0.954  0.23 34.90 ? 14  VAL   A CB  1 
ATOM   98   C  CG1 A VAL   A 1 5   ? 1.978   -9.498  -0.848  0.27 32.81 ? 14  VAL   A CG1 1 
ATOM   99   C  CG1 B VAL   A 1 5   ? 1.978   -9.497  -0.848  0.26 32.78 ? 14  VAL   A CG1 1 
ATOM   100  C  CG1 C VAL   A 1 5   ? 1.988   -9.098  -0.621  0.24 36.08 ? 14  VAL   A CG1 1 
ATOM   101  C  CG1 D VAL   A 1 5   ? 1.989   -9.098  -0.622  0.23 35.99 ? 14  VAL   A CG1 1 
ATOM   102  C  CG2 A VAL   A 1 5   ? 3.376   -10.928 -2.368  0.27 34.37 ? 14  VAL   A CG2 1 
ATOM   103  C  CG2 B VAL   A 1 5   ? 3.376   -10.928 -2.369  0.26 34.27 ? 14  VAL   A CG2 1 
ATOM   104  C  CG2 C VAL   A 1 5   ? 3.360   -10.296 -2.337  0.24 37.25 ? 14  VAL   A CG2 1 
ATOM   105  C  CG2 D VAL   A 1 5   ? 3.359   -10.297 -2.338  0.23 37.09 ? 14  VAL   A CG2 1 
ATOM   106  N  N   . GLN   A 1 6   ? 6.080   -10.131 -0.409  1.00 30.05 ? 15  GLN   A N   1 
ATOM   107  C  CA  . GLN   A 1 6   ? 7.198   -9.178  -0.570  1.00 32.22 ? 15  GLN   A CA  1 
ATOM   108  C  C   . GLN   A 1 6   ? 6.898   -8.366  -1.815  1.00 30.01 ? 15  GLN   A C   1 
ATOM   109  O  O   . GLN   A 1 6   ? 6.751   -8.953  -2.901  1.00 31.18 ? 15  GLN   A O   1 
ATOM   110  C  CB  . GLN   A 1 6   ? 8.505   -9.938  -0.746  1.00 34.77 ? 15  GLN   A CB  1 
ATOM   111  C  CG  . GLN   A 1 6   ? 9.079   -10.397 0.574   1.00 40.26 ? 15  GLN   A CG  1 
ATOM   112  C  CD  . GLN   A 1 6   ? 10.422  -11.064 0.415   1.00 44.27 ? 15  GLN   A CD  1 
ATOM   113  O  OE1 . GLN   A 1 6   ? 10.943  -11.200 -0.694  1.00 49.90 ? 15  GLN   A OE1 1 
ATOM   114  N  NE2 . GLN   A 1 6   ? 11.004  -11.453 1.535   1.00 45.77 ? 15  GLN   A NE2 1 
ATOM   115  N  N   A LEU   A 1 7   ? 6.779   -7.047  -1.670  0.27 29.34 ? 16  LEU   A N   1 
ATOM   116  N  N   B LEU   A 1 7   ? 6.779   -7.046  -1.670  0.26 29.36 ? 16  LEU   A N   1 
ATOM   117  N  N   C LEU   A 1 7   ? 6.823   -7.044  -1.652  0.24 30.09 ? 16  LEU   A N   1 
ATOM   118  N  N   D LEU   A 1 7   ? 6.823   -7.044  -1.654  0.23 30.11 ? 16  LEU   A N   1 
ATOM   119  C  CA  A LEU   A 1 7   ? 6.526   -6.126  -2.809  0.27 29.55 ? 16  LEU   A CA  1 
ATOM   120  C  CA  B LEU   A 1 7   ? 6.526   -6.126  -2.809  0.26 29.54 ? 16  LEU   A CA  1 
ATOM   121  C  CA  C LEU   A 1 7   ? 6.566   -6.088  -2.757  0.24 30.65 ? 16  LEU   A CA  1 
ATOM   122  C  CA  D LEU   A 1 7   ? 6.568   -6.088  -2.760  0.23 30.62 ? 16  LEU   A CA  1 
ATOM   123  C  C   A LEU   A 1 7   ? 7.545   -4.987  -2.774  0.27 27.97 ? 16  LEU   A C   1 
ATOM   124  C  C   B LEU   A 1 7   ? 7.546   -4.987  -2.773  0.26 27.99 ? 16  LEU   A C   1 
ATOM   125  C  C   C LEU   A 1 7   ? 7.640   -5.004  -2.758  0.24 28.76 ? 16  LEU   A C   1 
ATOM   126  C  C   D LEU   A 1 7   ? 7.643   -5.007  -2.761  0.23 28.76 ? 16  LEU   A C   1 
ATOM   127  O  O   A LEU   A 1 7   ? 7.973   -4.600  -1.677  0.27 26.63 ? 16  LEU   A O   1 
ATOM   128  O  O   B LEU   A 1 7   ? 7.969   -4.598  -1.673  0.26 26.58 ? 16  LEU   A O   1 
ATOM   129  O  O   C LEU   A 1 7   ? 8.155   -4.664  -1.681  0.24 27.01 ? 16  LEU   A O   1 
ATOM   130  O  O   D LEU   A 1 7   ? 8.144   -4.654  -1.682  0.23 26.97 ? 16  LEU   A O   1 
ATOM   131  C  CB  A LEU   A 1 7   ? 5.102   -5.573  -2.717  0.27 30.42 ? 16  LEU   A CB  1 
ATOM   132  C  CB  B LEU   A 1 7   ? 5.101   -5.573  -2.716  0.26 30.40 ? 16  LEU   A CB  1 
ATOM   133  C  CB  C LEU   A 1 7   ? 5.198   -5.437  -2.565  0.24 32.04 ? 16  LEU   A CB  1 
ATOM   134  C  CB  D LEU   A 1 7   ? 5.199   -5.436  -2.566  0.23 32.01 ? 16  LEU   A CB  1 
ATOM   135  C  CG  A LEU   A 1 7   ? 3.969   -6.599  -2.697  0.27 30.97 ? 16  LEU   A CG  1 
ATOM   136  C  CG  B LEU   A 1 7   ? 3.969   -6.599  -2.697  0.26 30.95 ? 16  LEU   A CG  1 
ATOM   137  C  CG  C LEU   A 1 7   ? 4.000   -6.379  -2.535  0.24 33.28 ? 16  LEU   A CG  1 
ATOM   138  C  CG  D LEU   A 1 7   ? 4.001   -6.379  -2.536  0.23 33.24 ? 16  LEU   A CG  1 
ATOM   139  C  CD1 A LEU   A 1 7   ? 2.652   -5.919  -2.380  0.27 31.94 ? 16  LEU   A CD1 1 
ATOM   140  C  CD1 B LEU   A 1 7   ? 2.651   -5.920  -2.380  0.26 31.89 ? 16  LEU   A CD1 1 
ATOM   141  C  CD1 C LEU   A 1 7   ? 2.751   -5.605  -2.162  0.24 34.84 ? 16  LEU   A CD1 1 
ATOM   142  C  CD1 D LEU   A 1 7   ? 2.751   -5.605  -2.162  0.23 34.75 ? 16  LEU   A CD1 1 
ATOM   143  C  CD2 A LEU   A 1 7   ? 3.862   -7.343  -4.023  0.27 31.19 ? 16  LEU   A CD2 1 
ATOM   144  C  CD2 B LEU   A 1 7   ? 3.864   -7.343  -4.023  0.26 31.17 ? 16  LEU   A CD2 1 
ATOM   145  C  CD2 C LEU   A 1 7   ? 3.814   -7.083  -3.874  0.24 34.16 ? 16  LEU   A CD2 1 
ATOM   146  C  CD2 D LEU   A 1 7   ? 3.815   -7.083  -3.873  0.23 34.09 ? 16  LEU   A CD2 1 
ATOM   147  N  N   A SER   A 1 8   ? 7.897   -4.466  -3.952  0.27 29.21 ? 17  SER   A N   1 
ATOM   148  N  N   B SER   A 1 8   ? 7.912   -4.472  -3.952  0.26 29.18 ? 17  SER   A N   1 
ATOM   149  N  N   C SER   A 1 8   ? 7.903   -4.449  -3.940  0.24 29.48 ? 17  SER   A N   1 
ATOM   150  N  N   D SER   A 1 8   ? 7.943   -4.478  -3.948  0.23 29.39 ? 17  SER   A N   1 
ATOM   151  C  CA  A SER   A 1 8   ? 8.711   -3.241  -4.137  0.27 28.71 ? 17  SER   A CA  1 
ATOM   152  C  CA  B SER   A 1 8   ? 8.707   -3.233  -4.125  0.26 28.56 ? 17  SER   A CA  1 
ATOM   153  C  CA  C SER   A 1 8   ? 8.720   -3.229  -4.134  0.24 28.89 ? 17  SER   A CA  1 
ATOM   154  C  CA  D SER   A 1 8   ? 8.720   -3.230  -4.127  0.23 28.74 ? 17  SER   A CA  1 
ATOM   155  C  C   A SER   A 1 8   ? 7.819   -2.191  -4.808  0.27 27.71 ? 17  SER   A C   1 
ATOM   156  C  C   B SER   A 1 8   ? 7.800   -2.201  -4.799  0.26 27.68 ? 17  SER   A C   1 
ATOM   157  C  C   C SER   A 1 8   ? 7.825   -2.186  -4.809  0.24 27.74 ? 17  SER   A C   1 
ATOM   158  C  C   D SER   A 1 8   ? 7.802   -2.203  -4.799  0.23 27.69 ? 17  SER   A C   1 
ATOM   159  O  O   A SER   A 1 8   ? 7.504   -2.378  -5.993  0.27 27.58 ? 17  SER   A O   1 
ATOM   160  O  O   B SER   A 1 8   ? 7.463   -2.408  -5.975  0.26 27.37 ? 17  SER   A O   1 
ATOM   161  O  O   C SER   A 1 8   ? 7.516   -2.373  -5.995  0.24 27.55 ? 17  SER   A O   1 
ATOM   162  O  O   D SER   A 1 8   ? 7.465   -2.409  -5.975  0.23 27.34 ? 17  SER   A O   1 
ATOM   163  C  CB  A SER   A 1 8   ? 9.963   -3.538  -4.925  0.27 32.73 ? 17  SER   A CB  1 
ATOM   164  C  CB  B SER   A 1 8   ? 9.967   -3.475  -4.910  0.26 32.34 ? 17  SER   A CB  1 
ATOM   165  C  CB  C SER   A 1 8   ? 9.967   -3.535  -4.925  0.24 32.57 ? 17  SER   A CB  1 
ATOM   166  C  CB  D SER   A 1 8   ? 9.978   -3.466  -4.915  0.23 32.18 ? 17  SER   A CB  1 
ATOM   167  O  OG  A SER   A 1 8   ? 10.995  -3.997  -4.059  0.27 34.01 ? 17  SER   A OG  1 
ATOM   168  O  OG  B SER   A 1 8   ? 10.848  -2.371  -4.758  0.26 33.18 ? 17  SER   A OG  1 
ATOM   169  O  OG  C SER   A 1 8   ? 10.999  -3.997  -4.063  0.24 33.86 ? 17  SER   A OG  1 
ATOM   170  O  OG  D SER   A 1 8   ? 10.859  -2.363  -4.760  0.23 33.08 ? 17  SER   A OG  1 
ATOM   171  N  N   . LEU   A 1 9   ? 7.353   -1.203  -4.032  1.00 25.26 ? 18  LEU   A N   1 
ATOM   172  C  CA  . LEU   A 1 9   ? 6.332   -0.241  -4.491  1.00 25.48 ? 18  LEU   A CA  1 
ATOM   173  C  C   . LEU   A 1 9   ? 7.040   0.978   -5.041  1.00 23.21 ? 18  LEU   A C   1 
ATOM   174  O  O   . LEU   A 1 9   ? 7.909   1.525   -4.379  1.00 23.27 ? 18  LEU   A O   1 
ATOM   175  C  CB  . LEU   A 1 9   ? 5.430   0.175   -3.336  1.00 23.99 ? 18  LEU   A CB  1 
ATOM   176  C  CG  . LEU   A 1 9   ? 4.651   -0.969  -2.694  1.00 24.05 ? 18  LEU   A CG  1 
ATOM   177  C  CD1 . LEU   A 1 9   ? 3.850   -0.396  -1.583  1.00 26.04 ? 18  LEU   A CD1 1 
ATOM   178  C  CD2 . LEU   A 1 9   ? 3.752   -1.679  -3.672  1.00 27.79 ? 18  LEU   A CD2 1 
ATOM   179  N  N   . PRO   A 1 10  ? 6.655   1.419   -6.250  1.00 21.52 ? 19  PRO   A N   1 
ATOM   180  C  CA  . PRO   A 1 10  ? 7.213   2.654   -6.798  1.00 19.64 ? 19  PRO   A CA  1 
ATOM   181  C  C   . PRO   A 1 10  ? 6.689   3.857   -6.006  1.00 20.34 ? 19  PRO   A C   1 
ATOM   182  O  O   . PRO   A 1 10  ? 5.481   3.957   -5.767  1.00 19.36 ? 19  PRO   A O   1 
ATOM   183  C  CB  . PRO   A 1 10  ? 6.715   2.726   -8.223  1.00 21.75 ? 19  PRO   A CB  1 
ATOM   184  C  CG  . PRO   A 1 10  ? 5.493   1.816   -8.275  1.00 26.33 ? 19  PRO   A CG  1 
ATOM   185  C  CD  . PRO   A 1 10  ? 5.700   0.788   -7.171  1.00 23.20 ? 19  PRO   A CD  1 
ATOM   186  N  N   . VAL   A 1 11  ? 7.604   4.721   -5.578  1.00 20.65 ? 20  VAL   A N   1 
ATOM   187  C  CA  . VAL   A 1 11  ? 7.301   5.958   -4.815  1.00 18.82 ? 20  VAL   A CA  1 
ATOM   188  C  C   . VAL   A 1 11  ? 7.086   7.076   -5.849  1.00 20.23 ? 20  VAL   A C   1 
ATOM   189  O  O   . VAL   A 1 11  ? 8.022   7.357   -6.646  1.00 20.63 ? 20  VAL   A O   1 
ATOM   190  C  CB  . VAL   A 1 11  ? 8.406   6.308   -3.813  1.00 22.14 ? 20  VAL   A CB  1 
ATOM   191  C  CG1 . VAL   A 1 11  ? 8.056   7.570   -3.075  1.00 21.26 ? 20  VAL   A CG1 1 
ATOM   192  C  CG2 . VAL   A 1 11  ? 8.660   5.172   -2.821  1.00 23.67 ? 20  VAL   A CG2 1 
ATOM   193  N  N   . LEU   A 1 12  ? 5.889   7.647   -5.861  1.00 20.09 ? 21  LEU   A N   1 
ATOM   194  C  CA  . LEU   A 1 12  ? 5.497   8.674   -6.866  1.00 20.44 ? 21  LEU   A CA  1 
ATOM   195  C  C   . LEU   A 1 12  ? 5.436   10.038  -6.203  1.00 20.47 ? 21  LEU   A C   1 
ATOM   196  O  O   . LEU   A 1 12  ? 5.045   10.162  -5.075  1.00 23.11 ? 21  LEU   A O   1 
ATOM   197  C  CB  . LEU   A 1 12  ? 4.134   8.293   -7.429  1.00 18.99 ? 21  LEU   A CB  1 
ATOM   198  C  CG  . LEU   A 1 12  ? 4.018   6.862   -7.950  1.00 18.54 ? 21  LEU   A CG  1 
ATOM   199  C  CD1 . LEU   A 1 12  ? 2.659   6.622   -8.552  1.00 21.33 ? 21  LEU   A CD1 1 
ATOM   200  C  CD2 . LEU   A 1 12  ? 5.067   6.572   -9.003  1.00 21.18 ? 21  LEU   A CD2 1 
ATOM   201  N  N   A GLN   A 1 13  ? 5.814   11.084  -6.933  0.21 21.77 ? 22  GLN   A N   1 
ATOM   202  N  N   B GLN   A 1 13  ? 5.770   11.069  -6.970  0.28 21.99 ? 22  GLN   A N   1 
ATOM   203  N  N   C GLN   A 1 13  ? 5.814   11.084  -6.933  0.21 21.77 ? 22  GLN   A N   1 
ATOM   204  N  N   D GLN   A 1 13  ? 5.770   11.069  -6.970  0.28 21.99 ? 22  GLN   A N   1 
ATOM   205  C  CA  A GLN   A 1 13  ? 5.582   12.481  -6.482  0.21 22.38 ? 22  GLN   A CA  1 
ATOM   206  C  CA  B GLN   A 1 13  ? 5.541   12.482  -6.578  0.28 22.93 ? 22  GLN   A CA  1 
ATOM   207  C  CA  C GLN   A 1 13  ? 5.582   12.481  -6.482  0.21 22.38 ? 22  GLN   A CA  1 
ATOM   208  C  CA  D GLN   A 1 13  ? 5.541   12.482  -6.578  0.28 22.93 ? 22  GLN   A CA  1 
ATOM   209  C  C   A GLN   A 1 13  ? 4.091   12.780  -6.684  0.21 21.03 ? 22  GLN   A C   1 
ATOM   210  C  C   B GLN   A 1 13  ? 4.044   12.764  -6.697  0.28 20.88 ? 22  GLN   A C   1 
ATOM   211  C  C   C GLN   A 1 13  ? 4.091   12.780  -6.684  0.21 21.03 ? 22  GLN   A C   1 
ATOM   212  C  C   D GLN   A 1 13  ? 4.044   12.764  -6.697  0.28 20.88 ? 22  GLN   A C   1 
ATOM   213  O  O   A GLN   A 1 13  ? 3.546   12.414  -7.754  0.21 21.13 ? 22  GLN   A O   1 
ATOM   214  O  O   B GLN   A 1 13  ? 3.447   12.402  -7.740  0.28 20.26 ? 22  GLN   A O   1 
ATOM   215  O  O   C GLN   A 1 13  ? 3.546   12.414  -7.754  0.21 21.13 ? 22  GLN   A O   1 
ATOM   216  O  O   D GLN   A 1 13  ? 3.447   12.402  -7.740  0.28 20.26 ? 22  GLN   A O   1 
ATOM   217  C  CB  A GLN   A 1 13  ? 6.512   13.442  -7.223  0.21 23.83 ? 22  GLN   A CB  1 
ATOM   218  C  CB  B GLN   A 1 13  ? 6.356   13.393  -7.488  0.28 24.50 ? 22  GLN   A CB  1 
ATOM   219  C  CB  C GLN   A 1 13  ? 6.512   13.442  -7.223  0.21 23.83 ? 22  GLN   A CB  1 
ATOM   220  C  CB  D GLN   A 1 13  ? 6.356   13.393  -7.488  0.28 24.50 ? 22  GLN   A CB  1 
ATOM   221  C  CG  A GLN   A 1 13  ? 7.909   13.515  -6.619  0.21 25.38 ? 22  GLN   A CG  1 
ATOM   222  C  CG  B GLN   A 1 13  ? 7.770   12.890  -7.693  0.28 27.05 ? 22  GLN   A CG  1 
ATOM   223  C  CG  C GLN   A 1 13  ? 7.909   13.515  -6.619  0.21 25.38 ? 22  GLN   A CG  1 
ATOM   224  C  CG  D GLN   A 1 13  ? 7.770   12.890  -7.693  0.28 27.05 ? 22  GLN   A CG  1 
ATOM   225  C  CD  A GLN   A 1 13  ? 7.964   14.203  -5.274  0.21 27.86 ? 22  GLN   A CD  1 
ATOM   226  C  CD  B GLN   A 1 13  ? 8.660   13.978  -8.229  0.28 31.33 ? 22  GLN   A CD  1 
ATOM   227  C  CD  C GLN   A 1 13  ? 7.964   14.203  -5.274  0.21 27.86 ? 22  GLN   A CD  1 
ATOM   228  C  CD  D GLN   A 1 13  ? 8.660   13.978  -8.229  0.28 31.33 ? 22  GLN   A CD  1 
ATOM   229  O  OE1 A GLN   A 1 13  ? 7.058   14.936  -4.883  0.21 30.59 ? 22  GLN   A OE1 1 
ATOM   230  O  OE1 B GLN   A 1 13  ? 9.045   13.968  -9.402  0.28 37.21 ? 22  GLN   A OE1 1 
ATOM   231  O  OE1 C GLN   A 1 13  ? 7.058   14.936  -4.883  0.21 30.59 ? 22  GLN   A OE1 1 
ATOM   232  O  OE1 D GLN   A 1 13  ? 9.045   13.968  -9.402  0.28 37.21 ? 22  GLN   A OE1 1 
ATOM   233  N  NE2 A GLN   A 1 13  ? 9.047   13.977  -4.550  0.21 31.87 ? 22  GLN   A NE2 1 
ATOM   234  N  NE2 B GLN   A 1 13  ? 8.968   14.935  -7.363  0.28 33.89 ? 22  GLN   A NE2 1 
ATOM   235  N  NE2 C GLN   A 1 13  ? 9.047   13.977  -4.550  0.21 31.87 ? 22  GLN   A NE2 1 
ATOM   236  N  NE2 D GLN   A 1 13  ? 8.968   14.935  -7.363  0.28 33.89 ? 22  GLN   A NE2 1 
ATOM   237  N  N   . VAL   A 1 14  ? 3.459   13.408  -5.689  1.00 20.51 ? 23  VAL   A N   1 
ATOM   238  C  CA  . VAL   A 1 14  ? 2.006   13.670  -5.674  1.00 20.65 ? 23  VAL   A CA  1 
ATOM   239  C  C   . VAL   A 1 14  ? 1.548   14.397  -6.935  1.00 20.18 ? 23  VAL   A C   1 
ATOM   240  O  O   . VAL   A 1 14  ? 0.524   14.015  -7.478  1.00 21.88 ? 23  VAL   A O   1 
ATOM   241  C  CB  . VAL   A 1 14  ? 1.533   14.358  -4.377  1.00 22.40 ? 23  VAL   A CB  1 
ATOM   242  C  CG1 . VAL   A 1 14  ? 2.077   15.762  -4.254  1.00 23.88 ? 23  VAL   A CG1 1 
ATOM   243  C  CG2 . VAL   A 1 14  ? 0.048   14.355  -4.255  1.00 23.78 ? 23  VAL   A CG2 1 
ATOM   244  N  N   . ARG   A 1 15  ? 2.325   15.365  -7.429  1.00 20.03 ? 24  ARG   A N   1 
ATOM   245  C  CA  . ARG   A 1 15  ? 1.910   16.140  -8.633  1.00 21.38 ? 24  ARG   A CA  1 
ATOM   246  C  C   . ARG   A 1 15  ? 1.987   15.354  -9.938  1.00 19.57 ? 24  ARG   A C   1 
ATOM   247  O  O   . ARG   A 1 15  ? 1.340   15.783  -10.941 1.00 22.49 ? 24  ARG   A O   1 
ATOM   248  C  CB  . ARG   A 1 15  ? 2.722   17.429  -8.744  1.00 22.68 ? 24  ARG   A CB  1 
ATOM   249  C  CG  . ARG   A 1 15  ? 2.411   18.350  -7.584  1.00 27.34 ? 24  ARG   A CG  1 
ATOM   250  C  CD  . ARG   A 1 15  ? 3.119   19.686  -7.753  1.00 28.94 ? 24  ARG   A CD  1 
ATOM   251  N  NE  . ARG   A 1 15  ? 2.830   20.583  -6.635  1.00 32.89 ? 24  ARG   A NE  1 
ATOM   252  C  CZ  . ARG   A 1 15  ? 1.732   21.308  -6.512  1.00 34.11 ? 24  ARG   A CZ  1 
ATOM   253  N  NH1 . ARG   A 1 15  ? 0.809   21.291  -7.470  1.00 39.58 ? 24  ARG   A NH1 1 
ATOM   254  N  NH2 . ARG   A 1 15  ? 1.555   22.060  -5.439  1.00 33.72 ? 24  ARG   A NH2 1 
ATOM   255  N  N   . ASP   A 1 16  ? 2.600   14.176  -9.929  1.00 20.27 ? 25  ASP   A N   1 
ATOM   256  C  CA  . ASP   A 1 16  ? 2.611   13.282  -11.105 1.00 20.50 ? 25  ASP   A CA  1 
ATOM   257  C  C   . ASP   A 1 16  ? 1.406   12.350  -11.124 1.00 21.98 ? 25  ASP   A C   1 
ATOM   258  O  O   . ASP   A 1 16  ? 1.109   11.783  -12.185 1.00 21.77 ? 25  ASP   A O   1 
ATOM   259  C  CB  . ASP   A 1 16  ? 3.887   12.472  -11.147 1.00 19.71 ? 25  ASP   A CB  1 
ATOM   260  C  CG  . ASP   A 1 16  ? 5.112   13.246  -11.582 1.00 25.96 ? 25  ASP   A CG  1 
ATOM   261  O  OD1 . ASP   A 1 16  ? 4.947   14.313  -12.164 1.00 25.34 ? 25  ASP   A OD1 1 
ATOM   262  O  OD2 . ASP   A 1 16  ? 6.195   12.714  -11.391 1.00 28.94 ? 25  ASP   A OD2 1 
ATOM   263  N  N   . VAL   A 1 17  ? 0.737   12.144  -9.998  1.00 20.65 ? 26  VAL   A N   1 
ATOM   264  C  CA  . VAL   A 1 17  ? -0.250  11.058  -9.924  1.00 20.54 ? 26  VAL   A CA  1 
ATOM   265  C  C   . VAL   A 1 17  ? -1.464  11.368  -10.804 1.00 19.86 ? 26  VAL   A C   1 
ATOM   266  O  O   . VAL   A 1 17  ? -2.073  12.433  -10.633 1.00 21.17 ? 26  VAL   A O   1 
ATOM   267  C  CB  . VAL   A 1 17  ? -0.655  10.789  -8.461  1.00 19.07 ? 26  VAL   A CB  1 
ATOM   268  C  CG1 . VAL   A 1 17  ? -1.798  9.782   -8.355  1.00 19.39 ? 26  VAL   A CG1 1 
ATOM   269  C  CG2 . VAL   A 1 17  ? 0.563   10.300  -7.696  1.00 20.26 ? 26  VAL   A CG2 1 
ATOM   270  N  N   . LEU   A 1 18  ? -1.770  10.481  -11.739 1.00 20.14 ? 27  LEU   A N   1 
ATOM   271  C  CA  . LEU   A 1 18  ? -2.912  10.713  -12.634 1.00 19.79 ? 27  LEU   A CA  1 
ATOM   272  C  C   . LEU   A 1 18  ? -4.218  10.248  -12.022 1.00 19.59 ? 27  LEU   A C   1 
ATOM   273  O  O   . LEU   A 1 18  ? -5.272  10.844  -12.346 1.00 22.77 ? 27  LEU   A O   1 
ATOM   274  C  CB  . LEU   A 1 18  ? -2.661  9.963   -13.932 1.00 21.40 ? 27  LEU   A CB  1 
ATOM   275  C  CG  . LEU   A 1 18  ? -1.437  10.417  -14.691 1.00 26.45 ? 27  LEU   A CG  1 
ATOM   276  C  CD1 . LEU   A 1 18  ? -1.281  9.644   -15.983 1.00 26.99 ? 27  LEU   A CD1 1 
ATOM   277  C  CD2 . LEU   A 1 18  ? -1.485  11.921  -14.929 1.00 27.31 ? 27  LEU   A CD2 1 
ATOM   278  N  N   . VAL   A 1 19  ? -4.210  9.184   -11.245 1.00 20.67 ? 28  VAL   A N   1 
ATOM   279  C  CA  . VAL   A 1 19  ? -5.458  8.627   -10.656 1.00 20.55 ? 28  VAL   A CA  1 
ATOM   280  C  C   . VAL   A 1 19  ? -5.294  8.719   -9.151  1.00 20.19 ? 28  VAL   A C   1 
ATOM   281  O  O   . VAL   A 1 19  ? -4.475  7.970   -8.593  1.00 21.19 ? 28  VAL   A O   1 
ATOM   282  C  CB  . VAL   A 1 19  ? -5.748  7.209   -11.136 1.00 20.53 ? 28  VAL   A CB  1 
ATOM   283  C  CG1 . VAL   A 1 19  ? -7.083  6.728   -10.613 1.00 22.55 ? 28  VAL   A CG1 1 
ATOM   284  C  CG2 . VAL   A 1 19  ? -5.703  7.104   -12.655 1.00 20.00 ? 28  VAL   A CG2 1 
ATOM   285  N  N   . ARG   A 1 20  ? -6.024  9.617   -8.503  1.00 20.87 ? 29  ARG   A N   1 
ATOM   286  C  CA  . ARG   A 1 20  ? -5.570  10.131  -7.190  1.00 20.98 ? 29  ARG   A CA  1 
ATOM   287  C  C   . ARG   A 1 20  ? -6.292  9.410   -6.046  1.00 22.09 ? 29  ARG   A C   1 
ATOM   288  O  O   . ARG   A 1 20  ? -6.167  9.860   -4.909  1.00 21.65 ? 29  ARG   A O   1 
ATOM   289  C  CB  . ARG   A 1 20  ? -5.811  11.635  -7.115  1.00 24.23 ? 29  ARG   A CB  1 
ATOM   290  C  CG  . ARG   A 1 20  ? -4.848  12.383  -8.020  1.00 26.96 ? 29  ARG   A CG  1 
ATOM   291  C  CD  . ARG   A 1 20  ? -4.977  13.869  -8.058  1.00 33.46 ? 29  ARG   A CD  1 
ATOM   292  N  NE  . ARG   A 1 20  ? -3.855  14.287  -8.881  1.00 43.90 ? 29  ARG   A NE  1 
ATOM   293  C  CZ  . ARG   A 1 20  ? -2.622  14.573  -8.442  1.00 40.57 ? 29  ARG   A CZ  1 
ATOM   294  N  NH1 . ARG   A 1 20  ? -2.350  14.592  -7.154  1.00 52.73 ? 29  ARG   A NH1 1 
ATOM   295  N  NH2 . ARG   A 1 20  ? -1.697  14.924  -9.309  1.00 38.74 ? 29  ARG   A NH2 1 
ATOM   296  N  N   . GLY   A 1 21  ? -6.913  8.280   -6.330  1.00 21.48 ? 30  GLY   A N   1 
ATOM   297  C  CA  . GLY   A 1 21  ? -7.485  7.386   -5.313  1.00 21.13 ? 30  GLY   A CA  1 
ATOM   298  C  C   . GLY   A 1 21  ? -8.008  6.141   -5.943  1.00 22.91 ? 30  GLY   A C   1 
ATOM   299  O  O   . GLY   A 1 21  ? -7.986  6.030   -7.169  1.00 21.59 ? 30  GLY   A O   1 
ATOM   300  N  N   . PHE   A 1 22  ? -8.541  5.255   -5.109  1.00 20.68 ? 31  PHE   A N   1 
ATOM   301  C  CA  . PHE   A 1 22  ? -8.996  3.920   -5.516  1.00 20.18 ? 31  PHE   A CA  1 
ATOM   302  C  C   . PHE   A 1 22  ? -10.523 3.827   -5.606  1.00 25.48 ? 31  PHE   A C   1 
ATOM   303  O  O   . PHE   A 1 22  ? -11.000 2.830   -6.109  1.00 29.36 ? 31  PHE   A O   1 
ATOM   304  C  CB  . PHE   A 1 22  ? -8.487  2.900   -4.513  1.00 21.21 ? 31  PHE   A CB  1 
ATOM   305  C  CG  . PHE   A 1 22  ? -7.040  2.559   -4.706  1.00 19.94 ? 31  PHE   A CG  1 
ATOM   306  C  CD1 . PHE   A 1 22  ? -6.595  1.875   -5.826  1.00 18.72 ? 31  PHE   A CD1 1 
ATOM   307  C  CD2 . PHE   A 1 22  ? -6.123  2.881   -3.735  1.00 22.26 ? 31  PHE   A CD2 1 
ATOM   308  C  CE1 . PHE   A 1 22  ? -5.256  1.544   -5.956  1.00 19.42 ? 31  PHE   A CE1 1 
ATOM   309  C  CE2 . PHE   A 1 22  ? -4.779  2.551   -3.875  1.00 21.24 ? 31  PHE   A CE2 1 
ATOM   310  C  CZ  . PHE   A 1 22  ? -4.352  1.863   -4.978  1.00 20.49 ? 31  PHE   A CZ  1 
ATOM   311  N  N   . GLY   A 1 23  ? -11.271 4.842   -5.218  1.00 23.63 ? 32  GLY   A N   1 
ATOM   312  C  CA  . GLY   A 1 23  ? -12.740 4.772   -5.338  1.00 24.48 ? 32  GLY   A CA  1 
ATOM   313  C  C   . GLY   A 1 23  ? -13.410 5.538   -4.212  1.00 21.88 ? 32  GLY   A C   1 
ATOM   314  O  O   . GLY   A 1 23  ? -12.834 6.508   -3.708  1.00 24.20 ? 32  GLY   A O   1 
ATOM   315  N  N   . ASP   A 1 24  ? -14.650 5.168   -3.931  1.00 24.34 ? 33  ASP   A N   1 
ATOM   316  C  CA  . ASP   A 1 24  ? -15.631 6.128   -3.368  1.00 26.21 ? 33  ASP   A CA  1 
ATOM   317  C  C   . ASP   A 1 24  ? -16.075 5.728   -1.971  1.00 28.37 ? 33  ASP   A C   1 
ATOM   318  O  O   . ASP   A 1 24  ? -16.926 6.433   -1.432  1.00 30.29 ? 33  ASP   A O   1 
ATOM   319  C  CB  . ASP   A 1 24  ? -16.835 6.229   -4.305  1.00 26.53 ? 33  ASP   A CB  1 
ATOM   320  C  CG  . ASP   A 1 24  ? -16.460 6.786   -5.678  1.00 33.03 ? 33  ASP   A CG  1 
ATOM   321  O  OD1 . ASP   A 1 24  ? -15.408 7.418   -5.778  1.00 31.84 ? 33  ASP   A OD1 1 
ATOM   322  O  OD2 . ASP   A 1 24  ? -17.261 6.625   -6.603  1.00 37.22 ? 33  ASP   A OD2 1 
ATOM   323  N  N   . SER   A 1 25  ? -15.628 4.589   -1.463  1.00 25.52 ? 34  SER   A N   1 
ATOM   324  C  CA  . SER   A 1 25  ? -16.061 4.085   -0.135  1.00 26.34 ? 34  SER   A CA  1 
ATOM   325  C  C   . SER   A 1 25  ? -14.858 3.418   0.510   1.00 25.99 ? 34  SER   A C   1 
ATOM   326  O  O   . SER   A 1 25  ? -13.933 3.040   -0.186  1.00 23.32 ? 34  SER   A O   1 
ATOM   327  C  CB  . SER   A 1 25  ? -17.206 3.119   -0.216  1.00 24.70 ? 34  SER   A CB  1 
ATOM   328  O  OG  . SER   A 1 25  ? -16.851 1.888   -0.804  1.00 26.35 ? 34  SER   A OG  1 
ATOM   329  N  N   . VAL   A 1 26  ? -14.883 3.310   1.832   1.00 28.94 ? 35  VAL   A N   1 
ATOM   330  C  CA  . VAL   A 1 26  ? -13.777 2.669   2.579   1.00 26.56 ? 35  VAL   A CA  1 
ATOM   331  C  C   . VAL   A 1 26  ? -13.616 1.235   2.056   1.00 24.58 ? 35  VAL   A C   1 
ATOM   332  O  O   . VAL   A 1 26  ? -12.465 0.774   1.787   1.00 24.31 ? 35  VAL   A O   1 
ATOM   333  C  CB  . VAL   A 1 26  ? -14.091 2.728   4.086   1.00 28.42 ? 35  VAL   A CB  1 
ATOM   334  C  CG1 . VAL   A 1 26  ? -13.251 1.722   4.837   1.00 29.83 ? 35  VAL   A CG1 1 
ATOM   335  C  CG2 . VAL   A 1 26  ? -13.930 4.129   4.634   1.00 29.04 ? 35  VAL   A CG2 1 
ATOM   336  N  N   . GLU   A 1 27  ? -14.718 0.491   1.899   1.00 25.46 ? 36  GLU   A N   1 
ATOM   337  C  CA  . GLU   A 1 27  ? -14.610 -0.923  1.483   1.00 25.27 ? 36  GLU   A CA  1 
ATOM   338  C  C   . GLU   A 1 27  ? -14.059 -1.007  0.052   1.00 25.48 ? 36  GLU   A C   1 
ATOM   339  O  O   . GLU   A 1 27  ? -13.300 -1.949  -0.228  1.00 25.19 ? 36  GLU   A O   1 
ATOM   340  C  CB  . GLU   A 1 27  ? -15.963 -1.620  1.618   1.00 30.08 ? 36  GLU   A CB  1 
ATOM   341  C  CG  . GLU   A 1 27  ? -16.448 -1.705  3.053   1.00 33.92 ? 36  GLU   A CG  1 
ATOM   342  C  CD  . GLU   A 1 27  ? -17.951 -1.920  3.064   1.00 39.54 ? 36  GLU   A CD  1 
ATOM   343  O  OE1 . GLU   A 1 27  ? -18.659 -0.921  3.066   1.00 52.87 ? 36  GLU   A OE1 1 
ATOM   344  O  OE2 . GLU   A 1 27  ? -18.391 -3.060  2.978   1.00 49.02 ? 36  GLU   A OE2 1 
ATOM   345  N  N   . GLU   A 1 28  ? -14.482 -0.100  -0.830  1.00 23.69 ? 37  GLU   A N   1 
ATOM   346  C  CA  . GLU   A 1 28  ? -14.031 -0.145  -2.244  1.00 24.01 ? 37  GLU   A CA  1 
ATOM   347  C  C   . GLU   A 1 28  ? -12.531 0.160   -2.313  1.00 20.28 ? 37  GLU   A C   1 
ATOM   348  O  O   . GLU   A 1 28  ? -11.825 -0.504  -3.061  1.00 19.96 ? 37  GLU   A O   1 
ATOM   349  C  CB  . GLU   A 1 28  ? -14.777 0.839   -3.127  1.00 23.15 ? 37  GLU   A CB  1 
ATOM   350  C  CG  . GLU   A 1 28  ? -14.303 0.740   -4.568  1.00 23.31 ? 37  GLU   A CG  1 
ATOM   351  C  CD  . GLU   A 1 28  ? -15.009 1.655   -5.543  1.00 24.76 ? 37  GLU   A CD  1 
ATOM   352  O  OE1 . GLU   A 1 28  ? -15.612 2.657   -5.100  1.00 24.78 ? 37  GLU   A OE1 1 
ATOM   353  O  OE2 . GLU   A 1 28  ? -14.996 1.274   -6.762  1.00 26.55 ? 37  GLU   A OE2 1 
ATOM   354  N  N   . VAL   A 1 29  ? -12.071 1.142   -1.565  1.00 20.71 ? 38  VAL   A N   1 
ATOM   355  C  CA  . VAL   A 1 29  ? -10.661 1.584   -1.717  1.00 20.98 ? 38  VAL   A CA  1 
ATOM   356  C  C   . VAL   A 1 29  ? -9.729  0.522   -1.152  1.00 21.16 ? 38  VAL   A C   1 
ATOM   357  O  O   . VAL   A 1 29  ? -8.715  0.254   -1.767  1.00 21.07 ? 38  VAL   A O   1 
ATOM   358  C  CB  . VAL   A 1 29  ? -10.332 2.973   -1.145  1.00 20.64 ? 38  VAL   A CB  1 
ATOM   359  C  CG1 . VAL   A 1 29  ? -11.173 4.078   -1.796  1.00 22.02 ? 38  VAL   A CG1 1 
ATOM   360  C  CG2 . VAL   A 1 29  ? -10.422 3.077   0.368   1.00 21.14 ? 38  VAL   A CG2 1 
ATOM   361  N  N   . LEU   A 1 30  ? -10.096 -0.136  -0.055  1.00 22.61 ? 39  LEU   A N   1 
ATOM   362  C  CA  . LEU   A 1 30  ? -9.274  -1.254  0.457   1.00 22.22 ? 39  LEU   A CA  1 
ATOM   363  C  C   . LEU   A 1 30  ? -9.280  -2.428  -0.529  1.00 22.18 ? 39  LEU   A C   1 
ATOM   364  O  O   . LEU   A 1 30  ? -8.248  -3.050  -0.726  1.00 21.94 ? 39  LEU   A O   1 
ATOM   365  C  CB  . LEU   A 1 30  ? -9.819  -1.668  1.822   1.00 26.09 ? 39  LEU   A CB  1 
ATOM   366  C  CG  . LEU   A 1 30  ? -9.506  -0.709  2.963   1.00 26.14 ? 39  LEU   A CG  1 
ATOM   367  C  CD1 . LEU   A 1 30  ? -10.387 -1.042  4.157   1.00 26.66 ? 39  LEU   A CD1 1 
ATOM   368  C  CD2 . LEU   A 1 30  ? -8.043  -0.773  3.359   1.00 29.84 ? 39  LEU   A CD2 1 
ATOM   369  N  N   A SER   A 1 31  ? -10.438 -2.720  -1.124  0.27 21.08 ? 40  SER   A N   1 
ATOM   370  N  N   B SER   A 1 31  ? -10.428 -2.722  -1.140  0.26 23.62 ? 40  SER   A N   1 
ATOM   371  N  N   C SER   A 1 31  ? -10.438 -2.720  -1.125  0.24 21.11 ? 40  SER   A N   1 
ATOM   372  N  N   D SER   A 1 31  ? -10.428 -2.720  -1.140  0.23 23.61 ? 40  SER   A N   1 
ATOM   373  C  CA  A SER   A 1 31  ? -10.613 -3.766  -2.165  0.27 20.18 ? 40  SER   A CA  1 
ATOM   374  C  CA  B SER   A 1 31  ? -10.583 -3.789  -2.164  0.26 24.26 ? 40  SER   A CA  1 
ATOM   375  C  CA  C SER   A 1 31  ? -10.613 -3.767  -2.164  0.24 20.24 ? 40  SER   A CA  1 
ATOM   376  C  CA  D SER   A 1 31  ? -10.584 -3.788  -2.162  0.23 24.23 ? 40  SER   A CA  1 
ATOM   377  C  C   A SER   A 1 31  ? -9.699  -3.489  -3.365  0.27 20.59 ? 40  SER   A C   1 
ATOM   378  C  C   B SER   A 1 31  ? -9.702  -3.498  -3.383  0.26 22.83 ? 40  SER   A C   1 
ATOM   379  C  C   C SER   A 1 31  ? -9.701  -3.490  -3.363  0.24 20.63 ? 40  SER   A C   1 
ATOM   380  C  C   D SER   A 1 31  ? -9.701  -3.497  -3.381  0.23 22.84 ? 40  SER   A C   1 
ATOM   381  O  O   A SER   A 1 31  ? -8.921  -4.381  -3.749  0.27 20.00 ? 40  SER   A O   1 
ATOM   382  O  O   B SER   A 1 31  ? -8.936  -4.391  -3.797  0.26 21.99 ? 40  SER   A O   1 
ATOM   383  O  O   C SER   A 1 31  ? -8.925  -4.384  -3.750  0.24 19.97 ? 40  SER   A O   1 
ATOM   384  O  O   D SER   A 1 31  ? -8.941  -4.394  -3.798  0.23 21.96 ? 40  SER   A O   1 
ATOM   385  C  CB  A SER   A 1 31  ? -12.049 -3.865  -2.609  0.27 20.30 ? 40  SER   A CB  1 
ATOM   386  C  CB  B SER   A 1 31  ? -12.023 -3.938  -2.559  0.26 27.14 ? 40  SER   A CB  1 
ATOM   387  C  CB  C SER   A 1 31  ? -12.049 -3.866  -2.608  0.24 20.30 ? 40  SER   A CB  1 
ATOM   388  C  CB  D SER   A 1 31  ? -12.024 -3.939  -2.557  0.23 26.98 ? 40  SER   A CB  1 
ATOM   389  O  OG  A SER   A 1 31  ? -12.180 -4.894  -3.568  0.27 17.83 ? 40  SER   A OG  1 
ATOM   390  O  OG  B SER   A 1 31  ? -12.791 -4.309  -1.424  0.26 31.81 ? 40  SER   A OG  1 
ATOM   391  O  OG  C SER   A 1 31  ? -12.181 -4.893  -3.569  0.24 18.01 ? 40  SER   A OG  1 
ATOM   392  O  OG  D SER   A 1 31  ? -12.793 -4.314  -1.426  0.23 31.35 ? 40  SER   A OG  1 
ATOM   393  N  N   . GLU   A 1 32  ? -9.795  -2.282  -3.921  1.00 21.35 ? 41  GLU   A N   1 
ATOM   394  C  CA  . GLU   A 1 32  ? -9.040  -1.902  -5.141  1.00 21.39 ? 41  GLU   A CA  1 
ATOM   395  C  C   . GLU   A 1 32  ? -7.544  -1.809  -4.824  1.00 20.89 ? 41  GLU   A C   1 
ATOM   396  O  O   . GLU   A 1 32  ? -6.770  -2.215  -5.682  1.00 21.68 ? 41  GLU   A O   1 
ATOM   397  C  CB  . GLU   A 1 32  ? -9.595  -0.578  -5.673  1.00 22.88 ? 41  GLU   A CB  1 
ATOM   398  C  CG  . GLU   A 1 32  ? -10.922 -0.765  -6.386  1.00 23.07 ? 41  GLU   A CG  1 
ATOM   399  C  CD  . GLU   A 1 32  ? -10.818 -1.580  -7.647  1.00 30.89 ? 41  GLU   A CD  1 
ATOM   400  O  OE1 . GLU   A 1 32  ? -9.732  -1.633  -8.208  1.00 35.85 ? 41  GLU   A OE1 1 
ATOM   401  O  OE2 . GLU   A 1 32  ? -11.796 -2.189  -8.020  1.00 30.47 ? 41  GLU   A OE2 1 
ATOM   402  N  N   . ALA   A 1 33  ? -7.194  -1.305  -3.652  1.00 20.54 ? 42  ALA   A N   1 
ATOM   403  C  CA  . ALA   A 1 33  ? -5.778  -1.243  -3.225  1.00 19.85 ? 42  ALA   A CA  1 
ATOM   404  C  C   . ALA   A 1 33  ? -5.211  -2.667  -3.264  1.00 21.69 ? 42  ALA   A C   1 
ATOM   405  O  O   . ALA   A 1 33  ? -4.154  -2.902  -3.876  1.00 22.20 ? 42  ALA   A O   1 
ATOM   406  C  CB  . ALA   A 1 33  ? -5.631  -0.516  -1.916  1.00 21.59 ? 42  ALA   A CB  1 
ATOM   407  N  N   . ARG   A 1 34  ? -5.909  -3.622  -2.658  1.00 23.63 ? 43  ARG   A N   1 
ATOM   408  C  CA  . ARG   A 1 34  ? -5.421  -5.012  -2.629  1.00 24.08 ? 43  ARG   A CA  1 
ATOM   409  C  C   . ARG   A 1 34  ? -5.299  -5.584  -4.038  1.00 22.97 ? 43  ARG   A C   1 
ATOM   410  O  O   . ARG   A 1 34  ? -4.300  -6.243  -4.340  1.00 24.47 ? 43  ARG   A O   1 
ATOM   411  C  CB  . ARG   A 1 34  ? -6.353  -5.868  -1.760  1.00 25.88 ? 43  ARG   A CB  1 
ATOM   412  C  CG  . ARG   A 1 34  ? -6.329  -5.472  -0.306  1.00 26.64 ? 43  ARG   A CG  1 
ATOM   413  C  CD  . ARG   A 1 34  ? -7.128  -6.443  0.548   1.00 32.73 ? 43  ARG   A CD  1 
ATOM   414  N  NE  . ARG   A 1 34  ? -6.729  -6.274  1.938   1.00 31.65 ? 43  ARG   A NE  1 
ATOM   415  C  CZ  . ARG   A 1 34  ? -7.411  -5.593  2.850   1.00 32.21 ? 43  ARG   A CZ  1 
ATOM   416  N  NH1 . ARG   A 1 34  ? -8.587  -5.055  2.571   1.00 35.14 ? 43  ARG   A NH1 1 
ATOM   417  N  NH2 . ARG   A 1 34  ? -6.924  -5.483  4.071   1.00 39.52 ? 43  ARG   A NH2 1 
ATOM   418  N  N   A GLN   A 1 35  ? -6.286  -5.335  -4.893  0.27 22.90 ? 44  GLN   A N   1 
ATOM   419  N  N   B GLN   A 1 35  ? -6.286  -5.335  -4.893  0.26 22.96 ? 44  GLN   A N   1 
ATOM   420  N  N   C GLN   A 1 35  ? -6.285  -5.311  -4.904  0.24 24.33 ? 44  GLN   A N   1 
ATOM   421  N  N   D GLN   A 1 35  ? -6.285  -5.311  -4.904  0.23 24.38 ? 44  GLN   A N   1 
ATOM   422  C  CA  A GLN   A 1 35  ? -6.239  -5.829  -6.289  0.27 24.80 ? 44  GLN   A CA  1 
ATOM   423  C  CA  B GLN   A 1 35  ? -6.240  -5.829  -6.290  0.26 24.81 ? 44  GLN   A CA  1 
ATOM   424  C  CA  C GLN   A 1 35  ? -6.318  -5.784  -6.320  0.24 26.62 ? 44  GLN   A CA  1 
ATOM   425  C  CA  D GLN   A 1 35  ? -6.318  -5.784  -6.320  0.23 26.61 ? 44  GLN   A CA  1 
ATOM   426  C  C   A GLN   A 1 35  ? -5.008  -5.239  -6.988  0.27 24.99 ? 44  GLN   A C   1 
ATOM   427  C  C   B GLN   A 1 35  ? -5.009  -5.239  -6.989  0.26 24.99 ? 44  GLN   A C   1 
ATOM   428  C  C   C GLN   A 1 35  ? -5.131  -5.203  -7.110  0.24 26.18 ? 44  GLN   A C   1 
ATOM   429  C  C   D GLN   A 1 35  ? -5.131  -5.203  -7.110  0.23 26.15 ? 44  GLN   A C   1 
ATOM   430  O  O   A GLN   A 1 35  ? -4.236  -6.007  -7.595  0.27 26.33 ? 44  GLN   A O   1 
ATOM   431  O  O   B GLN   A 1 35  ? -4.238  -6.007  -7.596  0.26 26.27 ? 44  GLN   A O   1 
ATOM   432  O  O   C GLN   A 1 35  ? -4.545  -5.927  -7.946  0.24 25.83 ? 44  GLN   A O   1 
ATOM   433  O  O   D GLN   A 1 35  ? -4.545  -5.928  -7.943  0.23 25.77 ? 44  GLN   A O   1 
ATOM   434  C  CB  A GLN   A 1 35  ? -7.517  -5.490  -7.047  0.27 24.92 ? 44  GLN   A CB  1 
ATOM   435  C  CB  B GLN   A 1 35  ? -7.517  -5.489  -7.047  0.26 24.98 ? 44  GLN   A CB  1 
ATOM   436  C  CB  C GLN   A 1 35  ? -7.640  -5.417  -6.999  0.24 28.92 ? 44  GLN   A CB  1 
ATOM   437  C  CB  D GLN   A 1 35  ? -7.641  -5.417  -6.999  0.23 28.93 ? 44  GLN   A CB  1 
ATOM   438  C  CG  A GLN   A 1 35  ? -7.662  -6.265  -8.344  0.27 26.87 ? 44  GLN   A CG  1 
ATOM   439  C  CG  B GLN   A 1 35  ? -7.663  -6.265  -8.344  0.26 26.90 ? 44  GLN   A CG  1 
ATOM   440  C  CG  C GLN   A 1 35  ? -8.799  -6.356  -6.665  0.24 32.16 ? 44  GLN   A CG  1 
ATOM   441  C  CG  D GLN   A 1 35  ? -8.799  -6.355  -6.664  0.23 32.13 ? 44  GLN   A CG  1 
ATOM   442  C  CD  A GLN   A 1 35  ? -7.695  -7.758  -8.112  0.27 29.63 ? 44  GLN   A CD  1 
ATOM   443  C  CD  B GLN   A 1 35  ? -7.696  -7.757  -8.112  0.26 29.59 ? 44  GLN   A CD  1 
ATOM   444  C  CD  C GLN   A 1 35  ? -10.148 -5.813  -7.081  0.24 35.66 ? 44  GLN   A CD  1 
ATOM   445  C  CD  D GLN   A 1 35  ? -10.148 -5.814  -7.083  0.23 35.57 ? 44  GLN   A CD  1 
ATOM   446  O  OE1 A GLN   A 1 35  ? -8.470  -8.262  -7.295  0.27 33.95 ? 44  GLN   A OE1 1 
ATOM   447  O  OE1 B GLN   A 1 35  ? -8.470  -8.262  -7.295  0.26 33.81 ? 44  GLN   A OE1 1 
ATOM   448  O  OE1 C GLN   A 1 35  ? -10.665 -6.137  -8.150  0.24 42.78 ? 44  GLN   A OE1 1 
ATOM   449  O  OE1 D GLN   A 1 35  ? -10.663 -6.139  -8.152  0.23 42.50 ? 44  GLN   A OE1 1 
ATOM   450  N  NE2 A GLN   A 1 35  ? -6.837  -8.480  -8.810  0.27 30.76 ? 44  GLN   A NE2 1 
ATOM   451  N  NE2 B GLN   A 1 35  ? -6.838  -8.480  -8.811  0.26 30.70 ? 44  GLN   A NE2 1 
ATOM   452  N  NE2 C GLN   A 1 35  ? -10.739 -4.980  -6.236  0.24 37.44 ? 44  GLN   A NE2 1 
ATOM   453  N  NE2 D GLN   A 1 35  ? -10.739 -4.982  -6.240  0.23 37.33 ? 44  GLN   A NE2 1 
ATOM   454  N  N   . HIS   A 1 36  ? -4.832  -3.918  -6.918  1.00 24.17 ? 45  HIS   A N   1 
ATOM   455  C  CA  . HIS   A 1 36  ? -3.668  -3.249  -7.569  1.00 23.84 ? 45  HIS   A CA  1 
ATOM   456  C  C   . HIS   A 1 36  ? -2.327  -3.764  -7.021  1.00 24.65 ? 45  HIS   A C   1 
ATOM   457  O  O   . HIS   A 1 36  ? -1.347  -3.906  -7.802  1.00 25.10 ? 45  HIS   A O   1 
ATOM   458  C  CB  . HIS   A 1 36  ? -3.791  -1.732  -7.418  1.00 21.53 ? 45  HIS   A CB  1 
ATOM   459  C  CG  . HIS   A 1 36  ? -4.744  -1.152  -8.400  1.00 25.29 ? 45  HIS   A CG  1 
ATOM   460  N  ND1 . HIS   A 1 36  ? -6.117  -1.149  -8.181  1.00 28.34 ? 45  HIS   A ND1 1 
ATOM   461  C  CD2 . HIS   A 1 36  ? -4.543  -0.492  -9.551  1.00 24.96 ? 45  HIS   A CD2 1 
ATOM   462  C  CE1 . HIS   A 1 36  ? -6.703  -0.536  -9.201  1.00 31.36 ? 45  HIS   A CE1 1 
ATOM   463  N  NE2 . HIS   A 1 36  ? -5.777  -0.106  -10.020 1.00 31.29 ? 45  HIS   A NE2 1 
ATOM   464  N  N   A LEU   A 1 37  ? -2.249  -4.036  -5.714  0.27 23.59 ? 46  LEU   A N   1 
ATOM   465  N  N   B LEU   A 1 37  ? -2.249  -4.036  -5.714  0.26 23.66 ? 46  LEU   A N   1 
ATOM   466  N  N   C LEU   A 1 37  ? -2.247  -4.046  -5.724  0.24 24.10 ? 46  LEU   A N   1 
ATOM   467  N  N   D LEU   A 1 37  ? -2.247  -4.047  -5.724  0.23 24.16 ? 46  LEU   A N   1 
ATOM   468  C  CA  A LEU   A 1 37  ? -1.016  -4.588  -5.084  0.27 25.41 ? 46  LEU   A CA  1 
ATOM   469  C  CA  B LEU   A 1 37  ? -1.015  -4.589  -5.084  0.26 25.44 ? 46  LEU   A CA  1 
ATOM   470  C  CA  C LEU   A 1 37  ? -1.025  -4.664  -5.145  0.24 25.86 ? 46  LEU   A CA  1 
ATOM   471  C  CA  D LEU   A 1 37  ? -1.025  -4.665  -5.145  0.23 25.87 ? 46  LEU   A CA  1 
ATOM   472  C  C   A LEU   A 1 37  ? -0.725  -5.987  -5.650  0.27 28.25 ? 46  LEU   A C   1 
ATOM   473  C  C   B LEU   A 1 37  ? -0.724  -5.987  -5.650  0.26 28.24 ? 46  LEU   A C   1 
ATOM   474  C  C   C LEU   A 1 37  ? -0.796  -6.023  -5.818  0.24 27.44 ? 46  LEU   A C   1 
ATOM   475  C  C   D LEU   A 1 37  ? -0.794  -6.024  -5.816  0.23 27.42 ? 46  LEU   A C   1 
ATOM   476  O  O   A LEU   A 1 37  ? 0.459   -6.274  -5.900  0.27 28.85 ? 46  LEU   A O   1 
ATOM   477  O  O   B LEU   A 1 37  ? 0.459   -6.273  -5.901  0.26 28.83 ? 46  LEU   A O   1 
ATOM   478  O  O   C LEU   A 1 37  ? 0.320   -6.247  -6.322  0.24 26.39 ? 46  LEU   A O   1 
ATOM   479  O  O   D LEU   A 1 37  ? 0.324   -6.249  -6.316  0.23 26.38 ? 46  LEU   A O   1 
ATOM   480  C  CB  A LEU   A 1 37  ? -1.155  -4.594  -3.561  0.27 23.64 ? 46  LEU   A CB  1 
ATOM   481  C  CB  B LEU   A 1 37  ? -1.155  -4.594  -3.561  0.26 23.70 ? 46  LEU   A CB  1 
ATOM   482  C  CB  C LEU   A 1 37  ? -1.181  -4.764  -3.631  0.24 25.17 ? 46  LEU   A CB  1 
ATOM   483  C  CB  D LEU   A 1 37  ? -1.182  -4.763  -3.630  0.23 25.20 ? 46  LEU   A CB  1 
ATOM   484  C  CG  A LEU   A 1 37  ? -1.009  -3.226  -2.900  0.27 23.82 ? 46  LEU   A CG  1 
ATOM   485  C  CG  B LEU   A 1 37  ? -1.010  -3.225  -2.900  0.26 23.85 ? 46  LEU   A CG  1 
ATOM   486  C  CG  C LEU   A 1 37  ? -1.148  -3.411  -2.928  0.24 25.27 ? 46  LEU   A CG  1 
ATOM   487  C  CG  D LEU   A 1 37  ? -1.148  -3.411  -2.927  0.23 25.30 ? 46  LEU   A CG  1 
ATOM   488  C  CD1 A LEU   A 1 37  ? -1.657  -3.192  -1.524  0.27 23.95 ? 46  LEU   A CD1 1 
ATOM   489  C  CD1 B LEU   A 1 37  ? -1.658  -3.192  -1.525  0.26 23.97 ? 46  LEU   A CD1 1 
ATOM   490  C  CD1 C LEU   A 1 37  ? -1.881  -3.448  -1.599  0.24 26.30 ? 46  LEU   A CD1 1 
ATOM   491  C  CD1 D LEU   A 1 37  ? -1.881  -3.447  -1.598  0.23 26.27 ? 46  LEU   A CD1 1 
ATOM   492  C  CD2 A LEU   A 1 37  ? 0.458   -2.828  -2.801  0.27 23.55 ? 46  LEU   A CD2 1 
ATOM   493  C  CD2 B LEU   A 1 37  ? 0.457   -2.828  -2.800  0.26 23.58 ? 46  LEU   A CD2 1 
ATOM   494  C  CD2 C LEU   A 1 37  ? 0.290   -2.941  -2.749  0.24 25.42 ? 46  LEU   A CD2 1 
ATOM   495  C  CD2 D LEU   A 1 37  ? 0.290   -2.941  -2.747  0.23 25.43 ? 46  LEU   A CD2 1 
ATOM   496  N  N   A LYS   A 1 38  ? -1.756  -6.807  -5.880  0.27 30.58 ? 47  LYS   A N   1 
ATOM   497  N  N   B LYS   A 1 38  ? -1.755  -6.807  -5.880  0.26 30.60 ? 47  LYS   A N   1 
ATOM   498  N  N   C LYS   A 1 38  ? -1.836  -6.856  -5.884  0.24 29.29 ? 47  LYS   A N   1 
ATOM   499  N  N   D LYS   A 1 38  ? -1.836  -6.856  -5.884  0.23 29.30 ? 47  LYS   A N   1 
ATOM   500  C  CA  A LYS   A 1 38  ? -1.602  -8.161  -6.481  0.27 33.42 ? 47  LYS   A CA  1 
ATOM   501  C  CA  B LYS   A 1 38  ? -1.603  -8.162  -6.482  0.26 33.41 ? 47  LYS   A CA  1 
ATOM   502  C  CA  C LYS   A 1 38  ? -1.799  -8.206  -6.511  0.24 31.87 ? 47  LYS   A CA  1 
ATOM   503  C  CA  D LYS   A 1 38  ? -1.799  -8.206  -6.511  0.23 31.83 ? 47  LYS   A CA  1 
ATOM   504  C  C   A LYS   A 1 38  ? -1.170  -8.017  -7.948  0.27 32.50 ? 47  LYS   A C   1 
ATOM   505  C  C   B LYS   A 1 38  ? -1.170  -8.018  -7.948  0.26 32.47 ? 47  LYS   A C   1 
ATOM   506  C  C   C LYS   A 1 38  ? -1.300  -8.090  -7.961  0.24 31.67 ? 47  LYS   A C   1 
ATOM   507  C  C   D LYS   A 1 38  ? -1.300  -8.090  -7.961  0.23 31.62 ? 47  LYS   A C   1 
ATOM   508  O  O   A LYS   A 1 38  ? -0.293  -8.801  -8.368  0.27 33.15 ? 47  LYS   A O   1 
ATOM   509  O  O   B LYS   A 1 38  ? -0.294  -8.802  -8.368  0.26 33.09 ? 47  LYS   A O   1 
ATOM   510  O  O   C LYS   A 1 38  ? -0.517  -8.966  -8.380  0.24 31.92 ? 47  LYS   A O   1 
ATOM   511  O  O   D LYS   A 1 38  ? -0.517  -8.967  -8.381  0.23 31.84 ? 47  LYS   A O   1 
ATOM   512  C  CB  A LYS   A 1 38  ? -2.902  -8.965  -6.330  0.27 37.50 ? 47  LYS   A CB  1 
ATOM   513  C  CB  B LYS   A 1 38  ? -2.903  -8.964  -6.331  0.26 37.49 ? 47  LYS   A CB  1 
ATOM   514  C  CB  C LYS   A 1 38  ? -3.192  -8.841  -6.414  0.24 34.32 ? 47  LYS   A CB  1 
ATOM   515  C  CB  D LYS   A 1 38  ? -3.192  -8.840  -6.415  0.23 34.29 ? 47  LYS   A CB  1 
ATOM   516  C  CG  A LYS   A 1 38  ? -2.941  -10.328 -7.018  0.27 43.23 ? 47  LYS   A CG  1 
ATOM   517  C  CG  B LYS   A 1 38  ? -2.942  -10.328 -7.018  0.26 43.11 ? 47  LYS   A CG  1 
ATOM   518  C  CG  C LYS   A 1 38  ? -3.297  -10.293 -6.855  0.24 38.10 ? 47  LYS   A CG  1 
ATOM   519  C  CG  D LYS   A 1 38  ? -3.297  -10.292 -6.856  0.23 37.98 ? 47  LYS   A CG  1 
ATOM   520  C  CD  A LYS   A 1 38  ? -4.232  -10.553 -7.787  0.27 47.69 ? 47  LYS   A CD  1 
ATOM   521  C  CD  B LYS   A 1 38  ? -4.233  -10.553 -7.787  0.26 47.51 ? 47  LYS   A CD  1 
ATOM   522  C  CD  C LYS   A 1 38  ? -4.697  -10.860 -6.713  0.24 38.41 ? 47  LYS   A CD  1 
ATOM   523  C  CD  D LYS   A 1 38  ? -4.697  -10.860 -6.714  0.23 38.38 ? 47  LYS   A CD  1 
ATOM   524  C  CE  A LYS   A 1 38  ? -4.253  -11.826 -8.608  0.27 51.30 ? 47  LYS   A CE  1 
ATOM   525  C  CE  B LYS   A 1 38  ? -4.253  -11.826 -8.608  0.26 51.06 ? 47  LYS   A CE  1 
ATOM   526  C  CE  C LYS   A 1 38  ? -4.745  -12.356 -6.932  0.24 41.89 ? 47  LYS   A CE  1 
ATOM   527  C  CE  D LYS   A 1 38  ? -4.746  -12.356 -6.932  0.23 41.75 ? 47  LYS   A CE  1 
ATOM   528  N  NZ  A LYS   A 1 38  ? -5.217  -12.813 -8.062  0.27 52.89 ? 47  LYS   A NZ  1 
ATOM   529  N  NZ  B LYS   A 1 38  ? -5.215  -12.815 -8.061  0.26 52.66 ? 47  LYS   A NZ  1 
ATOM   530  N  NZ  C LYS   A 1 38  ? -4.079  -12.754 -8.196  0.24 44.05 ? 47  LYS   A NZ  1 
ATOM   531  N  NZ  D LYS   A 1 38  ? -4.080  -12.755 -8.196  0.23 43.85 ? 47  LYS   A NZ  1 
ATOM   532  N  N   . ASP   A 1 39  ? -1.744  -7.055  -8.689  1.00 29.10 ? 48  ASP   A N   1 
ATOM   533  C  CA  . ASP   A 1 39  ? -1.501  -6.881  -10.151 1.00 29.14 ? 48  ASP   A CA  1 
ATOM   534  C  C   . ASP   A 1 39  ? -0.207  -6.093  -10.443 1.00 27.07 ? 48  ASP   A C   1 
ATOM   535  O  O   . ASP   A 1 39  ? 0.133   -5.889  -11.628 1.00 29.96 ? 48  ASP   A O   1 
ATOM   536  C  CB  . ASP   A 1 39  ? -2.694  -6.209  -10.831 1.00 31.65 ? 48  ASP   A CB  1 
ATOM   537  C  CG  . ASP   A 1 39  ? -4.046  -6.929  -10.702 1.00 36.26 ? 48  ASP   A CG  1 
ATOM   538  O  OD1 . ASP   A 1 39  ? -4.085  -8.103  -10.296 1.00 40.47 ? 48  ASP   A OD1 1 
ATOM   539  O  OD2 . ASP   A 1 39  ? -5.055  -6.287  -10.953 1.00 41.60 ? 48  ASP   A OD2 1 
ATOM   540  N  N   . GLY   A 1 40  ? 0.494   -5.597  -9.425  1.00 27.63 ? 49  GLY   A N   1 
ATOM   541  C  CA  . GLY   A 1 40  ? 1.711   -4.786  -9.611  1.00 24.79 ? 49  GLY   A CA  1 
ATOM   542  C  C   . GLY   A 1 40  ? 1.452   -3.397  -10.171 1.00 24.38 ? 49  GLY   A C   1 
ATOM   543  O  O   . GLY   A 1 40  ? 2.348   -2.817  -10.847 1.00 27.61 ? 49  GLY   A O   1 
ATOM   544  N  N   . THR   A 1 41  ? 0.262   -2.862  -9.938  1.00 23.50 ? 50  THR   A N   1 
ATOM   545  C  CA  . THR   A 1 41  ? -0.208  -1.562  -10.488 1.00 22.51 ? 50  THR   A CA  1 
ATOM   546  C  C   . THR   A 1 41  ? -0.519  -0.597  -9.343  1.00 20.32 ? 50  THR   A C   1 
ATOM   547  O  O   . THR   A 1 41  ? -1.419  0.218   -9.489  1.00 20.88 ? 50  THR   A O   1 
ATOM   548  C  CB  . THR   A 1 41  ? -1.395  -1.807  -11.412 1.00 22.54 ? 50  THR   A CB  1 
ATOM   549  O  OG1 . THR   A 1 41  ? -2.444  -2.433  -10.668 1.00 25.69 ? 50  THR   A OG1 1 
ATOM   550  C  CG2 . THR   A 1 41  ? -0.976  -2.620  -12.624 1.00 26.61 ? 50  THR   A CG2 1 
ATOM   551  N  N   . CYS   A 1 42  ? 0.206   -0.721  -8.229  1.00 21.34 ? 51  CYS   A N   1 
ATOM   552  C  CA  . CYS   A 1 42  ? 0.012   0.190   -7.072  1.00 20.44 ? 51  CYS   A CA  1 
ATOM   553  C  C   . CYS   A 1 42  ? 1.258   1.016   -6.809  1.00 21.33 ? 51  CYS   A C   1 
ATOM   554  O  O   . CYS   A 1 42  ? 2.353   0.433   -6.755  1.00 22.37 ? 51  CYS   A O   1 
ATOM   555  C  CB  . CYS   A 1 42  ? -0.305  -0.645  -5.840  1.00 21.20 ? 51  CYS   A CB  1 
ATOM   556  S  SG  . CYS   A 1 42  ? -0.884  0.294   -4.421  1.00 22.18 ? 51  CYS   A SG  1 
ATOM   557  N  N   . GLY   A 1 43  ? 1.097   2.327   -6.607  1.00 19.04 ? 52  GLY   A N   1 
ATOM   558  C  CA  . GLY   A 1 43  ? 2.163   3.235   -6.210  1.00 19.35 ? 52  GLY   A CA  1 
ATOM   559  C  C   . GLY   A 1 43  ? 2.000   3.706   -4.788  1.00 18.88 ? 52  GLY   A C   1 
ATOM   560  O  O   . GLY   A 1 43  ? 0.910   3.486   -4.192  1.00 20.30 ? 52  GLY   A O   1 
ATOM   561  N  N   . LEU   A 1 44  ? 3.022   4.388   -4.309  1.00 19.17 ? 53  LEU   A N   1 
ATOM   562  C  CA  . LEU   A 1 44  ? 3.096   4.901   -2.935  1.00 21.16 ? 53  LEU   A CA  1 
ATOM   563  C  C   . LEU   A 1 44  ? 3.466   6.371   -3.026  1.00 19.76 ? 53  LEU   A C   1 
ATOM   564  O  O   . LEU   A 1 44  ? 4.470   6.677   -3.659  1.00 21.26 ? 53  LEU   A O   1 
ATOM   565  C  CB  . LEU   A 1 44  ? 4.168   4.095   -2.187  1.00 22.73 ? 53  LEU   A CB  1 
ATOM   566  C  CG  . LEU   A 1 44  ? 4.363   4.478   -0.727  1.00 25.54 ? 53  LEU   A CG  1 
ATOM   567  C  CD1 . LEU   A 1 44  ? 3.124   4.151   0.084   1.00 31.83 ? 53  LEU   A CD1 1 
ATOM   568  C  CD2 . LEU   A 1 44  ? 5.558   3.756   -0.144  1.00 31.14 ? 53  LEU   A CD2 1 
ATOM   569  N  N   . VAL   A 1 45  ? 2.747   7.227   -2.305  1.00 21.56 ? 54  VAL   A N   1 
ATOM   570  C  CA  . VAL   A 1 45  ? 3.104   8.660   -2.144  1.00 20.43 ? 54  VAL   A CA  1 
ATOM   571  C  C   . VAL   A 1 45  ? 3.450   8.878   -0.672  1.00 19.97 ? 54  VAL   A C   1 
ATOM   572  O  O   . VAL   A 1 45  ? 2.639   8.539   0.184   1.00 22.91 ? 54  VAL   A O   1 
ATOM   573  C  CB  . VAL   A 1 45  ? 1.938   9.542   -2.572  1.00 20.05 ? 54  VAL   A CB  1 
ATOM   574  C  CG1 . VAL   A 1 45  ? 2.290   11.009  -2.414  1.00 21.96 ? 54  VAL   A CG1 1 
ATOM   575  C  CG2 . VAL   A 1 45  ? 1.521   9.179   -3.992  1.00 21.75 ? 54  VAL   A CG2 1 
ATOM   576  N  N   . GLU   A 1 46  ? 4.614   9.428   -0.437  1.00 21.60 ? 55  GLU   A N   1 
ATOM   577  C  CA  . GLU   A 1 46  ? 5.073   9.736   0.929   1.00 23.27 ? 55  GLU   A CA  1 
ATOM   578  C  C   . GLU   A 1 46  ? 4.285   10.951  1.429   1.00 25.62 ? 55  GLU   A C   1 
ATOM   579  O  O   . GLU   A 1 46  ? 4.117   11.957  0.673   1.00 27.20 ? 55  GLU   A O   1 
ATOM   580  C  CB  . GLU   A 1 46  ? 6.590   9.882   0.894   1.00 25.76 ? 55  GLU   A CB  1 
ATOM   581  C  CG  . GLU   A 1 46  ? 7.247   8.527   0.721   1.00 26.06 ? 55  GLU   A CG  1 
ATOM   582  C  CD  . GLU   A 1 46  ? 8.744   8.469   0.731   1.00 30.38 ? 55  GLU   A CD  1 
ATOM   583  O  OE1 . GLU   A 1 46  ? 9.366   9.429   0.306   1.00 41.13 ? 55  GLU   A OE1 1 
ATOM   584  O  OE2 . GLU   A 1 46  ? 9.252   7.449   1.162   1.00 36.17 ? 55  GLU   A OE2 1 
ATOM   585  N  N   . VAL   A 1 47  ? 3.827   10.883  2.678   1.00 28.92 ? 56  VAL   A N   1 
ATOM   586  C  CA  . VAL   A 1 47  ? 2.902   11.897  3.254   1.00 31.17 ? 56  VAL   A CA  1 
ATOM   587  C  C   . VAL   A 1 47  ? 3.762   12.999  3.860   1.00 37.84 ? 56  VAL   A C   1 
ATOM   588  O  O   . VAL   A 1 47  ? 4.635   12.696  4.684   1.00 37.07 ? 56  VAL   A O   1 
ATOM   589  C  CB  . VAL   A 1 47  ? 1.889   11.296  4.250   1.00 34.19 ? 56  VAL   A CB  1 
ATOM   590  C  CG1 . VAL   A 1 47  ? 1.015   12.372  4.879   1.00 35.47 ? 56  VAL   A CG1 1 
ATOM   591  C  CG2 . VAL   A 1 47  ? 1.030   10.222  3.595   1.00 34.40 ? 56  VAL   A CG2 1 
ATOM   592  N  N   . GLU   A 1 48  ? 3.574   14.215  3.349   1.00 36.12 ? 57  GLU   A N   1 
ATOM   593  C  CA  . GLU   A 1 48  ? 4.139   15.469  3.892   1.00 44.91 ? 57  GLU   A CA  1 
ATOM   594  C  C   . GLU   A 1 48  ? 3.043   16.533  3.836   1.00 43.31 ? 57  GLU   A C   1 
ATOM   595  O  O   . GLU   A 1 48  ? 1.975   16.295  3.226   1.00 36.81 ? 57  GLU   A O   1 
ATOM   596  C  CB  . GLU   A 1 48  ? 5.355   15.915  3.086   1.00 52.67 ? 57  GLU   A CB  1 
ATOM   597  C  CG  . GLU   A 1 48  ? 6.594   15.083  3.366   1.00 66.82 ? 57  GLU   A CG  1 
ATOM   598  C  CD  . GLU   A 1 48  ? 7.847   15.578  2.662   1.00 78.72 ? 57  GLU   A CD  1 
ATOM   599  O  OE1 . GLU   A 1 48  ? 7.747   16.591  1.932   1.00 83.18 ? 57  GLU   A OE1 1 
ATOM   600  O  OE2 . GLU   A 1 48  ? 8.920   14.955  2.847   1.00 92.53 ? 57  GLU   A OE2 1 
ATOM   601  N  N   . LYS   A 1 49  ? 3.301   17.671  4.471   1.00 42.29 ? 58  LYS   A N   1 
ATOM   602  C  CA  . LYS   A 1 49  ? 2.388   18.837  4.447   1.00 46.11 ? 58  LYS   A CA  1 
ATOM   603  C  C   . LYS   A 1 49  ? 1.962   19.054  2.994   1.00 35.83 ? 58  LYS   A C   1 
ATOM   604  O  O   . LYS   A 1 49  ? 2.828   19.106  2.117   1.00 39.65 ? 58  LYS   A O   1 
ATOM   605  C  CB  . LYS   A 1 49  ? 3.075   20.090  5.002   1.00 52.53 ? 58  LYS   A CB  1 
ATOM   606  C  CG  . LYS   A 1 49  ? 3.574   19.994  6.440   1.00 60.19 ? 58  LYS   A CG  1 
ATOM   607  C  CD  . LYS   A 1 49  ? 2.470   19.914  7.478   1.00 69.39 ? 58  LYS   A CD  1 
ATOM   608  C  CE  . LYS   A 1 49  ? 2.952   20.196  8.889   1.00 71.48 ? 58  LYS   A CE  1 
ATOM   609  N  NZ  . LYS   A 1 49  ? 3.888   19.152  9.371   1.00 71.87 ? 58  LYS   A NZ  1 
ATOM   610  N  N   . GLY   A 1 50  ? 0.655   19.093  2.769   1.00 33.57 ? 59  GLY   A N   1 
ATOM   611  C  CA  . GLY   A 1 50  ? 0.062   19.485  1.482   1.00 34.08 ? 59  GLY   A CA  1 
ATOM   612  C  C   . GLY   A 1 50  ? -0.200  18.313  0.570   1.00 35.77 ? 59  GLY   A C   1 
ATOM   613  O  O   . GLY   A 1 50  ? -0.841  18.503  -0.501  1.00 35.11 ? 59  GLY   A O   1 
ATOM   614  N  N   . VAL   A 1 51  ? 0.220   17.111  0.959   1.00 31.63 ? 60  VAL   A N   1 
ATOM   615  C  CA  . VAL   A 1 51  ? 0.013   15.943  0.057   1.00 28.22 ? 60  VAL   A CA  1 
ATOM   616  C  C   . VAL   A 1 51  ? -1.438  15.472  0.113   1.00 28.09 ? 60  VAL   A C   1 
ATOM   617  O  O   . VAL   A 1 51  ? -2.082  15.274  -0.969  1.00 27.32 ? 60  VAL   A O   1 
ATOM   618  C  CB  . VAL   A 1 51  ? 0.983   14.799  0.406   1.00 26.67 ? 60  VAL   A CB  1 
ATOM   619  C  CG1 . VAL   A 1 51  ? 0.531   13.505  -0.228  1.00 31.68 ? 60  VAL   A CG1 1 
ATOM   620  C  CG2 . VAL   A 1 51  ? 2.396   15.137  0.029   1.00 28.83 ? 60  VAL   A CG2 1 
ATOM   621  N  N   . LEU   A 1 52  ? -1.997  15.186  1.286   1.00 25.96 ? 61  LEU   A N   1 
ATOM   622  C  CA  . LEU   A 1 52  ? -3.326  14.539  1.305   1.00 26.64 ? 61  LEU   A CA  1 
ATOM   623  C  C   . LEU   A 1 52  ? -4.402  15.416  0.677   1.00 26.33 ? 61  LEU   A C   1 
ATOM   624  O  O   . LEU   A 1 52  ? -5.239  14.913  -0.056  1.00 25.92 ? 61  LEU   A O   1 
ATOM   625  C  CB  . LEU   A 1 52  ? -3.675  14.086  2.722   1.00 28.27 ? 61  LEU   A CB  1 
ATOM   626  C  CG  . LEU   A 1 52  ? -2.856  12.885  3.217   1.00 32.85 ? 61  LEU   A CG  1 
ATOM   627  C  CD1 . LEU   A 1 52  ? -3.144  12.639  4.691   1.00 35.17 ? 61  LEU   A CD1 1 
ATOM   628  C  CD2 . LEU   A 1 52  ? -3.206  11.648  2.388   1.00 33.45 ? 61  LEU   A CD2 1 
ATOM   629  N  N   . PRO   A 1 53  ? -4.421  16.763  0.839   1.00 28.25 ? 62  PRO   A N   1 
ATOM   630  C  CA  . PRO   A 1 53  ? -5.459  17.551  0.173   1.00 28.80 ? 62  PRO   A CA  1 
ATOM   631  C  C   . PRO   A 1 53  ? -5.388  17.486  -1.363  1.00 27.83 ? 62  PRO   A C   1 
ATOM   632  O  O   . PRO   A 1 53  ? -6.382  17.820  -2.025  1.00 27.03 ? 62  PRO   A O   1 
ATOM   633  C  CB  . PRO   A 1 53  ? -5.242  18.966  0.735   1.00 27.19 ? 62  PRO   A CB  1 
ATOM   634  C  CG  . PRO   A 1 53  ? -4.410  18.792  1.971   1.00 28.23 ? 62  PRO   A CG  1 
ATOM   635  C  CD  . PRO   A 1 53  ? -3.562  17.550  1.740   1.00 30.33 ? 62  PRO   A CD  1 
ATOM   636  N  N   . GLN   A 1 54  ? -4.261  17.012  -1.908  1.00 26.58 ? 63  GLN   A N   1 
ATOM   637  C  CA  . GLN   A 1 54  ? -4.053  16.872  -3.375  1.00 24.37 ? 63  GLN   A CA  1 
ATOM   638  C  C   . GLN   A 1 54  ? -4.490  15.477  -3.847  1.00 26.37 ? 63  GLN   A C   1 
ATOM   639  O  O   . GLN   A 1 54  ? -4.482  15.223  -5.067  1.00 28.04 ? 63  GLN   A O   1 
ATOM   640  C  CB  . GLN   A 1 54  ? -2.606  17.142  -3.811  1.00 24.33 ? 63  GLN   A CB  1 
ATOM   641  C  CG  . GLN   A 1 54  ? -2.194  18.601  -3.640  1.00 24.33 ? 63  GLN   A CG  1 
ATOM   642  C  CD  . GLN   A 1 54  ? -0.796  18.768  -4.146  1.00 28.51 ? 63  GLN   A CD  1 
ATOM   643  O  OE1 . GLN   A 1 54  ? -0.612  18.887  -5.363  1.00 36.84 ? 63  GLN   A OE1 1 
ATOM   644  N  NE2 . GLN   A 1 54  ? 0.158   18.865  -3.233  1.00 28.48 ? 63  GLN   A NE2 1 
ATOM   645  N  N   . LEU   A 1 55  ? -4.878  14.588  -2.933  1.00 24.11 ? 64  LEU   A N   1 
ATOM   646  C  CA  . LEU   A 1 55  ? -5.391  13.232  -3.276  1.00 25.82 ? 64  LEU   A CA  1 
ATOM   647  C  C   . LEU   A 1 55  ? -6.861  13.119  -2.896  1.00 25.38 ? 64  LEU   A C   1 
ATOM   648  O  O   . LEU   A 1 55  ? -7.366  14.050  -2.207  1.00 32.09 ? 64  LEU   A O   1 
ATOM   649  C  CB  . LEU   A 1 55  ? -4.532  12.200  -2.552  1.00 22.27 ? 64  LEU   A CB  1 
ATOM   650  C  CG  . LEU   A 1 55  ? -3.075  12.241  -3.013  1.00 25.26 ? 64  LEU   A CG  1 
ATOM   651  C  CD1 . LEU   A 1 55  ? -2.210  11.333  -2.162  1.00 26.57 ? 64  LEU   A CD1 1 
ATOM   652  C  CD2 . LEU   A 1 55  ? -3.007  11.834  -4.490  1.00 26.45 ? 64  LEU   A CD2 1 
ATOM   653  N  N   . GLU   A 1 56  ? -7.517  12.022  -3.285  1.00 23.89 ? 65  GLU   A N   1 
ATOM   654  C  CA  . GLU   A 1 56  ? -8.966  11.835  -3.165  1.00 23.24 ? 65  GLU   A CA  1 
ATOM   655  C  C   . GLU   A 1 56  ? -9.245  10.919  -1.972  1.00 25.34 ? 65  GLU   A C   1 
ATOM   656  O  O   . GLU   A 1 56  ? -8.718  9.814   -1.916  1.00 25.54 ? 65  GLU   A O   1 
ATOM   657  C  CB  . GLU   A 1 56  ? -9.545  11.265  -4.467  1.00 27.61 ? 65  GLU   A CB  1 
ATOM   658  C  CG  . GLU   A 1 56  ? -9.474  12.283  -5.610  1.00 27.44 ? 65  GLU   A CG  1 
ATOM   659  C  CD  . GLU   A 1 56  ? -9.899  11.781  -6.972  1.00 34.61 ? 65  GLU   A CD  1 
ATOM   660  O  OE1 . GLU   A 1 56  ? -9.906  10.563  -7.166  1.00 42.21 ? 65  GLU   A OE1 1 
ATOM   661  O  OE2 . GLU   A 1 56  ? -10.182 12.618  -7.849  1.00 43.51 ? 65  GLU   A OE2 1 
ATOM   662  N  N   . GLN   A 1 57  ? -10.139 11.329  -1.089  1.00 28.71 ? 66  GLN   A N   1 
ATOM   663  C  CA  . GLN   A 1 57  ? -10.649 10.422  -0.036  1.00 28.12 ? 66  GLN   A CA  1 
ATOM   664  C  C   . GLN   A 1 57  ? -11.679 9.477   -0.635  1.00 27.03 ? 66  GLN   A C   1 
ATOM   665  O  O   . GLN   A 1 57  ? -12.296 9.794   -1.640  1.00 27.90 ? 66  GLN   A O   1 
ATOM   666  C  CB  . GLN   A 1 57  ? -11.347 11.249  1.038   1.00 32.11 ? 66  GLN   A CB  1 
ATOM   667  C  CG  . GLN   A 1 57  ? -10.362 12.068  1.834   1.00 33.29 ? 66  GLN   A CG  1 
ATOM   668  C  CD  . GLN   A 1 57  ? -10.997 12.630  3.078   1.00 38.85 ? 66  GLN   A CD  1 
ATOM   669  O  OE1 . GLN   A 1 57  ? -11.537 11.896  3.900   1.00 36.04 ? 66  GLN   A OE1 1 
ATOM   670  N  NE2 . GLN   A 1 57  ? -10.933 13.945  3.209   1.00 48.87 ? 66  GLN   A NE2 1 
ATOM   671  N  N   . PRO   A 1 58  ? -11.923 8.279   -0.061  1.00 22.52 ? 67  PRO   A N   1 
ATOM   672  C  CA  . PRO   A 1 58  ? -11.144 7.790   1.078   1.00 27.25 ? 67  PRO   A CA  1 
ATOM   673  C  C   . PRO   A 1 58  ? -9.693  7.457   0.725   1.00 25.06 ? 67  PRO   A C   1 
ATOM   674  O  O   . PRO   A 1 58  ? -9.451  7.058   -0.417  1.00 26.51 ? 67  PRO   A O   1 
ATOM   675  C  CB  . PRO   A 1 58  ? -11.800 6.451   1.441   1.00 25.21 ? 67  PRO   A CB  1 
ATOM   676  C  CG  . PRO   A 1 58  ? -13.162 6.515   0.826   1.00 28.13 ? 67  PRO   A CG  1 
ATOM   677  C  CD  . PRO   A 1 58  ? -12.977 7.338   -0.432  1.00 25.92 ? 67  PRO   A CD  1 
ATOM   678  N  N   . TYR   A 1 59  ? -8.789  7.653   1.678   1.00 23.63 ? 68  TYR   A N   1 
ATOM   679  C  CA  . TYR   A 1 59  ? -7.345  7.336   1.530   1.00 22.16 ? 68  TYR   A CA  1 
ATOM   680  C  C   . TYR   A 1 59  ? -7.089  5.877   1.934   1.00 25.76 ? 68  TYR   A C   1 
ATOM   681  O  O   . TYR   A 1 59  ? -7.791  5.364   2.881   1.00 24.32 ? 68  TYR   A O   1 
ATOM   682  C  CB  . TYR   A 1 59  ? -6.461  8.220   2.376   1.00 24.48 ? 68  TYR   A CB  1 
ATOM   683  C  CG  . TYR   A 1 59  ? -6.717  9.694   2.244   1.00 26.06 ? 68  TYR   A CG  1 
ATOM   684  C  CD1 . TYR   A 1 59  ? -6.629  10.341  1.023   1.00 26.54 ? 68  TYR   A CD1 1 
ATOM   685  C  CD2 . TYR   A 1 59  ? -6.992  10.461  3.369   1.00 29.21 ? 68  TYR   A CD2 1 
ATOM   686  C  CE1 . TYR   A 1 59  ? -6.839  11.711  0.923   1.00 29.20 ? 68  TYR   A CE1 1 
ATOM   687  C  CE2 . TYR   A 1 59  ? -7.149  11.835  3.286   1.00 32.74 ? 68  TYR   A CE2 1 
ATOM   688  C  CZ  . TYR   A 1 59  ? -7.127  12.457  2.052   1.00 33.20 ? 68  TYR   A CZ  1 
ATOM   689  O  OH  . TYR   A 1 59  ? -7.289  13.821  1.981   1.00 31.63 ? 68  TYR   A OH  1 
ATOM   690  N  N   . VAL   A 1 60  ? -6.086  5.246   1.313   1.00 22.23 ? 69  VAL   A N   1 
ATOM   691  C  CA  . VAL   A 1 60  ? -5.556  3.936   1.785   1.00 23.33 ? 69  VAL   A CA  1 
ATOM   692  C  C   . VAL   A 1 60  ? -4.122  4.143   2.206   1.00 25.53 ? 69  VAL   A C   1 
ATOM   693  O  O   . VAL   A 1 60  ? -3.292  4.500   1.353   1.00 23.87 ? 69  VAL   A O   1 
ATOM   694  C  CB  . VAL   A 1 60  ? -5.673  2.831   0.733   1.00 22.97 ? 69  VAL   A CB  1 
ATOM   695  C  CG1 . VAL   A 1 60  ? -4.964  1.579   1.228   1.00 24.55 ? 69  VAL   A CG1 1 
ATOM   696  C  CG2 . VAL   A 1 60  ? -7.129  2.565   0.352   1.00 22.24 ? 69  VAL   A CG2 1 
ATOM   697  N  N   . PHE   A 1 61  ? -3.813  3.970   3.489   1.00 22.31 ? 70  PHE   A N   1 
ATOM   698  C  CA  . PHE   A 1 61  ? -2.419  4.055   3.980   1.00 23.65 ? 70  PHE   A CA  1 
ATOM   699  C  C   . PHE   A 1 61  ? -1.785  2.670   4.070   1.00 21.16 ? 70  PHE   A C   1 
ATOM   700  O  O   . PHE   A 1 61  ? -2.514  1.715   4.362   1.00 22.58 ? 70  PHE   A O   1 
ATOM   701  C  CB  . PHE   A 1 61  ? -2.353  4.737   5.347   1.00 22.88 ? 70  PHE   A CB  1 
ATOM   702  C  CG  . PHE   A 1 61  ? -2.887  6.143   5.363   1.00 24.81 ? 70  PHE   A CG  1 
ATOM   703  C  CD1 . PHE   A 1 61  ? -2.205  7.154   4.710   1.00 26.39 ? 70  PHE   A CD1 1 
ATOM   704  C  CD2 . PHE   A 1 61  ? -4.075  6.463   5.994   1.00 25.14 ? 70  PHE   A CD2 1 
ATOM   705  C  CE1 . PHE   A 1 61  ? -2.690  8.453   4.728   1.00 29.45 ? 70  PHE   A CE1 1 
ATOM   706  C  CE2 . PHE   A 1 61  ? -4.584  7.753   5.949   1.00 26.34 ? 70  PHE   A CE2 1 
ATOM   707  C  CZ  . PHE   A 1 61  ? -3.873  8.754   5.350   1.00 25.60 ? 70  PHE   A CZ  1 
ATOM   708  N  N   . ILE   A 1 62  ? -0.467  2.593   3.887   1.00 21.09 ? 71  ILE   A N   1 
ATOM   709  C  CA  . ILE   A 1 62  ? 0.335   1.484   4.460   1.00 24.59 ? 71  ILE   A CA  1 
ATOM   710  C  C   . ILE   A 1 62  ? 0.962   1.979   5.744   1.00 26.08 ? 71  ILE   A C   1 
ATOM   711  O  O   . ILE   A 1 62  ? 1.631   3.045   5.757   1.00 28.34 ? 71  ILE   A O   1 
ATOM   712  C  CB  . ILE   A 1 62  ? 1.338   0.829   3.500   1.00 27.34 ? 71  ILE   A CB  1 
ATOM   713  C  CG1 . ILE   A 1 62  ? 2.203   1.853   2.764   1.00 28.98 ? 71  ILE   A CG1 1 
ATOM   714  C  CG2 . ILE   A 1 62  ? 0.586   -0.089  2.584   1.00 26.09 ? 71  ILE   A CG2 1 
ATOM   715  C  CD1 . ILE   A 1 62  ? 3.559   1.302   2.378   1.00 30.11 ? 71  ILE   A CD1 1 
ATOM   716  N  N   . LYS   A 1 63  ? 0.815   1.156   6.788   1.00 23.28 ? 72  LYS   A N   1 
ATOM   717  C  CA  . LYS   A 1 63  ? 1.282   1.484   8.137   1.00 24.71 ? 72  LYS   A CA  1 
ATOM   718  C  C   . LYS   A 1 63  ? 2.137   0.324   8.662   1.00 25.36 ? 72  LYS   A C   1 
ATOM   719  O  O   . LYS   A 1 63  ? 1.880   -0.820  8.300   1.00 25.88 ? 72  LYS   A O   1 
ATOM   720  C  CB  . LYS   A 1 63  ? 0.074   1.759   9.014   1.00 27.82 ? 72  LYS   A CB  1 
ATOM   721  C  CG  . LYS   A 1 63  ? -0.562  3.124   8.777   1.00 32.59 ? 72  LYS   A CG  1 
ATOM   722  C  CD  . LYS   A 1 63  ? -1.725  3.391   9.691   1.00 35.76 ? 72  LYS   A CD  1 
ATOM   723  C  CE  . LYS   A 1 63  ? -2.151  4.843   9.673   1.00 38.51 ? 72  LYS   A CE  1 
ATOM   724  N  NZ  . LYS   A 1 63  ? -1.116  5.715   10.273  1.00 38.63 ? 72  LYS   A NZ  1 
ATOM   725  N  N   . ARG   A 1 64  ? 3.175   0.632   9.418   1.00 29.28 ? 73  ARG   A N   1 
ATOM   726  C  CA  . ARG   A 1 64  ? 4.136   -0.385  9.917   1.00 32.02 ? 73  ARG   A CA  1 
ATOM   727  C  C   . ARG   A 1 64  ? 3.420   -1.273  10.955  1.00 31.80 ? 73  ARG   A C   1 
ATOM   728  O  O   . ARG   A 1 64  ? 2.763   -0.713  11.863  1.00 34.26 ? 73  ARG   A O   1 
ATOM   729  C  CB  . ARG   A 1 64  ? 5.365   0.329   10.468  1.00 37.07 ? 73  ARG   A CB  1 
ATOM   730  C  CG  . ARG   A 1 64  ? 6.505   -0.626  10.769  1.00 45.31 ? 73  ARG   A CG  1 
ATOM   731  C  CD  . ARG   A 1 64  ? 7.514   -0.074  11.746  1.00 54.92 ? 73  ARG   A CD  1 
ATOM   732  N  NE  . ARG   A 1 64  ? 8.834   -0.581  11.415  1.00 61.95 ? 73  ARG   A NE  1 
ATOM   733  C  CZ  . ARG   A 1 64  ? 9.692   0.038   10.613  1.00 68.84 ? 73  ARG   A CZ  1 
ATOM   734  N  NH1 . ARG   A 1 64  ? 9.378   1.195   10.052  1.00 70.11 ? 73  ARG   A NH1 1 
ATOM   735  N  NH2 . ARG   A 1 64  ? 10.867  -0.513  10.363  1.00 74.94 ? 73  ARG   A NH2 1 
ATOM   736  N  N   . SER   A 1 65  ? 3.476   -2.606  10.789  1.00 30.38 ? 74  SER   A N   1 
ATOM   737  C  CA  . SER   A 1 65  ? 2.645   -3.562  11.573  1.00 33.50 ? 74  SER   A CA  1 
ATOM   738  C  C   . SER   A 1 65  ? 3.501   -4.198  12.668  1.00 39.58 ? 74  SER   A C   1 
ATOM   739  O  O   . SER   A 1 65  ? 2.942   -4.997  13.449  1.00 38.35 ? 74  SER   A O   1 
ATOM   740  C  CB  . SER   A 1 65  ? 1.972   -4.601  10.709  1.00 35.62 ? 74  SER   A CB  1 
ATOM   741  O  OG  . SER   A 1 65  ? 2.898   -5.294  9.910   1.00 38.23 ? 74  SER   A OG  1 
ATOM   742  N  N   . ASP   A 1 66  ? 4.793   -3.889  12.683  1.00 47.59 ? 75  ASP   A N   1 
ATOM   743  C  CA  . ASP   A 1 66  ? 5.815   -4.605  13.495  1.00 57.24 ? 75  ASP   A CA  1 
ATOM   744  C  C   . ASP   A 1 66  ? 7.190   -3.954  13.254  1.00 62.43 ? 75  ASP   A C   1 
ATOM   745  O  O   . ASP   A 1 66  ? 7.358   -3.337  12.187  1.00 62.54 ? 75  ASP   A O   1 
ATOM   746  C  CB  . ASP   A 1 66  ? 5.722   -6.107  13.192  1.00 57.78 ? 75  ASP   A CB  1 
ATOM   747  C  CG  . ASP   A 1 66  ? 6.889   -6.979  13.633  1.00 59.90 ? 75  ASP   A CG  1 
ATOM   748  O  OD1 . ASP   A 1 66  ? 7.673   -6.545  14.491  1.00 64.90 ? 75  ASP   A OD1 1 
ATOM   749  O  OD2 . ASP   A 1 66  ? 7.008   -8.090  13.090  1.00 55.95 ? 75  ASP   A OD2 1 
ATOM   750  N  N   . ALA   A 1 67  ? 8.109   -4.074  14.230  1.00 69.87 ? 76  ALA   A N   1 
ATOM   751  C  CA  . ALA   A 1 67  ? 9.517   -3.589  14.192  1.00 72.46 ? 76  ALA   A CA  1 
ATOM   752  C  C   . ALA   A 1 67  ? 10.485  -4.776  14.066  1.00 68.91 ? 76  ALA   A C   1 
ATOM   753  O  O   . ALA   A 1 67  ? 11.011  -5.197  15.108  1.00 53.90 ? 76  ALA   A O   1 
ATOM   754  C  CB  . ALA   A 1 67  ? 9.826   -2.762  15.420  1.00 68.96 ? 76  ALA   A CB  1 
ATOM   755  N  N   . ALA   A 1 70  ? 11.924  -6.458  10.103  1.00 61.20 ? 79  ALA   A N   1 
ATOM   756  C  CA  . ALA   A 1 70  ? 11.898  -6.087  8.664   1.00 60.63 ? 79  ALA   A CA  1 
ATOM   757  C  C   . ALA   A 1 70  ? 12.597  -7.164  7.840   1.00 61.34 ? 79  ALA   A C   1 
ATOM   758  O  O   . ALA   A 1 70  ? 13.743  -6.998  7.414   1.00 65.56 ? 79  ALA   A O   1 
ATOM   759  C  CB  . ALA   A 1 70  ? 12.528  -4.730  8.446   1.00 55.49 ? 79  ALA   A CB  1 
ATOM   760  N  N   . PRO   A 1 71  ? 11.927  -8.310  7.595   1.00 57.30 ? 80  PRO   A N   1 
ATOM   761  C  CA  . PRO   A 1 71  ? 12.536  -9.438  6.894   1.00 55.58 ? 80  PRO   A CA  1 
ATOM   762  C  C   . PRO   A 1 71  ? 13.065  -9.134  5.491   1.00 58.90 ? 80  PRO   A C   1 
ATOM   763  O  O   . PRO   A 1 71  ? 12.323  -8.607  4.682   1.00 55.89 ? 80  PRO   A O   1 
ATOM   764  C  CB  . PRO   A 1 71  ? 11.374  -10.432 6.756   1.00 58.34 ? 80  PRO   A CB  1 
ATOM   765  C  CG  . PRO   A 1 71  ? 10.526  -10.126 7.951   1.00 58.28 ? 80  PRO   A CG  1 
ATOM   766  C  CD  . PRO   A 1 71  ? 10.569  -8.619  8.069   1.00 59.56 ? 80  PRO   A CD  1 
ATOM   767  N  N   . HIS   A 1 72  ? 14.318  -9.521  5.229   1.00 57.68 ? 81  HIS   A N   1 
ATOM   768  C  CA  . HIS   A 1 72  ? 14.969  -9.443  3.894   1.00 58.13 ? 81  HIS   A CA  1 
ATOM   769  C  C   . HIS   A 1 72  ? 14.995  -7.990  3.400   1.00 56.21 ? 81  HIS   A C   1 
ATOM   770  O  O   . HIS   A 1 72  ? 15.031  -7.809  2.170   1.00 54.54 ? 81  HIS   A O   1 
ATOM   771  C  CB  . HIS   A 1 72  ? 14.246  -10.360 2.889   1.00 66.48 ? 81  HIS   A CB  1 
ATOM   772  C  CG  . HIS   A 1 72  ? 13.990  -11.746 3.390   1.00 74.63 ? 81  HIS   A CG  1 
ATOM   773  N  ND1 . HIS   A 1 72  ? 14.950  -12.744 3.349   1.00 77.32 ? 81  HIS   A ND1 1 
ATOM   774  C  CD2 . HIS   A 1 72  ? 12.893  -12.310 3.940   1.00 80.47 ? 81  HIS   A CD2 1 
ATOM   775  C  CE1 . HIS   A 1 72  ? 14.454  -13.859 3.849   1.00 80.49 ? 81  HIS   A CE1 1 
ATOM   776  N  NE2 . HIS   A 1 72  ? 13.194  -13.617 4.220   1.00 82.11 ? 81  HIS   A NE2 1 
ATOM   777  N  N   . GLY   A 1 73  ? 14.977  -7.005  4.317   1.00 56.87 ? 82  GLY   A N   1 
ATOM   778  C  CA  . GLY   A 1 73  ? 14.981  -5.556  4.016   1.00 53.71 ? 82  GLY   A CA  1 
ATOM   779  C  C   . GLY   A 1 73  ? 13.587  -4.981  3.752   1.00 53.77 ? 82  GLY   A C   1 
ATOM   780  O  O   . GLY   A 1 73  ? 13.502  -3.800  3.381   1.00 47.73 ? 82  GLY   A O   1 
ATOM   781  N  N   . HIS   A 1 74  ? 12.531  -5.782  3.922   1.00 43.63 ? 83  HIS   A N   1 
ATOM   782  C  CA  . HIS   A 1 74  ? 11.120  -5.404  3.692   1.00 37.43 ? 83  HIS   A CA  1 
ATOM   783  C  C   . HIS   A 1 74  ? 10.444  -5.054  5.026   1.00 41.74 ? 83  HIS   A C   1 
ATOM   784  O  O   . HIS   A 1 74  ? 10.339  -5.941  5.896   1.00 41.49 ? 83  HIS   A O   1 
ATOM   785  C  CB  . HIS   A 1 74  ? 10.390  -6.527  2.959   1.00 38.05 ? 83  HIS   A CB  1 
ATOM   786  C  CG  . HIS   A 1 74  ? 10.825  -6.733  1.551   1.00 35.09 ? 83  HIS   A CG  1 
ATOM   787  N  ND1 . HIS   A 1 74  ? 10.034  -6.384  0.455   1.00 35.95 ? 83  HIS   A ND1 1 
ATOM   788  C  CD2 . HIS   A 1 74  ? 11.950  -7.282  1.046   1.00 41.46 ? 83  HIS   A CD2 1 
ATOM   789  C  CE1 . HIS   A 1 74  ? 10.651  -6.736  -0.661  1.00 43.22 ? 83  HIS   A CE1 1 
ATOM   790  N  NE2 . HIS   A 1 74  ? 11.832  -7.277  -0.322  1.00 47.95 ? 83  HIS   A NE2 1 
ATOM   791  N  N   . VAL   A 1 75  ? 9.956   -3.822  5.168   1.00 38.09 ? 84  VAL   A N   1 
ATOM   792  C  CA  . VAL   A 1 75  ? 9.182   -3.403  6.376   1.00 37.15 ? 84  VAL   A CA  1 
ATOM   793  C  C   . VAL   A 1 75  ? 7.807   -4.095  6.351   1.00 29.66 ? 84  VAL   A C   1 
ATOM   794  O  O   . VAL   A 1 75  ? 7.107   -4.089  5.320   1.00 27.71 ? 84  VAL   A O   1 
ATOM   795  C  CB  . VAL   A 1 75  ? 9.086   -1.870  6.462   1.00 40.35 ? 84  VAL   A CB  1 
ATOM   796  C  CG1 . VAL   A 1 75  ? 8.181   -1.409  7.591   1.00 44.23 ? 84  VAL   A CG1 1 
ATOM   797  C  CG2 . VAL   A 1 75  ? 10.475  -1.262  6.604   1.00 48.37 ? 84  VAL   A CG2 1 
ATOM   798  N  N   . MET   A 1 76  ? 7.376   -4.687  7.473   1.00 28.71 ? 85  MET   A N   1 
ATOM   799  C  CA  . MET   A 1 76  ? 6.061   -5.359  7.518   1.00 27.33 ? 85  MET   A CA  1 
ATOM   800  C  C   . MET   A 1 76  ? 5.029   -4.246  7.662   1.00 25.92 ? 85  MET   A C   1 
ATOM   801  O  O   . MET   A 1 76  ? 5.191   -3.349  8.501   1.00 26.15 ? 85  MET   A O   1 
ATOM   802  C  CB  . MET   A 1 76  ? 5.969   -6.346  8.693   1.00 31.22 ? 85  MET   A CB  1 
ATOM   803  C  CG  . MET   A 1 76  ? 6.852   -7.555  8.475   1.00 36.20 ? 85  MET   A CG  1 
ATOM   804  S  SD  . MET   A 1 76  ? 6.500   -8.919  9.640   1.00 46.05 ? 85  MET   A SD  1 
ATOM   805  C  CE  . MET   A 1 76  ? 4.722   -8.859  9.622   1.00 41.28 ? 85  MET   A CE  1 
ATOM   806  N  N   A VAL   A 1 77  ? 4.000   -4.288  6.815   0.27 24.88 ? 86  VAL   A N   1 
ATOM   807  N  N   B VAL   A 1 77  ? 4.000   -4.288  6.814   0.26 24.89 ? 86  VAL   A N   1 
ATOM   808  N  N   C VAL   A 1 77  ? 4.001   -4.272  6.820   0.24 26.02 ? 86  VAL   A N   1 
ATOM   809  N  N   D VAL   A 1 77  ? 4.001   -4.271  6.820   0.23 26.03 ? 86  VAL   A N   1 
ATOM   810  C  CA  A VAL   A 1 77  ? 2.956   -3.231  6.707   0.27 24.18 ? 86  VAL   A CA  1 
ATOM   811  C  CA  B VAL   A 1 77  ? 2.956   -3.231  6.707   0.26 24.20 ? 86  VAL   A CA  1 
ATOM   812  C  CA  C VAL   A 1 77  ? 2.954   -3.216  6.798   0.24 25.99 ? 86  VAL   A CA  1 
ATOM   813  C  CA  D VAL   A 1 77  ? 2.954   -3.216  6.798   0.23 25.99 ? 86  VAL   A CA  1 
ATOM   814  C  C   A VAL   A 1 77  ? 1.574   -3.880  6.633   0.27 24.31 ? 86  VAL   A C   1 
ATOM   815  C  C   B VAL   A 1 77  ? 1.574   -3.880  6.634   0.26 24.33 ? 86  VAL   A C   1 
ATOM   816  C  C   C VAL   A 1 77  ? 1.582   -3.867  6.638   0.24 25.43 ? 86  VAL   A C   1 
ATOM   817  C  C   D VAL   A 1 77  ? 1.582   -3.868  6.639   0.23 25.44 ? 86  VAL   A C   1 
ATOM   818  O  O   A VAL   A 1 77  ? 1.472   -5.074  6.249   0.27 25.96 ? 86  VAL   A O   1 
ATOM   819  O  O   B VAL   A 1 77  ? 1.472   -5.074  6.253   0.26 25.92 ? 86  VAL   A O   1 
ATOM   820  O  O   C VAL   A 1 77  ? 1.502   -5.051  6.229   0.24 27.07 ? 86  VAL   A O   1 
ATOM   821  O  O   D VAL   A 1 77  ? 1.502   -5.051  6.232   0.23 27.02 ? 86  VAL   A O   1 
ATOM   822  C  CB  A VAL   A 1 77  ? 3.188   -2.325  5.481   0.27 22.57 ? 86  VAL   A CB  1 
ATOM   823  C  CB  B VAL   A 1 77  ? 3.188   -2.325  5.481   0.26 22.62 ? 86  VAL   A CB  1 
ATOM   824  C  CB  C VAL   A 1 77  ? 3.208   -2.178  5.687   0.24 25.83 ? 86  VAL   A CB  1 
ATOM   825  C  CB  D VAL   A 1 77  ? 3.209   -2.179  5.687   0.23 25.85 ? 86  VAL   A CB  1 
ATOM   826  C  CG1 A VAL   A 1 77  ? 4.534   -1.620  5.557   0.27 22.29 ? 86  VAL   A CG1 1 
ATOM   827  C  CG1 B VAL   A 1 77  ? 4.534   -1.620  5.556   0.26 22.34 ? 86  VAL   A CG1 1 
ATOM   828  C  CG1 C VAL   A 1 77  ? 4.458   -1.361  5.962   0.24 26.11 ? 86  VAL   A CG1 1 
ATOM   829  C  CG1 D VAL   A 1 77  ? 4.459   -1.360  5.962   0.23 26.11 ? 86  VAL   A CG1 1 
ATOM   830  C  CG2 A VAL   A 1 77  ? 3.046   -3.106  4.179   0.27 23.91 ? 86  VAL   A CG2 1 
ATOM   831  C  CG2 B VAL   A 1 77  ? 3.047   -3.105  4.179   0.26 23.90 ? 86  VAL   A CG2 1 
ATOM   832  C  CG2 C VAL   A 1 77  ? 3.278   -2.829  4.316   0.24 27.55 ? 86  VAL   A CG2 1 
ATOM   833  C  CG2 D VAL   A 1 77  ? 3.279   -2.829  4.315   0.23 27.49 ? 86  VAL   A CG2 1 
ATOM   834  N  N   . GLU   A 1 78  ? 0.549   -3.095  6.970   1.00 24.29 ? 87  GLU   A N   1 
ATOM   835  C  CA  . GLU   A 1 78  ? -0.845  -3.448  6.685   1.00 25.83 ? 87  GLU   A CA  1 
ATOM   836  C  C   . GLU   A 1 78  ? -1.597  -2.206  6.205   1.00 24.66 ? 87  GLU   A C   1 
ATOM   837  O  O   . GLU   A 1 78  ? -1.097  -1.047  6.336   1.00 24.61 ? 87  GLU   A O   1 
ATOM   838  C  CB  . GLU   A 1 78  ? -1.432  -4.057  7.943   1.00 31.04 ? 87  GLU   A CB  1 
ATOM   839  C  CG  . GLU   A 1 78  ? -1.427  -3.096  9.101   1.00 33.29 ? 87  GLU   A CG  1 
ATOM   840  C  CD  . GLU   A 1 78  ? -1.665  -3.838  10.412  1.00 38.31 ? 87  GLU   A CD  1 
ATOM   841  O  OE1 . GLU   A 1 78  ? -2.346  -4.870  10.361  1.00 45.85 ? 87  GLU   A OE1 1 
ATOM   842  O  OE2 . GLU   A 1 78  ? -1.127  -3.414  11.444  1.00 34.67 ? 87  GLU   A OE2 1 
ATOM   843  N  N   A LEU   A 1 79  ? -2.768  -2.441  5.618   0.27 24.07 ? 88  LEU   A N   1 
ATOM   844  N  N   B LEU   A 1 79  ? -2.769  -2.440  5.618   0.26 24.11 ? 88  LEU   A N   1 
ATOM   845  N  N   C LEU   A 1 79  ? -2.788  -2.440  5.656   0.24 24.66 ? 88  LEU   A N   1 
ATOM   846  N  N   D LEU   A 1 79  ? -2.788  -2.440  5.656   0.23 24.70 ? 88  LEU   A N   1 
ATOM   847  C  CA  A LEU   A 1 79  ? -3.622  -1.368  5.042   0.27 25.03 ? 88  LEU   A CA  1 
ATOM   848  C  CA  B LEU   A 1 79  ? -3.623  -1.368  5.041   0.26 25.04 ? 88  LEU   A CA  1 
ATOM   849  C  CA  C LEU   A 1 79  ? -3.642  -1.395  5.033   0.24 25.74 ? 88  LEU   A CA  1 
ATOM   850  C  CA  D LEU   A 1 79  ? -3.642  -1.395  5.033   0.23 25.75 ? 88  LEU   A CA  1 
ATOM   851  C  C   A LEU   A 1 79  ? -4.549  -0.800  6.116   0.27 24.81 ? 88  LEU   A C   1 
ATOM   852  C  C   B LEU   A 1 79  ? -4.549  -0.800  6.116   0.26 24.82 ? 88  LEU   A C   1 
ATOM   853  C  C   C LEU   A 1 79  ? -4.593  -0.806  6.079   0.24 25.41 ? 88  LEU   A C   1 
ATOM   854  C  C   D LEU   A 1 79  ? -4.594  -0.806  6.079   0.23 25.40 ? 88  LEU   A C   1 
ATOM   855  O  O   A LEU   A 1 79  ? -5.154  -1.599  6.876   0.27 25.67 ? 88  LEU   A O   1 
ATOM   856  O  O   B LEU   A 1 79  ? -5.154  -1.598  6.875   0.26 25.60 ? 88  LEU   A O   1 
ATOM   857  O  O   C LEU   A 1 79  ? -5.246  -1.600  6.802   0.24 25.89 ? 88  LEU   A O   1 
ATOM   858  O  O   D LEU   A 1 79  ? -5.245  -1.600  6.802   0.23 25.81 ? 88  LEU   A O   1 
ATOM   859  C  CB  A LEU   A 1 79  ? -4.440  -1.918  3.875   0.27 25.09 ? 88  LEU   A CB  1 
ATOM   860  C  CB  B LEU   A 1 79  ? -4.441  -1.919  3.876   0.26 25.13 ? 88  LEU   A CB  1 
ATOM   861  C  CB  C LEU   A 1 79  ? -4.409  -2.024  3.870   0.24 26.53 ? 88  LEU   A CB  1 
ATOM   862  C  CB  D LEU   A 1 79  ? -4.409  -2.024  3.870   0.23 26.56 ? 88  LEU   A CB  1 
ATOM   863  C  CG  A LEU   A 1 79  ? -3.653  -2.505  2.703   0.27 27.44 ? 88  LEU   A CG  1 
ATOM   864  C  CG  B LEU   A 1 79  ? -3.653  -2.506  2.703   0.26 27.41 ? 88  LEU   A CG  1 
ATOM   865  C  CG  C LEU   A 1 79  ? -3.541  -2.697  2.804   0.24 28.93 ? 88  LEU   A CG  1 
ATOM   866  C  CG  D LEU   A 1 79  ? -3.542  -2.697  2.804   0.23 28.89 ? 88  LEU   A CG  1 
ATOM   867  C  CD1 A LEU   A 1 79  ? -4.578  -2.708  1.519   0.27 28.17 ? 88  LEU   A CD1 1 
ATOM   868  C  CD1 B LEU   A 1 79  ? -4.580  -2.710  1.519   0.26 28.12 ? 88  LEU   A CD1 1 
ATOM   869  C  CD1 C LEU   A 1 79  ? -4.400  -3.460  1.810   0.24 30.98 ? 88  LEU   A CD1 1 
ATOM   870  C  CD1 D LEU   A 1 79  ? -4.400  -3.460  1.809   0.23 30.85 ? 88  LEU   A CD1 1 
ATOM   871  C  CD2 A LEU   A 1 79  ? -2.478  -1.631  2.301   0.27 28.92 ? 88  LEU   A CD2 1 
ATOM   872  C  CD2 B LEU   A 1 79  ? -2.480  -1.630  2.300   0.26 28.84 ? 88  LEU   A CD2 1 
ATOM   873  C  CD2 C LEU   A 1 79  ? -2.677  -1.679  2.082   0.24 29.94 ? 88  LEU   A CD2 1 
ATOM   874  C  CD2 D LEU   A 1 79  ? -2.677  -1.679  2.082   0.23 29.86 ? 88  LEU   A CD2 1 
ATOM   875  N  N   . VAL   A 1 80  ? -4.679  0.529   6.128   1.00 24.28 ? 89  VAL   A N   1 
ATOM   876  C  CA  . VAL   A 1 80  ? -5.675  1.271   6.945   1.00 25.00 ? 89  VAL   A CA  1 
ATOM   877  C  C   . VAL   A 1 80  ? -6.306  2.345   6.062   1.00 24.72 ? 89  VAL   A C   1 
ATOM   878  O  O   . VAL   A 1 80  ? -5.547  3.083   5.407   1.00 26.66 ? 89  VAL   A O   1 
ATOM   879  C  CB  . VAL   A 1 80  ? -4.983  1.896   8.158   1.00 26.65 ? 89  VAL   A CB  1 
ATOM   880  C  CG1 . VAL   A 1 80  ? -5.923  2.832   8.931   1.00 28.86 ? 89  VAL   A CG1 1 
ATOM   881  C  CG2 . VAL   A 1 80  ? -4.431  0.797   9.058   1.00 29.80 ? 89  VAL   A CG2 1 
ATOM   882  N  N   . ALA   A 1 81  ? -7.620  2.387   5.974   1.00 24.02 ? 90  ALA   A N   1 
ATOM   883  C  CA  . ALA   A 1 81  ? -8.349  3.403   5.171   1.00 24.39 ? 90  ALA   A CA  1 
ATOM   884  C  C   . ALA   A 1 81  ? -8.755  4.559   6.066   1.00 26.75 ? 90  ALA   A C   1 
ATOM   885  O  O   . ALA   A 1 81  ? -8.905  4.396   7.317   1.00 25.75 ? 90  ALA   A O   1 
ATOM   886  C  CB  . ALA   A 1 81  ? -9.513  2.797   4.433   1.00 25.53 ? 90  ALA   A CB  1 
ATOM   887  N  N   . GLU   A 1 82  ? -8.920  5.745   5.478   1.00 24.85 ? 91  GLU   A N   1 
ATOM   888  C  CA  . GLU   A 1 82  ? -9.359  6.926   6.242   1.00 24.87 ? 91  GLU   A CA  1 
ATOM   889  C  C   . GLU   A 1 82  ? -10.416 7.683   5.436   1.00 30.48 ? 91  GLU   A C   1 
ATOM   890  O  O   . GLU   A 1 82  ? -10.208 7.907   4.207   1.00 27.46 ? 91  GLU   A O   1 
ATOM   891  C  CB  . GLU   A 1 82  ? -8.194  7.838   6.576   1.00 24.83 ? 91  GLU   A CB  1 
ATOM   892  C  CG  . GLU   A 1 82  ? -8.644  9.140   7.236   1.00 25.61 ? 91  GLU   A CG  1 
ATOM   893  C  CD  . GLU   A 1 82  ? -7.493  10.072  7.565   1.00 28.41 ? 91  GLU   A CD  1 
ATOM   894  O  OE1 . GLU   A 1 82  ? -6.479  9.623   8.159   1.00 28.59 ? 91  GLU   A OE1 1 
ATOM   895  O  OE2 . GLU   A 1 82  ? -7.592  11.268  7.159   1.00 30.22 ? 91  GLU   A OE2 1 
ATOM   896  N  N   . LEU   A 1 83  ? -11.531 8.046   6.078   1.00 26.02 ? 92  LEU   A N   1 
ATOM   897  C  CA  . LEU   A 1 83  ? -12.565 8.889   5.418   1.00 25.83 ? 92  LEU   A CA  1 
ATOM   898  C  C   . LEU   A 1 83  ? -13.073 9.892   6.454   1.00 29.41 ? 92  LEU   A C   1 
ATOM   899  O  O   . LEU   A 1 83  ? -13.505 9.421   7.537   1.00 29.28 ? 92  LEU   A O   1 
ATOM   900  C  CB  . LEU   A 1 83  ? -13.716 8.018   4.913   1.00 28.00 ? 92  LEU   A CB  1 
ATOM   901  C  CG  . LEU   A 1 83  ? -14.909 8.780   4.318   1.00 30.54 ? 92  LEU   A CG  1 
ATOM   902  C  CD1 . LEU   A 1 83  ? -14.464 9.661   3.172   1.00 31.95 ? 92  LEU   A CD1 1 
ATOM   903  C  CD2 . LEU   A 1 83  ? -15.994 7.835   3.847   1.00 31.05 ? 92  LEU   A CD2 1 
ATOM   904  N  N   . GLU   A 1 84  ? -12.992 11.189  6.138   1.00 28.10 ? 93  GLU   A N   1 
ATOM   905  C  CA  . GLU   A 1 84  ? -13.547 12.269  6.997   1.00 33.57 ? 93  GLU   A CA  1 
ATOM   906  C  C   . GLU   A 1 84  ? -13.003 12.082  8.413   1.00 36.12 ? 93  GLU   A C   1 
ATOM   907  O  O   . GLU   A 1 84  ? -13.796 12.222  9.416   1.00 32.80 ? 93  GLU   A O   1 
ATOM   908  C  CB  . GLU   A 1 84  ? -15.066 12.285  6.847   1.00 41.67 ? 93  GLU   A CB  1 
ATOM   909  C  CG  . GLU   A 1 84  ? -15.465 12.807  5.473   1.00 44.32 ? 93  GLU   A CG  1 
ATOM   910  C  CD  . GLU   A 1 84  ? -16.888 12.521  5.049   1.00 55.16 ? 93  GLU   A CD  1 
ATOM   911  O  OE1 . GLU   A 1 84  ? -17.608 11.858  5.820   1.00 62.90 ? 93  GLU   A OE1 1 
ATOM   912  O  OE2 . GLU   A 1 84  ? -17.262 12.951  3.935   1.00 61.84 ? 93  GLU   A OE2 1 
ATOM   913  N  N   . GLY   A 1 85  ? -11.708 11.773  8.504   1.00 29.78 ? 94  GLY   A N   1 
ATOM   914  C  CA  . GLY   A 1 85  ? -10.968 11.809  9.769   1.00 29.59 ? 94  GLY   A CA  1 
ATOM   915  C  C   . GLY   A 1 85  ? -11.217 10.581  10.615  1.00 27.27 ? 94  GLY   A C   1 
ATOM   916  O  O   . GLY   A 1 85  ? -10.672 10.544  11.736  1.00 29.21 ? 94  GLY   A O   1 
ATOM   917  N  N   . ILE   A 1 86  ? -11.886 9.560   10.080  1.00 26.41 ? 95  ILE   A N   1 
ATOM   918  C  CA  . ILE   A 1 86  ? -12.062 8.255   10.770  1.00 27.21 ? 95  ILE   A CA  1 
ATOM   919  C  C   . ILE   A 1 86  ? -11.221 7.205   10.041  1.00 27.70 ? 95  ILE   A C   1 
ATOM   920  O  O   . ILE   A 1 86  ? -11.328 7.137   8.814   1.00 27.20 ? 95  ILE   A O   1 
ATOM   921  C  CB  . ILE   A 1 86  ? -13.539 7.878   10.911  1.00 31.64 ? 95  ILE   A CB  1 
ATOM   922  C  CG1 . ILE   A 1 86  ? -14.267 8.996   11.672  1.00 31.39 ? 95  ILE   A CG1 1 
ATOM   923  C  CG2 . ILE   A 1 86  ? -13.690 6.522   11.613  1.00 31.14 ? 95  ILE   A CG2 1 
ATOM   924  C  CD1 . ILE   A 1 86  ? -15.758 8.835   11.726  1.00 32.60 ? 95  ILE   A CD1 1 
ATOM   925  N  N   . GLN   A 1 87  ? -10.493 6.394   10.801  1.00 28.17 ? 96  GLN   A N   1 
ATOM   926  C  CA  . GLN   A 1 87  ? -9.631  5.292   10.302  1.00 26.95 ? 96  GLN   A CA  1 
ATOM   927  C  C   . GLN   A 1 87  ? -10.292 3.936   10.546  1.00 30.93 ? 96  GLN   A C   1 
ATOM   928  O  O   . GLN   A 1 87  ? -11.059 3.723   11.525  1.00 33.26 ? 96  GLN   A O   1 
ATOM   929  C  CB  . GLN   A 1 87  ? -8.227  5.394   10.848  1.00 26.75 ? 96  GLN   A CB  1 
ATOM   930  C  CG  . GLN   A 1 87  ? -7.522  6.625   10.287  1.00 27.31 ? 96  GLN   A CG  1 
ATOM   931  C  CD  . GLN   A 1 87  ? -6.035  6.615   10.469  1.00 34.07 ? 96  GLN   A CD  1 
ATOM   932  O  OE1 . GLN   A 1 87  ? -5.492  5.899   11.324  1.00 33.09 ? 96  GLN   A OE1 1 
ATOM   933  N  NE2 . GLN   A 1 87  ? -5.360  7.450   9.672   1.00 31.33 ? 96  GLN   A NE2 1 
ATOM   934  N  N   . TYR   A 1 88  ? -10.075 3.069   9.590   1.00 29.14 ? 97  TYR   A N   1 
ATOM   935  C  CA  . TYR   A 1 88  ? -10.662 1.711   9.542   1.00 31.20 ? 97  TYR   A CA  1 
ATOM   936  C  C   . TYR   A 1 88  ? -9.467  0.774   9.497   1.00 36.82 ? 97  TYR   A C   1 
ATOM   937  O  O   . TYR   A 1 88  ? -8.746  0.724   8.452   1.00 37.83 ? 97  TYR   A O   1 
ATOM   938  C  CB  . TYR   A 1 88  ? -11.635 1.611   8.381   1.00 33.57 ? 97  TYR   A CB  1 
ATOM   939  C  CG  . TYR   A 1 88  ? -12.775 2.585   8.503   1.00 32.82 ? 97  TYR   A CG  1 
ATOM   940  C  CD1 . TYR   A 1 88  ? -12.626 3.897   8.095   1.00 30.89 ? 97  TYR   A CD1 1 
ATOM   941  C  CD2 . TYR   A 1 88  ? -13.968 2.231   9.117   1.00 35.28 ? 97  TYR   A CD2 1 
ATOM   942  C  CE1 . TYR   A 1 88  ? -13.633 4.830   8.242   1.00 30.74 ? 97  TYR   A CE1 1 
ATOM   943  C  CE2 . TYR   A 1 88  ? -14.997 3.147   9.258   1.00 39.28 ? 97  TYR   A CE2 1 
ATOM   944  C  CZ  . TYR   A 1 88  ? -14.832 4.452   8.816   1.00 36.48 ? 97  TYR   A CZ  1 
ATOM   945  O  OH  . TYR   A 1 88  ? -15.828 5.378   8.933   1.00 39.98 ? 97  TYR   A OH  1 
ATOM   946  N  N   . GLY   A 1 89  ? -9.182  0.221   10.668  1.00 36.63 ? 98  GLY   A N   1 
ATOM   947  C  CA  . GLY   A 1 89  ? -7.895  -0.387  11.002  1.00 37.93 ? 98  GLY   A CA  1 
ATOM   948  C  C   . GLY   A 1 89  ? -7.148  0.403   12.060  1.00 35.76 ? 98  GLY   A C   1 
ATOM   949  O  O   . GLY   A 1 89  ? -7.300  1.617   12.206  1.00 38.25 ? 98  GLY   A O   1 
ATOM   950  N  N   . ARG   A 1 90  ? -6.248  -0.278  12.723  1.00 37.86 ? 99  ARG   A N   1 
ATOM   951  C  CA  . ARG   A 1 90  ? -5.417  0.292   13.791  1.00 36.87 ? 99  ARG   A CA  1 
ATOM   952  C  C   . ARG   A 1 90  ? -4.023  -0.251  13.500  1.00 31.43 ? 99  ARG   A C   1 
ATOM   953  O  O   . ARG   A 1 90  ? -3.889  -1.483  13.408  1.00 34.70 ? 99  ARG   A O   1 
ATOM   954  C  CB  . ARG   A 1 90  ? -6.136  -0.155  15.074  1.00 41.19 ? 99  ARG   A CB  1 
ATOM   955  C  CG  . ARG   A 1 90  ? -5.267  -0.368  16.290  1.00 36.89 ? 99  ARG   A CG  1 
ATOM   956  C  CD  . ARG   A 1 90  ? -6.124  -0.665  17.522  1.00 28.00 ? 99  ARG   A CD  1 
ATOM   957  N  NE  . ARG   A 1 90  ? -5.534  0.282   18.424  1.00 30.41 ? 99  ARG   A NE  1 
ATOM   958  C  CZ  . ARG   A 1 90  ? -4.508  0.066   19.249  1.00 31.52 ? 99  ARG   A CZ  1 
ATOM   959  N  NH1 . ARG   A 1 90  ? -3.969  -1.132  19.378  1.00 35.20 ? 99  ARG   A NH1 1 
ATOM   960  N  NH2 . ARG   A 1 90  ? -4.029  1.072   19.960  1.00 31.43 ? 99  ARG   A NH2 1 
ATOM   961  N  N   . SER   A 1 91  ? -3.017  0.588   13.309  1.00 31.00 ? 100 SER   A N   1 
ATOM   962  C  CA  . SER   A 1 91  ? -1.636  0.117   13.002  1.00 32.24 ? 100 SER   A CA  1 
ATOM   963  C  C   . SER   A 1 91  ? -0.602  1.185   13.366  1.00 34.36 ? 100 SER   A C   1 
ATOM   964  O  O   . SER   A 1 91  ? -0.941  2.141   14.119  1.00 34.58 ? 100 SER   A O   1 
ATOM   965  C  CB  . SER   A 1 91  ? -1.518  -0.364  11.552  1.00 30.03 ? 100 SER   A CB  1 
ATOM   966  O  OG  . SER   A 1 91  ? -0.285  -1.036  11.328  1.00 32.64 ? 100 SER   A OG  1 
ATOM   967  N  N   . GLY   A 1 92  ? 0.636   0.988   12.933  1.00 31.73 ? 101 GLY   A N   1 
ATOM   968  C  CA  . GLY   A 1 92  ? 1.796   1.823   13.291  1.00 31.28 ? 101 GLY   A CA  1 
ATOM   969  C  C   . GLY   A 1 92  ? 1.931   3.045   12.407  1.00 30.30 ? 101 GLY   A C   1 
ATOM   970  O  O   . GLY   A 1 92  ? 0.945   3.478   11.826  1.00 30.69 ? 101 GLY   A O   1 
ATOM   971  N  N   . GLU   A 1 93  ? 3.155   3.540   12.309  1.00 30.89 ? 102 GLU   A N   1 
ATOM   972  C  CA  . GLU   A 1 93  ? 3.508   4.746   11.533  1.00 35.40 ? 102 GLU   A CA  1 
ATOM   973  C  C   . GLU   A 1 93  ? 3.160   4.551   10.047  1.00 32.64 ? 102 GLU   A C   1 
ATOM   974  O  O   . GLU   A 1 93  ? 3.480   3.509   9.456   1.00 32.63 ? 102 GLU   A O   1 
ATOM   975  C  CB  . GLU   A 1 93  ? 4.984   5.053   11.762  1.00 39.84 ? 102 GLU   A CB  1 
ATOM   976  C  CG  . GLU   A 1 93  ? 5.402   6.403   11.224  1.00 46.75 ? 102 GLU   A CG  1 
ATOM   977  C  CD  . GLU   A 1 93  ? 6.902   6.637   11.287  1.00 58.36 ? 102 GLU   A CD  1 
ATOM   978  O  OE1 . GLU   A 1 93  ? 7.601   5.796   11.899  1.00 58.40 ? 102 GLU   A OE1 1 
ATOM   979  O  OE2 . GLU   A 1 93  ? 7.369   7.654   10.718  1.00 67.91 ? 102 GLU   A OE2 1 
ATOM   980  N  N   . THR   A 1 94  ? 2.629   5.595   9.426   1.00 31.57 ? 103 THR   A N   1 
ATOM   981  C  CA  . THR   A 1 94  ? 2.364   5.643   7.962   1.00 30.35 ? 103 THR   A CA  1 
ATOM   982  C  C   . THR   A 1 94  ? 3.687   5.621   7.191   1.00 30.09 ? 103 THR   A C   1 
ATOM   983  O  O   . THR   A 1 94  ? 4.573   6.448   7.500   1.00 32.23 ? 103 THR   A O   1 
ATOM   984  C  CB  . THR   A 1 94  ? 1.513   6.873   7.636   1.00 33.50 ? 103 THR   A CB  1 
ATOM   985  O  OG1 . THR   A 1 94  ? 0.255   6.664   8.279   1.00 31.43 ? 103 THR   A OG1 1 
ATOM   986  C  CG2 . THR   A 1 94  ? 1.352   7.071   6.143   1.00 29.92 ? 103 THR   A CG2 1 
ATOM   987  N  N   . LEU   A 1 95  ? 3.815   4.755   6.195   1.00 27.55 ? 104 LEU   A N   1 
ATOM   988  C  CA  . LEU   A 1 95  ? 4.949   4.744   5.238   1.00 31.37 ? 104 LEU   A CA  1 
ATOM   989  C  C   . LEU   A 1 95  ? 4.547   5.551   4.000   1.00 28.53 ? 104 LEU   A C   1 
ATOM   990  O  O   . LEU   A 1 95  ? 5.460   6.107   3.333   1.00 33.06 ? 104 LEU   A O   1 
ATOM   991  C  CB  . LEU   A 1 95  ? 5.306   3.305   4.860   1.00 36.55 ? 104 LEU   A CB  1 
ATOM   992  C  CG  . LEU   A 1 95  ? 6.272   2.585   5.797   1.00 36.66 ? 104 LEU   A CG  1 
ATOM   993  C  CD1 . LEU   A 1 95  ? 5.570   2.184   7.081   1.00 39.75 ? 104 LEU   A CD1 1 
ATOM   994  C  CD2 . LEU   A 1 95  ? 6.850   1.368   5.083   1.00 42.76 ? 104 LEU   A CD2 1 
ATOM   995  N  N   . GLY   A 1 96  ? 3.246   5.655   3.751   1.00 24.62 ? 105 GLY   A N   1 
ATOM   996  C  CA  . GLY   A 1 96  ? 2.717   6.500   2.667   1.00 24.61 ? 105 GLY   A CA  1 
ATOM   997  C  C   . GLY   A 1 96  ? 1.271   6.211   2.352   1.00 24.04 ? 105 GLY   A C   1 
ATOM   998  O  O   . GLY   A 1 96  ? 0.609   5.350   2.996   1.00 24.18 ? 105 GLY   A O   1 
ATOM   999  N  N   . VAL   A 1 97  ? 0.767   6.882   1.329   1.00 22.11 ? 106 VAL   A N   1 
ATOM   1000 C  CA  . VAL   A 1 97  ? -0.608  6.669   0.861   1.00 22.68 ? 106 VAL   A CA  1 
ATOM   1001 C  C   . VAL   A 1 97  ? -0.525  5.951   -0.483  1.00 21.90 ? 106 VAL   A C   1 
ATOM   1002 O  O   . VAL   A 1 97  ? 0.304   6.329   -1.296  1.00 21.84 ? 106 VAL   A O   1 
ATOM   1003 C  CB  . VAL   A 1 97  ? -1.398  7.985   0.770   1.00 25.58 ? 106 VAL   A CB  1 
ATOM   1004 C  CG1 . VAL   A 1 97  ? -0.671  9.051   -0.010  1.00 27.06 ? 106 VAL   A CG1 1 
ATOM   1005 C  CG2 . VAL   A 1 97  ? -2.790  7.757   0.201   1.00 25.87 ? 106 VAL   A CG2 1 
ATOM   1006 N  N   . LEU   A 1 98  ? -1.334  4.919   -0.651  1.00 20.52 ? 107 LEU   A N   1 
ATOM   1007 C  CA  . LEU   A 1 98  ? -1.348  4.104   -1.870  1.00 20.10 ? 107 LEU   A CA  1 
ATOM   1008 C  C   . LEU   A 1 98  ? -2.224  4.781   -2.909  1.00 20.58 ? 107 LEU   A C   1 
ATOM   1009 O  O   . LEU   A 1 98  ? -3.295  5.320   -2.564  1.00 22.89 ? 107 LEU   A O   1 
ATOM   1010 C  CB  . LEU   A 1 98  ? -1.835  2.687   -1.576  1.00 20.22 ? 107 LEU   A CB  1 
ATOM   1011 C  CG  . LEU   A 1 98  ? -0.977  1.874   -0.622  1.00 22.44 ? 107 LEU   A CG  1 
ATOM   1012 C  CD1 . LEU   A 1 98  ? -1.596  0.485   -0.524  1.00 23.96 ? 107 LEU   A CD1 1 
ATOM   1013 C  CD2 . LEU   A 1 98  ? 0.467   1.807   -1.067  1.00 21.02 ? 107 LEU   A CD2 1 
ATOM   1014 N  N   . VAL   A 1 99  ? -1.805  4.668   -4.173  1.00 19.61 ? 108 VAL   A N   1 
ATOM   1015 C  CA  . VAL   A 1 99  ? -2.589  5.176   -5.331  1.00 18.60 ? 108 VAL   A CA  1 
ATOM   1016 C  C   . VAL   A 1 99  ? -2.413  4.168   -6.447  1.00 20.13 ? 108 VAL   A C   1 
ATOM   1017 O  O   . VAL   A 1 99  ? -1.405  3.468   -6.496  1.00 20.11 ? 108 VAL   A O   1 
ATOM   1018 C  CB  . VAL   A 1 99  ? -2.122  6.594   -5.783  1.00 18.32 ? 108 VAL   A CB  1 
ATOM   1019 C  CG1 . VAL   A 1 99  ? -2.440  7.667   -4.737  1.00 20.97 ? 108 VAL   A CG1 1 
ATOM   1020 C  CG2 . VAL   A 1 99  ? -0.648  6.648   -6.155  1.00 19.65 ? 108 VAL   A CG2 1 
ATOM   1021 N  N   . PRO   A 1 100 ? -3.325  4.164   -7.434  1.00 18.58 ? 109 PRO   A N   1 
ATOM   1022 C  CA  . PRO   A 1 100 ? -3.044  3.456   -8.670  1.00 20.02 ? 109 PRO   A CA  1 
ATOM   1023 C  C   . PRO   A 1 100 ? -1.748  3.963   -9.311  1.00 20.88 ? 109 PRO   A C   1 
ATOM   1024 O  O   . PRO   A 1 100 ? -1.440  5.164   -9.258  1.00 20.39 ? 109 PRO   A O   1 
ATOM   1025 C  CB  . PRO   A 1 100 ? -4.254  3.786   -9.541  1.00 20.24 ? 109 PRO   A CB  1 
ATOM   1026 C  CG  . PRO   A 1 100 ? -5.362  4.146   -8.570  1.00 20.81 ? 109 PRO   A CG  1 
ATOM   1027 C  CD  . PRO   A 1 100 ? -4.647  4.799   -7.431  1.00 19.90 ? 109 PRO   A CD  1 
ATOM   1028 N  N   . HIS   A 1 101 ? -1.025  3.022   -9.910  1.00 19.76 ? 110 HIS   A N   1 
ATOM   1029 C  CA  . HIS   A 1 101 ? 0.124   3.349   -10.777 1.00 20.36 ? 110 HIS   A CA  1 
ATOM   1030 C  C   . HIS   A 1 101 ? -0.252  3.078   -12.223 1.00 19.95 ? 110 HIS   A C   1 
ATOM   1031 O  O   . HIS   A 1 101 ? -0.584  1.934   -12.551 1.00 21.60 ? 110 HIS   A O   1 
ATOM   1032 C  CB  . HIS   A 1 101 ? 1.316   2.499   -10.355 1.00 19.92 ? 110 HIS   A CB  1 
ATOM   1033 C  CG  . HIS   A 1 101 ? 2.538   2.860   -11.130 1.00 21.43 ? 110 HIS   A CG  1 
ATOM   1034 N  ND1 . HIS   A 1 101 ? 3.461   1.918   -11.506 1.00 27.24 ? 110 HIS   A ND1 1 
ATOM   1035 C  CD2 . HIS   A 1 101 ? 3.046   4.063   -11.472 1.00 18.69 ? 110 HIS   A CD2 1 
ATOM   1036 C  CE1 . HIS   A 1 101 ? 4.476   2.560   -12.112 1.00 27.42 ? 110 HIS   A CE1 1 
ATOM   1037 N  NE2 . HIS   A 1 101 ? 4.259   3.867   -12.051 1.00 20.39 ? 110 HIS   A NE2 1 
ATOM   1038 N  N   . VAL   A 1 102 ? -0.163  4.105   -13.050 1.00 19.53 ? 111 VAL   A N   1 
ATOM   1039 C  CA  . VAL   A 1 102 ? -0.538  4.002   -14.482 1.00 21.36 ? 111 VAL   A CA  1 
ATOM   1040 C  C   . VAL   A 1 102 ? 0.640   4.472   -15.337 1.00 25.01 ? 111 VAL   A C   1 
ATOM   1041 O  O   . VAL   A 1 102 ? 0.395   4.996   -16.448 1.00 32.50 ? 111 VAL   A O   1 
ATOM   1042 C  CB  . VAL   A 1 102 ? -1.843  4.765   -14.792 1.00 21.67 ? 111 VAL   A CB  1 
ATOM   1043 C  CG1 . VAL   A 1 102 ? -3.020  4.224   -14.012 1.00 24.80 ? 111 VAL   A CG1 1 
ATOM   1044 C  CG2 . VAL   A 1 102 ? -1.733  6.236   -14.497 1.00 23.54 ? 111 VAL   A CG2 1 
ATOM   1045 N  N   . GLY   A 1 103 ? 1.864   4.229   -14.885 1.00 23.55 ? 112 GLY   A N   1 
ATOM   1046 C  CA  . GLY   A 1 103 ? 3.073   4.495   -15.690 1.00 23.19 ? 112 GLY   A CA  1 
ATOM   1047 C  C   . GLY   A 1 103 ? 3.850   5.709   -15.295 1.00 23.95 ? 112 GLY   A C   1 
ATOM   1048 O  O   . GLY   A 1 103 ? 4.855   5.987   -15.975 1.00 26.22 ? 112 GLY   A O   1 
ATOM   1049 N  N   . GLU   A 1 104 ? 3.457   6.408   -14.234 1.00 20.93 ? 113 GLU   A N   1 
ATOM   1050 C  CA  . GLU   A 1 104 ? 4.263   7.517   -13.676 1.00 21.89 ? 113 GLU   A CA  1 
ATOM   1051 C  C   . GLU   A 1 104 ? 5.688   7.036   -13.358 1.00 21.59 ? 113 GLU   A C   1 
ATOM   1052 O  O   . GLU   A 1 104 ? 5.909   5.904   -12.899 1.00 20.41 ? 113 GLU   A O   1 
ATOM   1053 C  CB  . GLU   A 1 104 ? 3.610   8.106   -12.438 1.00 20.73 ? 113 GLU   A CB  1 
ATOM   1054 C  CG  . GLU   A 1 104 ? 2.223   8.678   -12.698 1.00 20.20 ? 113 GLU   A CG  1 
ATOM   1055 C  CD  . GLU   A 1 104 ? 1.069   7.723   -12.428 1.00 20.25 ? 113 GLU   A CD  1 
ATOM   1056 O  OE1 . GLU   A 1 104 ? 1.272   6.482   -12.470 1.00 20.72 ? 113 GLU   A OE1 1 
ATOM   1057 O  OE2 . GLU   A 1 104 ? 0.010   8.229   -12.061 1.00 20.21 ? 113 GLU   A OE2 1 
ATOM   1058 N  N   . ILE   A 1 105 ? 6.670   7.916   -13.553 1.00 21.98 ? 114 ILE   A N   1 
ATOM   1059 C  CA  . ILE   A 1 105 ? 8.083   7.588   -13.229 1.00 20.80 ? 114 ILE   A CA  1 
ATOM   1060 C  C   . ILE   A 1 105 ? 8.309   7.797   -11.747 1.00 21.45 ? 114 ILE   A C   1 
ATOM   1061 O  O   . ILE   A 1 105 ? 8.093   8.908   -11.205 1.00 23.81 ? 114 ILE   A O   1 
ATOM   1062 C  CB  . ILE   A 1 105 ? 9.046   8.460   -14.072 1.00 23.25 ? 114 ILE   A CB  1 
ATOM   1063 C  CG1 . ILE   A 1 105 ? 8.750   8.311   -15.566 1.00 24.89 ? 114 ILE   A CG1 1 
ATOM   1064 C  CG2 . ILE   A 1 105 ? 10.477  8.133   -13.696 1.00 24.07 ? 114 ILE   A CG2 1 
ATOM   1065 C  CD1 . ILE   A 1 105 ? 8.832   6.925   -16.100 1.00 23.84 ? 114 ILE   A CD1 1 
ATOM   1066 N  N   . PRO   A 1 106 ? 8.732   6.745   -11.013 1.00 19.72 ? 115 PRO   A N   1 
ATOM   1067 C  CA  . PRO   A 1 106 ? 9.009   6.879   -9.602  1.00 21.00 ? 115 PRO   A CA  1 
ATOM   1068 C  C   . PRO   A 1 106 ? 10.319  7.604   -9.295  1.00 21.79 ? 115 PRO   A C   1 
ATOM   1069 O  O   . PRO   A 1 106 ? 11.182  7.752   -10.164 1.00 22.54 ? 115 PRO   A O   1 
ATOM   1070 C  CB  . PRO   A 1 106 ? 9.022   5.434   -9.123  1.00 22.64 ? 115 PRO   A CB  1 
ATOM   1071 C  CG  . PRO   A 1 106 ? 9.602   4.713   -10.249 1.00 22.17 ? 115 PRO   A CG  1 
ATOM   1072 C  CD  . PRO   A 1 106 ? 8.983   5.363   -11.469 1.00 21.92 ? 115 PRO   A CD  1 
ATOM   1073 N  N   . VAL   A 1 107 ? 10.434  8.037   -8.041  1.00 21.73 ? 116 VAL   A N   1 
ATOM   1074 C  CA  . VAL   A 1 107 ? 11.678  8.651   -7.492  1.00 22.39 ? 116 VAL   A CA  1 
ATOM   1075 C  C   . VAL   A 1 107 ? 12.456  7.661   -6.649  1.00 22.64 ? 116 VAL   A C   1 
ATOM   1076 O  O   . VAL   A 1 107 ? 13.657  7.911   -6.344  1.00 23.14 ? 116 VAL   A O   1 
ATOM   1077 C  CB  . VAL   A 1 107 ? 11.322  9.899   -6.679  1.00 22.61 ? 116 VAL   A CB  1 
ATOM   1078 C  CG1 . VAL   A 1 107 ? 10.661  10.931  -7.567  1.00 24.18 ? 116 VAL   A CG1 1 
ATOM   1079 C  CG2 . VAL   A 1 107 ? 10.495  9.580   -5.464  1.00 22.79 ? 116 VAL   A CG2 1 
ATOM   1080 N  N   . ALA   A 1 108 ? 11.838  6.532   -6.292  1.00 22.07 ? 117 ALA   A N   1 
ATOM   1081 C  CA  . ALA   A 1 108 ? 12.446  5.521   -5.419  1.00 23.03 ? 117 ALA   A CA  1 
ATOM   1082 C  C   . ALA   A 1 108 ? 11.483  4.338   -5.358  1.00 23.51 ? 117 ALA   A C   1 
ATOM   1083 O  O   . ALA   A 1 108 ? 10.378  4.412   -5.932  1.00 20.99 ? 117 ALA   A O   1 
ATOM   1084 C  CB  . ALA   A 1 108 ? 12.691  6.016   -4.029  1.00 25.69 ? 117 ALA   A CB  1 
ATOM   1085 N  N   . TYR   A 1 109 ? 11.942  3.276   -4.707  1.00 24.72 ? 118 TYR   A N   1 
ATOM   1086 C  CA  . TYR   A 1 109 ? 11.143  2.060   -4.448  1.00 26.88 ? 118 TYR   A CA  1 
ATOM   1087 C  C   . TYR   A 1 109 ? 11.115  1.860   -2.944  1.00 30.26 ? 118 TYR   A C   1 
ATOM   1088 O  O   . TYR   A 1 109 ? 12.139  2.171   -2.262  1.00 32.48 ? 118 TYR   A O   1 
ATOM   1089 C  CB  . TYR   A 1 109 ? 11.687  0.882   -5.248  1.00 26.71 ? 118 TYR   A CB  1 
ATOM   1090 C  CG  . TYR   A 1 109 ? 11.373  0.946   -6.710  1.00 27.47 ? 118 TYR   A CG  1 
ATOM   1091 C  CD1 . TYR   A 1 109 ? 10.179  0.471   -7.234  1.00 27.13 ? 118 TYR   A CD1 1 
ATOM   1092 C  CD2 . TYR   A 1 109 ? 12.218  1.609   -7.581  1.00 28.81 ? 118 TYR   A CD2 1 
ATOM   1093 C  CE1 . TYR   A 1 109 ? 9.849   0.582   -8.567  1.00 25.69 ? 118 TYR   A CE1 1 
ATOM   1094 C  CE2 . TYR   A 1 109 ? 11.900  1.715   -8.919  1.00 27.03 ? 118 TYR   A CE2 1 
ATOM   1095 C  CZ  . TYR   A 1 109 ? 10.742  1.190   -9.433  1.00 26.43 ? 118 TYR   A CZ  1 
ATOM   1096 O  OH  . TYR   A 1 109 ? 10.431  1.310   -10.765 1.00 31.09 ? 118 TYR   A OH  1 
ATOM   1097 N  N   . ARG   A 1 110 ? 9.989   1.396   -2.405  1.00 29.31 ? 119 ARG   A N   1 
ATOM   1098 C  CA  . ARG   A 1 110 ? 9.832   1.085   -0.960  1.00 31.51 ? 119 ARG   A CA  1 
ATOM   1099 C  C   . ARG   A 1 110 ? 9.536   -0.417  -0.878  1.00 29.06 ? 119 ARG   A C   1 
ATOM   1100 O  O   . ARG   A 1 110 ? 8.535   -0.851  -1.428  1.00 28.41 ? 119 ARG   A O   1 
ATOM   1101 C  CB  . ARG   A 1 110 ? 8.748   1.989   -0.372  1.00 35.49 ? 119 ARG   A CB  1 
ATOM   1102 C  CG  . ARG   A 1 110 ? 8.745   2.093   1.144   1.00 44.17 ? 119 ARG   A CG  1 
ATOM   1103 C  CD  . ARG   A 1 110 ? 9.953   2.852   1.665   1.00 48.35 ? 119 ARG   A CD  1 
ATOM   1104 N  NE  . ARG   A 1 110 ? 10.274  2.386   3.002   1.00 52.17 ? 119 ARG   A NE  1 
ATOM   1105 C  CZ  . ARG   A 1 110 ? 9.897   2.978   4.128   1.00 53.80 ? 119 ARG   A CZ  1 
ATOM   1106 N  NH1 . ARG   A 1 110 ? 9.195   4.098   4.105   1.00 57.80 ? 119 ARG   A NH1 1 
ATOM   1107 N  NH2 . ARG   A 1 110 ? 10.218  2.436   5.287   1.00 58.94 ? 119 ARG   A NH2 1 
ATOM   1108 N  N   . LYS   A 1 111 ? 10.466  -1.182  -0.309  1.00 31.37 ? 120 LYS   A N   1 
ATOM   1109 C  CA  . LYS   A 1 111 ? 10.352  -2.656  -0.132  1.00 31.10 ? 120 LYS   A CA  1 
ATOM   1110 C  C   . LYS   A 1 111 ? 9.499   -2.867  1.102   1.00 29.09 ? 120 LYS   A C   1 
ATOM   1111 O  O   . LYS   A 1 111 ? 9.841   -2.367  2.176   1.00 30.63 ? 120 LYS   A O   1 
ATOM   1112 C  CB  . LYS   A 1 111 ? 11.723  -3.310  0.058   1.00 34.14 ? 120 LYS   A CB  1 
ATOM   1113 C  CG  . LYS   A 1 111 ? 12.654  -3.137  -1.122  1.00 41.56 ? 120 LYS   A CG  1 
ATOM   1114 C  CD  . LYS   A 1 111 ? 13.944  -3.916  -1.015  1.00 48.53 ? 120 LYS   A CD  1 
ATOM   1115 C  CE  . LYS   A 1 111 ? 14.884  -3.331  0.013   1.00 53.89 ? 120 LYS   A CE  1 
ATOM   1116 N  NZ  . LYS   A 1 111 ? 15.985  -4.270  0.332   1.00 59.99 ? 120 LYS   A NZ  1 
ATOM   1117 N  N   A VAL   A 1 112 ? 8.377   -3.571  0.922   0.27 25.84 ? 121 VAL   A N   1 
ATOM   1118 N  N   B VAL   A 1 112 ? 8.377   -3.571  0.922   0.26 25.90 ? 121 VAL   A N   1 
ATOM   1119 N  N   C VAL   A 1 112 ? 8.397   -3.597  0.964   0.24 28.64 ? 121 VAL   A N   1 
ATOM   1120 N  N   D VAL   A 1 112 ? 8.397   -3.596  0.964   0.23 28.69 ? 121 VAL   A N   1 
ATOM   1121 C  CA  A VAL   A 1 112 ? 7.410   -3.881  2.014   0.27 25.49 ? 121 VAL   A CA  1 
ATOM   1122 C  CA  B VAL   A 1 112 ? 7.411   -3.880  2.015   0.26 25.50 ? 121 VAL   A CA  1 
ATOM   1123 C  CA  C VAL   A 1 112 ? 7.525   -3.911  2.129   0.24 29.64 ? 121 VAL   A CA  1 
ATOM   1124 C  CA  D VAL   A 1 112 ? 7.525   -3.910  2.129   0.23 29.65 ? 121 VAL   A CA  1 
ATOM   1125 C  C   A VAL   A 1 112 ? 7.072   -5.371  1.991   0.27 24.52 ? 121 VAL   A C   1 
ATOM   1126 C  C   B VAL   A 1 112 ? 7.072   -5.370  1.991   0.26 24.56 ? 121 VAL   A C   1 
ATOM   1127 C  C   C VAL   A 1 112 ? 7.157   -5.391  2.095   0.24 28.94 ? 121 VAL   A C   1 
ATOM   1128 C  C   D VAL   A 1 112 ? 7.155   -5.390  2.095   0.23 28.99 ? 121 VAL   A C   1 
ATOM   1129 O  O   A VAL   A 1 112 ? 7.188   -6.037  0.939   0.27 25.01 ? 121 VAL   A O   1 
ATOM   1130 O  O   B VAL   A 1 112 ? 7.186   -6.034  0.937   0.26 25.00 ? 121 VAL   A O   1 
ATOM   1131 O  O   C VAL   A 1 112 ? 7.133   -6.006  1.009   0.24 28.96 ? 121 VAL   A O   1 
ATOM   1132 O  O   D VAL   A 1 112 ? 7.124   -6.002  1.006   0.23 28.97 ? 121 VAL   A O   1 
ATOM   1133 C  CB  A VAL   A 1 112 ? 6.142   -3.007  1.943   0.27 24.43 ? 121 VAL   A CB  1 
ATOM   1134 C  CB  B VAL   A 1 112 ? 6.141   -3.007  1.943   0.26 24.47 ? 121 VAL   A CB  1 
ATOM   1135 C  CB  C VAL   A 1 112 ? 6.283   -3.002  2.176   0.24 29.70 ? 121 VAL   A CB  1 
ATOM   1136 C  CB  D VAL   A 1 112 ? 6.283   -3.001  2.176   0.23 29.72 ? 121 VAL   A CB  1 
ATOM   1137 C  CG1 A VAL   A 1 112 ? 6.487   -1.534  1.894   0.27 24.52 ? 121 VAL   A CG1 1 
ATOM   1138 C  CG1 B VAL   A 1 112 ? 6.487   -1.532  1.894   0.26 24.54 ? 121 VAL   A CG1 1 
ATOM   1139 C  CG1 C VAL   A 1 112 ? 6.665   -1.551  2.423   0.24 30.89 ? 121 VAL   A CG1 1 
ATOM   1140 C  CG1 D VAL   A 1 112 ? 6.664   -1.551  2.423   0.23 30.84 ? 121 VAL   A CG1 1 
ATOM   1141 C  CG2 A VAL   A 1 112 ? 5.220   -3.376  0.787   0.27 24.78 ? 121 VAL   A CG2 1 
ATOM   1142 C  CG2 B VAL   A 1 112 ? 5.221   -3.376  0.786   0.26 24.80 ? 121 VAL   A CG2 1 
ATOM   1143 C  CG2 C VAL   A 1 112 ? 5.427   -3.129  0.926   0.24 30.49 ? 121 VAL   A CG2 1 
ATOM   1144 C  CG2 D VAL   A 1 112 ? 5.428   -3.127  0.925   0.23 30.47 ? 121 VAL   A CG2 1 
ATOM   1145 N  N   A LEU   A 1 113 ? 6.692   -5.875  3.155   0.27 24.40 ? 122 LEU   A N   1 
ATOM   1146 N  N   B LEU   A 1 113 ? 6.694   -5.875  3.156   0.26 24.46 ? 122 LEU   A N   1 
ATOM   1147 N  N   C LEU   A 1 113 ? 6.945   -5.947  3.281   0.24 29.72 ? 122 LEU   A N   1 
ATOM   1148 N  N   D LEU   A 1 113 ? 6.947   -5.948  3.280   0.23 29.76 ? 122 LEU   A N   1 
ATOM   1149 C  CA  A LEU   A 1 113 ? 6.101   -7.217  3.332   0.27 25.36 ? 122 LEU   A CA  1 
ATOM   1150 C  CA  B LEU   A 1 113 ? 6.101   -7.218  3.333   0.26 25.41 ? 122 LEU   A CA  1 
ATOM   1151 C  CA  C LEU   A 1 113 ? 6.316   -7.269  3.477   0.24 30.64 ? 122 LEU   A CA  1 
ATOM   1152 C  CA  D LEU   A 1 113 ? 6.316   -7.270  3.478   0.23 30.68 ? 122 LEU   A CA  1 
ATOM   1153 C  C   A LEU   A 1 113 ? 4.647   -6.975  3.723   0.27 26.19 ? 122 LEU   A C   1 
ATOM   1154 C  C   B LEU   A 1 113 ? 4.647   -6.975  3.723   0.26 26.20 ? 122 LEU   A C   1 
ATOM   1155 C  C   C LEU   A 1 113 ? 4.868   -6.979  3.852   0.24 30.18 ? 122 LEU   A C   1 
ATOM   1156 C  C   D LEU   A 1 113 ? 4.868   -6.979  3.853   0.23 30.22 ? 122 LEU   A C   1 
ATOM   1157 O  O   A LEU   A 1 113 ? 4.409   -6.489  4.847   0.27 24.54 ? 122 LEU   A O   1 
ATOM   1158 O  O   B LEU   A 1 113 ? 4.409   -6.489  4.847   0.26 24.51 ? 122 LEU   A O   1 
ATOM   1159 O  O   C LEU   A 1 113 ? 4.639   -6.514  4.985   0.24 27.93 ? 122 LEU   A O   1 
ATOM   1160 O  O   D LEU   A 1 113 ? 4.639   -6.519  4.987   0.23 27.95 ? 122 LEU   A O   1 
ATOM   1161 C  CB  A LEU   A 1 113 ? 6.910   -7.966  4.398   0.27 27.35 ? 122 LEU   A CB  1 
ATOM   1162 C  CB  B LEU   A 1 113 ? 6.910   -7.967  4.399   0.26 27.35 ? 122 LEU   A CB  1 
ATOM   1163 C  CB  C LEU   A 1 113 ? 7.080   -8.017  4.573   0.24 32.76 ? 122 LEU   A CB  1 
ATOM   1164 C  CB  D LEU   A 1 113 ? 7.081   -8.018  4.574   0.23 32.76 ? 122 LEU   A CB  1 
ATOM   1165 C  CG  A LEU   A 1 113 ? 6.658   -9.469  4.532   0.27 29.61 ? 122 LEU   A CG  1 
ATOM   1166 C  CG  B LEU   A 1 113 ? 6.659   -9.468  4.534   0.26 29.56 ? 122 LEU   A CG  1 
ATOM   1167 C  CG  C LEU   A 1 113 ? 6.717   -9.487  4.774   0.24 35.35 ? 122 LEU   A CG  1 
ATOM   1168 C  CG  D LEU   A 1 113 ? 6.717   -9.488  4.775   0.23 35.29 ? 122 LEU   A CG  1 
ATOM   1169 C  CD1 A LEU   A 1 113 ? 6.708   -10.185 3.188   0.27 30.97 ? 122 LEU   A CD1 1 
ATOM   1170 C  CD1 B LEU   A 1 113 ? 6.708   -10.186 3.189   0.26 30.88 ? 122 LEU   A CD1 1 
ATOM   1171 C  CD1 C LEU   A 1 113 ? 6.693   -10.250 3.456   0.24 36.50 ? 122 LEU   A CD1 1 
ATOM   1172 C  CD1 D LEU   A 1 113 ? 6.693   -10.251 3.457   0.23 36.41 ? 122 LEU   A CD1 1 
ATOM   1173 C  CD2 A LEU   A 1 113 ? 7.681   -10.082 5.481   0.27 30.96 ? 122 LEU   A CD2 1 
ATOM   1174 C  CD2 B LEU   A 1 113 ? 7.680   -10.082 5.482   0.26 30.87 ? 122 LEU   A CD2 1 
ATOM   1175 C  CD2 C LEU   A 1 113 ? 7.696   -10.140 5.739   0.24 36.55 ? 122 LEU   A CD2 1 
ATOM   1176 C  CD2 D LEU   A 1 113 ? 7.696   -10.142 5.740   0.23 36.45 ? 122 LEU   A CD2 1 
ATOM   1177 N  N   A LEU   A 1 114 ? 3.731   -7.180  2.777   0.27 25.40 ? 123 LEU   A N   1 
ATOM   1178 N  N   B LEU   A 1 114 ? 3.732   -7.179  2.777   0.26 25.49 ? 123 LEU   A N   1 
ATOM   1179 N  N   C LEU   A 1 114 ? 3.950   -7.116  2.896   0.24 29.39 ? 123 LEU   A N   1 
ATOM   1180 N  N   D LEU   A 1 114 ? 3.950   -7.113  2.896   0.23 29.50 ? 123 LEU   A N   1 
ATOM   1181 C  CA  A LEU   A 1 114 ? 2.311   -6.781  2.928   0.27 28.60 ? 123 LEU   A CA  1 
ATOM   1182 C  CA  B LEU   A 1 114 ? 2.311   -6.781  2.928   0.26 28.66 ? 123 LEU   A CA  1 
ATOM   1183 C  CA  C LEU   A 1 114 ? 2.557   -6.649  3.085   0.24 32.09 ? 123 LEU   A CA  1 
ATOM   1184 C  CA  D LEU   A 1 114 ? 2.557   -6.647  3.086   0.23 32.14 ? 123 LEU   A CA  1 
ATOM   1185 C  C   A LEU   A 1 114 ? 1.531   -7.935  3.548   0.27 30.63 ? 123 LEU   A C   1 
ATOM   1186 C  C   B LEU   A 1 114 ? 1.532   -7.935  3.547   0.26 30.68 ? 123 LEU   A C   1 
ATOM   1187 C  C   C LEU   A 1 114 ? 1.696   -7.788  3.622   0.24 32.52 ? 123 LEU   A C   1 
ATOM   1188 C  C   D LEU   A 1 114 ? 1.696   -7.788  3.623   0.23 32.59 ? 123 LEU   A C   1 
ATOM   1189 O  O   A LEU   A 1 114 ? 1.497   -9.019  2.942   0.27 30.80 ? 123 LEU   A O   1 
ATOM   1190 O  O   B LEU   A 1 114 ? 1.497   -9.019  2.942   0.26 30.78 ? 123 LEU   A O   1 
ATOM   1191 O  O   C LEU   A 1 114 ? 1.661   -8.862  2.999   0.24 32.00 ? 123 LEU   A O   1 
ATOM   1192 O  O   D LEU   A 1 114 ? 1.662   -8.860  2.998   0.23 32.00 ? 123 LEU   A O   1 
ATOM   1193 C  CB  A LEU   A 1 114 ? 1.714   -6.396  1.572   0.27 29.76 ? 123 LEU   A CB  1 
ATOM   1194 C  CB  B LEU   A 1 114 ? 1.714   -6.395  1.572   0.26 29.78 ? 123 LEU   A CB  1 
ATOM   1195 C  CB  C LEU   A 1 114 ? 1.976   -6.104  1.780   0.24 33.71 ? 123 LEU   A CB  1 
ATOM   1196 C  CB  D LEU   A 1 114 ? 1.976   -6.103  1.781   0.23 33.73 ? 123 LEU   A CB  1 
ATOM   1197 C  CG  A LEU   A 1 114 ? 0.195   -6.220  1.569   0.27 31.55 ? 123 LEU   A CG  1 
ATOM   1198 C  CG  B LEU   A 1 114 ? 0.195   -6.220  1.569   0.26 31.52 ? 123 LEU   A CG  1 
ATOM   1199 C  CG  C LEU   A 1 114 ? 0.479   -5.810  1.856   0.24 36.32 ? 123 LEU   A CG  1 
ATOM   1200 C  CG  D LEU   A 1 114 ? 0.479   -5.809  1.855   0.23 36.25 ? 123 LEU   A CG  1 
ATOM   1201 C  CD1 A LEU   A 1 114 ? -0.199  -4.958  2.323   0.27 32.50 ? 123 LEU   A CD1 1 
ATOM   1202 C  CD1 B LEU   A 1 114 ? -0.199  -4.958  2.323   0.26 32.44 ? 123 LEU   A CD1 1 
ATOM   1203 C  CD1 C LEU   A 1 114 ? 0.201   -4.644  2.793   0.24 36.69 ? 123 LEU   A CD1 1 
ATOM   1204 C  CD1 D LEU   A 1 114 ? 0.201   -4.643  2.792   0.23 36.63 ? 123 LEU   A CD1 1 
ATOM   1205 C  CD2 A LEU   A 1 114 ? -0.359  -6.200  0.155   0.27 31.85 ? 123 LEU   A CD2 1 
ATOM   1206 C  CD2 B LEU   A 1 114 ? -0.358  -6.200  0.156   0.26 31.81 ? 123 LEU   A CD2 1 
ATOM   1207 C  CD2 C LEU   A 1 114 ? -0.108  -5.558  0.482   0.24 37.88 ? 123 LEU   A CD2 1 
ATOM   1208 C  CD2 D LEU   A 1 114 ? -0.107  -5.557  0.481   0.23 37.76 ? 123 LEU   A CD2 1 
ATOM   1209 N  N   A ARG   A 1 115 ? 0.904   -7.683  4.697   0.27 33.60 ? 124 ARG   A N   1 
ATOM   1210 N  N   B ARG   A 1 115 ? 0.904   -7.683  4.697   0.26 33.70 ? 124 ARG   A N   1 
ATOM   1211 N  N   C ARG   A 1 115 ? 1.009   -7.524  4.735   0.24 33.63 ? 124 ARG   A N   1 
ATOM   1212 N  N   D ARG   A 1 115 ? 1.010   -7.524  4.736   0.23 33.76 ? 124 ARG   A N   1 
ATOM   1213 C  CA  A ARG   A 1 115 ? -0.110  -8.592  5.282   0.27 38.30 ? 124 ARG   A CA  1 
ATOM   1214 C  CA  B ARG   A 1 115 ? -0.110  -8.592  5.282   0.26 38.39 ? 124 ARG   A CA  1 
ATOM   1215 C  CA  C ARG   A 1 115 ? -0.131  -8.338  5.217   0.24 36.74 ? 124 ARG   A CA  1 
ATOM   1216 C  CA  D ARG   A 1 115 ? -0.130  -8.339  5.218   0.23 36.84 ? 124 ARG   A CA  1 
ATOM   1217 C  C   A ARG   A 1 115 ? -1.325  -8.603  4.345   0.27 41.27 ? 124 ARG   A C   1 
ATOM   1218 C  C   B ARG   A 1 115 ? -1.324  -8.603  4.344   0.26 41.30 ? 124 ARG   A C   1 
ATOM   1219 C  C   C ARG   A 1 115 ? -1.366  -7.983  4.381   0.24 39.27 ? 124 ARG   A C   1 
ATOM   1220 C  C   D ARG   A 1 115 ? -1.365  -7.983  4.382   0.23 39.25 ? 124 ARG   A C   1 
ATOM   1221 O  O   A ARG   A 1 115 ? -2.041  -7.580  4.288   0.27 45.37 ? 124 ARG   A O   1 
ATOM   1222 O  O   B ARG   A 1 115 ? -2.039  -7.579  4.286   0.26 45.26 ? 124 ARG   A O   1 
ATOM   1223 O  O   C ARG   A 1 115 ? -1.646  -6.781  4.211   0.24 40.23 ? 124 ARG   A O   1 
ATOM   1224 O  O   D ARG   A 1 115 ? -1.646  -6.780  4.216   0.23 40.17 ? 124 ARG   A O   1 
ATOM   1225 C  CB  A ARG   A 1 115 ? -0.444  -8.148  6.707   0.27 42.78 ? 124 ARG   A CB  1 
ATOM   1226 C  CB  B ARG   A 1 115 ? -0.445  -8.147  6.707   0.26 42.78 ? 124 ARG   A CB  1 
ATOM   1227 C  CB  C ARG   A 1 115 ? -0.406  -8.081  6.698   0.24 41.01 ? 124 ARG   A CB  1 
ATOM   1228 C  CB  D ARG   A 1 115 ? -0.407  -8.081  6.698   0.23 41.02 ? 124 ARG   A CB  1 
ATOM   1229 C  CG  A ARG   A 1 115 ? -1.325  -9.127  7.470   0.27 46.09 ? 124 ARG   A CG  1 
ATOM   1230 C  CG  B ARG   A 1 115 ? -1.326  -9.127  7.470   0.26 46.07 ? 124 ARG   A CG  1 
ATOM   1231 C  CG  C ARG   A 1 115 ? -1.695  -8.722  7.194   0.24 44.15 ? 124 ARG   A CG  1 
ATOM   1232 C  CG  D ARG   A 1 115 ? -1.695  -8.722  7.194   0.23 44.14 ? 124 ARG   A CG  1 
ATOM   1233 C  CD  A ARG   A 1 115 ? -1.583  -8.651  8.888   0.27 49.96 ? 124 ARG   A CD  1 
ATOM   1234 C  CD  B ARG   A 1 115 ? -1.583  -8.651  8.888   0.26 49.89 ? 124 ARG   A CD  1 
ATOM   1235 C  CD  C ARG   A 1 115 ? -2.129  -8.149  8.528   0.24 47.76 ? 124 ARG   A CD  1 
ATOM   1236 C  CD  D ARG   A 1 115 ? -2.128  -8.149  8.528   0.23 47.72 ? 124 ARG   A CD  1 
ATOM   1237 N  NE  A ARG   A 1 115 ? -0.352  -8.620  9.671   0.27 53.48 ? 124 ARG   A NE  1 
ATOM   1238 N  NE  B ARG   A 1 115 ? -0.352  -8.621  9.672   0.26 53.35 ? 124 ARG   A NE  1 
ATOM   1239 N  NE  C ARG   A 1 115 ? -1.434  -8.822  9.617   0.24 52.41 ? 124 ARG   A NE  1 
ATOM   1240 N  NE  D ARG   A 1 115 ? -1.434  -8.822  9.618   0.23 52.26 ? 124 ARG   A NE  1 
ATOM   1241 C  CZ  A ARG   A 1 115 ? -0.230  -8.121  10.902  0.27 56.89 ? 124 ARG   A CZ  1 
ATOM   1242 C  CZ  B ARG   A 1 115 ? -0.231  -8.120  10.902  0.26 56.70 ? 124 ARG   A CZ  1 
ATOM   1243 C  CZ  C ARG   A 1 115 ? -0.770  -8.223  10.610  0.24 55.88 ? 124 ARG   A CZ  1 
ATOM   1244 C  CZ  D ARG   A 1 115 ? -0.770  -8.223  10.610  0.23 55.68 ? 124 ARG   A CZ  1 
ATOM   1245 N  NH1 A ARG   A 1 115 ? -1.273  -7.585  11.522  0.27 55.57 ? 124 ARG   A NH1 1 
ATOM   1246 N  NH1 B ARG   A 1 115 ? -1.274  -7.585  11.521  0.26 55.48 ? 124 ARG   A NH1 1 
ATOM   1247 N  NH1 C ARG   A 1 115 ? -0.706  -6.904  10.690  0.24 55.93 ? 124 ARG   A NH1 1 
ATOM   1248 N  NH1 D ARG   A 1 115 ? -0.706  -6.905  10.691  0.23 55.78 ? 124 ARG   A NH1 1 
ATOM   1249 N  NH2 A ARG   A 1 115 ? 0.945   -8.166  11.511  0.27 55.74 ? 124 ARG   A NH2 1 
ATOM   1250 N  NH2 B ARG   A 1 115 ? 0.944   -8.165  11.512  0.26 55.65 ? 124 ARG   A NH2 1 
ATOM   1251 N  NH2 C ARG   A 1 115 ? -0.179  -8.960  11.537  0.24 57.19 ? 124 ARG   A NH2 1 
ATOM   1252 N  NH2 D ARG   A 1 115 ? -0.179  -8.960  11.537  0.23 56.98 ? 124 ARG   A NH2 1 
ATOM   1253 N  N   A LYS   A 1 116 ? -1.506  -9.699  3.603   0.27 45.41 ? 125 LYS   A N   1 
ATOM   1254 N  N   B LYS   A 1 116 ? -1.507  -9.700  3.605   0.26 45.36 ? 125 LYS   A N   1 
ATOM   1255 N  N   C LYS   A 1 116 ? -1.975  -9.843  3.521   0.24 41.78 ? 125 LYS   A N   1 
ATOM   1256 N  N   D LYS   A 1 116 ? -1.975  -9.843  3.520   0.23 41.73 ? 125 LYS   A N   1 
ATOM   1257 C  CA  A LYS   A 1 116 ? -2.561  -9.888  2.578   0.27 46.66 ? 125 LYS   A CA  1 
ATOM   1258 C  CA  B LYS   A 1 116 ? -2.562  -9.887  2.578   0.26 46.62 ? 125 LYS   A CA  1 
ATOM   1259 C  CA  C LYS   A 1 116 ? -2.946  -9.571  2.435   0.24 40.47 ? 125 LYS   A CA  1 
ATOM   1260 C  CA  D LYS   A 1 116 ? -2.947  -9.571  2.436   0.23 40.48 ? 125 LYS   A CA  1 
ATOM   1261 C  C   A LYS   A 1 116 ? -3.777  -10.578 3.214   0.27 50.10 ? 125 LYS   A C   1 
ATOM   1262 C  C   B LYS   A 1 116 ? -3.778  -10.577 3.213   0.26 49.99 ? 125 LYS   A C   1 
ATOM   1263 C  C   C LYS   A 1 116 ? -4.312  -9.210  3.030   0.24 43.32 ? 125 LYS   A C   1 
ATOM   1264 C  C   D LYS   A 1 116 ? -4.312  -9.210  3.030   0.23 43.24 ? 125 LYS   A C   1 
ATOM   1265 O  O   A LYS   A 1 116 ? -3.710  -11.108 4.327   0.27 52.71 ? 125 LYS   A O   1 
ATOM   1266 O  O   B LYS   A 1 116 ? -3.711  -11.110 4.325   0.26 52.58 ? 125 LYS   A O   1 
ATOM   1267 O  O   C LYS   A 1 116 ? -5.004  -8.378  2.441   0.24 45.83 ? 125 LYS   A O   1 
ATOM   1268 O  O   D LYS   A 1 116 ? -5.009  -8.386  2.435   0.23 45.70 ? 125 LYS   A O   1 
ATOM   1269 C  CB  A LYS   A 1 116 ? -2.013  -10.679 1.414   0.27 45.85 ? 125 LYS   A CB  1 
ATOM   1270 C  CB  B LYS   A 1 116 ? -2.013  -10.679 1.414   0.26 45.86 ? 125 LYS   A CB  1 
ATOM   1271 C  CB  C LYS   A 1 116 ? -3.005  -10.810 1.543   0.24 38.88 ? 125 LYS   A CB  1 
ATOM   1272 C  CB  D LYS   A 1 116 ? -3.006  -10.809 1.542   0.23 38.90 ? 125 LYS   A CB  1 
ATOM   1273 C  CG  C LYS   A 1 116 ? -1.701  -11.091 0.819   0.24 36.70 ? 125 LYS   A CG  1 
ATOM   1274 C  CG  D LYS   A 1 116 ? -1.702  -11.090 0.818   0.23 36.79 ? 125 LYS   A CG  1 
ATOM   1275 C  CD  C LYS   A 1 116 ? -1.648  -12.471 0.258   0.24 35.95 ? 125 LYS   A CD  1 
ATOM   1276 C  CD  D LYS   A 1 116 ? -1.648  -12.471 0.256   0.23 36.04 ? 125 LYS   A CD  1 
ATOM   1277 C  CE  C LYS   A 1 116 ? -0.364  -12.735 -0.488  0.24 36.12 ? 125 LYS   A CE  1 
ATOM   1278 C  CE  D LYS   A 1 116 ? -0.364  -12.737 -0.489  0.23 36.20 ? 125 LYS   A CE  1 
ATOM   1279 N  NZ  C LYS   A 1 116 ? -0.299  -14.150 -0.914  0.24 37.98 ? 125 LYS   A NZ  1 
ATOM   1280 N  NZ  D LYS   A 1 116 ? -0.299  -14.150 -0.914  0.23 37.96 ? 125 LYS   A NZ  1 
HETATM 1281 N  N12 C A1CEI B 2 .   ? -0.115  -12.192 -4.969  0.24 42.77 ? 201 A1CEI A N12 1 
HETATM 1282 N  N12 D A1CEI B 2 .   ? -0.113  -12.198 -4.973  0.23 42.82 ? 201 A1CEI A N12 1 
HETATM 1283 BR BR1 C A1CEI B 2 .   ? -2.777  -7.287  -1.070  0.24 39.34 ? 201 A1CEI A BR1 1 
HETATM 1284 BR BR1 D A1CEI B 2 .   ? -2.777  -7.288  -1.068  0.23 39.53 ? 201 A1CEI A BR1 1 
HETATM 1285 C  C02 C A1CEI B 2 .   ? -2.356  -8.746  -2.081  0.24 39.50 ? 201 A1CEI A C02 1 
HETATM 1286 C  C02 D A1CEI B 2 .   ? -2.357  -8.751  -2.082  0.23 39.56 ? 201 A1CEI A C02 1 
HETATM 1287 C  C03 C A1CEI B 2 .   ? -3.278  -9.777  -2.132  0.24 39.48 ? 201 A1CEI A C03 1 
HETATM 1288 C  C03 D A1CEI B 2 .   ? -3.277  -9.782  -2.134  0.23 39.54 ? 201 A1CEI A C03 1 
HETATM 1289 C  C04 C A1CEI B 2 .   ? -2.956  -10.882 -2.892  0.24 39.61 ? 201 A1CEI A C04 1 
HETATM 1290 C  C04 D A1CEI B 2 .   ? -2.955  -10.887 -2.894  0.23 39.68 ? 201 A1CEI A C04 1 
HETATM 1291 C  C05 C A1CEI B 2 .   ? -1.726  -10.896 -3.554  0.24 40.32 ? 201 A1CEI A C05 1 
HETATM 1292 C  C05 D A1CEI B 2 .   ? -1.724  -10.900 -3.556  0.23 40.38 ? 201 A1CEI A C05 1 
HETATM 1293 C  C06 C A1CEI B 2 .   ? -0.826  -9.837  -3.485  0.24 39.48 ? 201 A1CEI A C06 1 
HETATM 1294 C  C06 D A1CEI B 2 .   ? -0.825  -9.841  -3.486  0.23 39.55 ? 201 A1CEI A C06 1 
HETATM 1295 C  C07 C A1CEI B 2 .   ? -1.151  -8.736  -2.733  0.24 38.25 ? 201 A1CEI A C07 1 
HETATM 1296 C  C07 D A1CEI B 2 .   ? -1.150  -8.741  -2.733  0.23 38.37 ? 201 A1CEI A C07 1 
HETATM 1297 C  C08 C A1CEI B 2 .   ? -1.378  -12.026 -4.345  0.24 43.07 ? 201 A1CEI A C08 1 
HETATM 1298 C  C08 D A1CEI B 2 .   ? -1.376  -12.032 -4.347  0.23 43.05 ? 201 A1CEI A C08 1 
HETATM 1299 N  N09 C A1CEI B 2 .   ? -2.185  -13.084 -4.633  0.24 43.96 ? 201 A1CEI A N09 1 
HETATM 1300 N  N09 D A1CEI B 2 .   ? -2.183  -13.090 -4.636  0.23 43.96 ? 201 A1CEI A N09 1 
HETATM 1301 N  N10 C A1CEI B 2 .   ? -1.405  -13.850 -5.402  0.24 44.30 ? 201 A1CEI A N10 1 
HETATM 1302 N  N10 D A1CEI B 2 .   ? -1.403  -13.856 -5.405  0.23 44.29 ? 201 A1CEI A N10 1 
HETATM 1303 N  N11 C A1CEI B 2 .   ? -0.152  -13.301 -5.596  0.24 45.40 ? 201 A1CEI A N11 1 
HETATM 1304 N  N11 D A1CEI B 2 .   ? -0.150  -13.307 -5.600  0.23 45.35 ? 201 A1CEI A N11 1 
HETATM 1305 O  O   . HOH   C 3 .   ? 8.335   0.360   -11.279 0.50 45.95 ? 301 HOH   A O   1 
HETATM 1306 O  O   . HOH   C 3 .   ? -6.544  13.457  7.214   1.00 51.81 ? 302 HOH   A O   1 
HETATM 1307 O  O   . HOH   C 3 .   ? 5.390   13.082  -1.132  1.00 38.00 ? 303 HOH   A O   1 
HETATM 1308 O  O   . HOH   C 3 .   ? 8.069   5.533   2.421   1.00 41.26 ? 304 HOH   A O   1 
HETATM 1309 O  O   A HOH   C 3 .   ? -4.594  -7.433  2.531   0.27 36.18 ? 305 HOH   A O   1 
HETATM 1310 O  O   B HOH   C 3 .   ? -4.597  -7.434  2.536   0.26 36.26 ? 305 HOH   A O   1 
HETATM 1311 O  O   . HOH   C 3 .   ? -15.669 7.702   7.926   1.00 33.99 ? 306 HOH   A O   1 
HETATM 1312 O  O   . HOH   C 3 .   ? -4.492  11.158  8.531   1.00 44.00 ? 307 HOH   A O   1 
HETATM 1313 O  O   . HOH   C 3 .   ? 6.949   -2.467  15.831  0.50 74.05 ? 308 HOH   A O   1 
HETATM 1314 O  O   . HOH   C 3 .   ? 11.439  -0.592  3.128   1.00 43.35 ? 309 HOH   A O   1 
HETATM 1315 O  O   . HOH   C 3 .   ? -8.704  18.510  -1.155  1.00 43.52 ? 310 HOH   A O   1 
HETATM 1316 O  O   . HOH   C 3 .   ? 7.842   -2.928  -8.490  1.00 53.24 ? 311 HOH   A O   1 
HETATM 1317 O  O   . HOH   C 3 .   ? 8.623   -4.307  10.159  1.00 39.17 ? 312 HOH   A O   1 
HETATM 1318 O  O   . HOH   C 3 .   ? -8.351  15.051  -0.030  1.00 35.17 ? 313 HOH   A O   1 
HETATM 1319 O  O   . HOH   C 3 .   ? -1.718  18.294  -7.629  1.00 42.72 ? 314 HOH   A O   1 
HETATM 1320 O  O   . HOH   C 3 .   ? 12.415  -15.509 5.815   1.00 46.81 ? 315 HOH   A O   1 
HETATM 1321 O  O   . HOH   C 3 .   ? -6.066  4.410   13.375  1.00 37.49 ? 316 HOH   A O   1 
HETATM 1322 O  O   . HOH   C 3 .   ? -9.321  -10.719 -6.868  1.00 47.25 ? 317 HOH   A O   1 
HETATM 1323 O  O   . HOH   C 3 .   ? -10.678 8.226   -6.170  1.00 35.26 ? 318 HOH   A O   1 
HETATM 1324 O  O   . HOH   C 3 .   ? -2.234  7.217   -11.055 1.00 20.60 ? 319 HOH   A O   1 
HETATM 1325 O  O   . HOH   C 3 .   ? 13.509  -2.508  -5.157  1.00 46.35 ? 320 HOH   A O   1 
HETATM 1326 O  O   . HOH   C 3 .   ? -19.916 -3.889  5.030   1.00 45.48 ? 321 HOH   A O   1 
HETATM 1327 O  O   . HOH   C 3 .   ? -5.454  6.326   -1.320  1.00 21.15 ? 322 HOH   A O   1 
HETATM 1328 O  O   . HOH   C 3 .   ? -9.916  12.244  6.194   1.00 32.31 ? 323 HOH   A O   1 
HETATM 1329 O  O   . HOH   C 3 .   ? -5.108  -3.336  8.941   1.00 46.73 ? 324 HOH   A O   1 
HETATM 1330 O  O   . HOH   C 3 .   ? -17.706 2.303   -3.332  1.00 31.68 ? 325 HOH   A O   1 
HETATM 1331 O  O   . HOH   C 3 .   ? -12.809 -4.275  1.277   1.00 33.31 ? 326 HOH   A O   1 
HETATM 1332 O  O   . HOH   C 3 .   ? -13.109 1.535   -8.680  1.00 37.39 ? 327 HOH   A O   1 
HETATM 1333 O  O   . HOH   C 3 .   ? 3.847   -0.705  -10.072 1.00 39.10 ? 328 HOH   A O   1 
HETATM 1334 O  O   . HOH   C 3 .   ? 6.213   10.721  -2.699  1.00 25.76 ? 329 HOH   A O   1 
HETATM 1335 O  O   . HOH   C 3 .   ? 6.355   10.439  -9.773  1.00 26.41 ? 330 HOH   A O   1 
HETATM 1336 O  O   . HOH   C 3 .   ? 2.634   -4.644  -6.153  1.00 31.12 ? 331 HOH   A O   1 
HETATM 1337 O  O   . HOH   C 3 .   ? -8.004  5.607   -2.222  1.00 21.09 ? 332 HOH   A O   1 
HETATM 1338 O  O   . HOH   C 3 .   ? 2.693   -2.197  -7.437  1.00 27.69 ? 333 HOH   A O   1 
HETATM 1339 O  O   . HOH   C 3 .   ? 5.543   5.192   -18.505 1.00 43.44 ? 334 HOH   A O   1 
HETATM 1340 O  O   . HOH   C 3 .   ? -8.605  -3.379  -10.004 1.00 41.21 ? 335 HOH   A O   1 
HETATM 1341 O  O   . HOH   C 3 .   ? -18.116 6.299   -9.196  1.00 34.47 ? 336 HOH   A O   1 
HETATM 1342 O  O   . HOH   C 3 .   ? 12.598  9.995   -10.910 1.00 29.80 ? 337 HOH   A O   1 
HETATM 1343 O  O   . HOH   C 3 .   ? -1.541  14.613  -12.241 1.00 42.68 ? 338 HOH   A O   1 
HETATM 1344 O  O   . HOH   C 3 .   ? -17.297 1.479   3.001   1.00 37.57 ? 339 HOH   A O   1 
HETATM 1345 O  O   . HOH   C 3 .   ? 9.102   10.887  -2.026  1.00 33.24 ? 340 HOH   A O   1 
HETATM 1346 O  O   . HOH   C 3 .   ? 4.689   8.885   4.382   1.00 33.68 ? 341 HOH   A O   1 
HETATM 1347 O  O   . HOH   C 3 .   ? -11.606 13.595  -1.711  1.00 40.58 ? 342 HOH   A O   1 
HETATM 1348 O  O   . HOH   C 3 .   ? -6.140  8.820   -2.257  1.00 21.51 ? 343 HOH   A O   1 
HETATM 1349 O  O   . HOH   C 3 .   ? -16.319 12.451  10.571  1.00 38.64 ? 344 HOH   A O   1 
HETATM 1350 O  O   . HOH   C 3 .   ? 4.981   13.955  -3.307  1.00 37.36 ? 345 HOH   A O   1 
HETATM 1351 O  O   . HOH   C 3 .   ? -10.322 7.702   -3.467  1.00 25.69 ? 346 HOH   A O   1 
HETATM 1352 O  O   . HOH   C 3 .   ? -0.368  -5.810  -14.376 1.00 38.92 ? 347 HOH   A O   1 
HETATM 1353 O  O   . HOH   C 3 .   ? 2.545   11.820  -14.582 1.00 39.84 ? 348 HOH   A O   1 
HETATM 1354 O  O   . HOH   C 3 .   ? -0.691  15.696  3.833   1.00 35.71 ? 349 HOH   A O   1 
HETATM 1355 O  O   . HOH   C 3 .   ? 6.506   -12.783 -1.238  1.00 39.81 ? 350 HOH   A O   1 
HETATM 1356 O  O   . HOH   C 3 .   ? -17.131 4.374   3.157   1.00 31.37 ? 351 HOH   A O   1 
HETATM 1357 O  O   . HOH   C 3 .   ? 9.870   11.127  -11.112 1.00 35.36 ? 352 HOH   A O   1 
HETATM 1358 O  O   . HOH   C 3 .   ? -14.462 -1.466  -7.313  1.00 36.38 ? 353 HOH   A O   1 
HETATM 1359 O  O   . HOH   C 3 .   ? 12.800  0.041   0.823   1.00 37.92 ? 354 HOH   A O   1 
HETATM 1360 O  O   A HOH   C 3 .   ? -3.408  -5.310  5.440   0.27 22.81 ? 355 HOH   A O   1 
HETATM 1361 O  O   B HOH   C 3 .   ? -3.414  -5.306  5.442   0.26 22.55 ? 355 HOH   A O   1 
HETATM 1362 O  O   C HOH   C 3 .   ? -3.547  -5.420  5.055   0.24 21.76 ? 355 HOH   A O   1 
HETATM 1363 O  O   D HOH   C 3 .   ? -3.556  -5.414  5.056   0.23 21.36 ? 355 HOH   A O   1 
HETATM 1364 O  O   . HOH   C 3 .   ? -3.323  1.105   -12.151 1.00 39.25 ? 356 HOH   A O   1 
HETATM 1365 O  O   . HOH   C 3 .   ? 1.807   7.750   11.167  1.00 36.94 ? 357 HOH   A O   1 
HETATM 1366 O  O   . HOH   C 3 .   ? 14.701  3.406   -3.840  1.00 37.68 ? 358 HOH   A O   1 
HETATM 1367 O  O   . HOH   C 3 .   ? 10.592  -6.876  -3.830  1.00 38.67 ? 359 HOH   A O   1 
HETATM 1368 O  O   . HOH   C 3 .   ? -19.707 1.488   1.792   1.00 43.35 ? 360 HOH   A O   1 
HETATM 1369 O  O   . HOH   C 3 .   ? -1.588  22.717  -8.405  1.00 28.53 ? 361 HOH   A O   1 
HETATM 1370 O  O   . HOH   C 3 .   ? -0.550  18.029  -10.615 1.00 43.64 ? 362 HOH   A O   1 
HETATM 1371 O  O   . HOH   C 3 .   ? -7.616  11.355  -10.284 1.00 33.73 ? 363 HOH   A O   1 
HETATM 1372 O  O   . HOH   C 3 .   ? 5.857   10.718  -14.032 1.00 31.83 ? 364 HOH   A O   1 
HETATM 1373 O  O   . HOH   C 3 .   ? -2.590  -3.419  15.258  1.00 49.55 ? 365 HOH   A O   1 
HETATM 1374 O  O   . HOH   C 3 .   ? 5.046   16.441  -6.480  1.00 26.86 ? 366 HOH   A O   1 
HETATM 1375 O  O   . HOH   C 3 .   ? -1.325  5.079   13.180  1.00 47.51 ? 367 HOH   A O   1 
HETATM 1376 O  O   . HOH   C 3 .   ? -1.943  21.657  -6.321  1.00 45.51 ? 368 HOH   A O   1 
HETATM 1377 O  O   . HOH   C 3 .   ? 7.274   -6.176  -6.359  1.00 37.56 ? 369 HOH   A O   1 
HETATM 1378 O  O   . HOH   C 3 .   ? -3.567  3.629   14.012  1.00 35.68 ? 370 HOH   A O   1 
HETATM 1379 O  O   . HOH   C 3 .   ? 1.943   0.981   -14.095 1.00 52.67 ? 371 HOH   A O   1 
HETATM 1380 O  O   . HOH   C 3 .   ? -9.361  10.078  -10.305 1.00 45.07 ? 372 HOH   A O   1 
HETATM 1381 O  O   . HOH   C 3 .   ? 5.504   -5.149  16.438  0.50 49.62 ? 373 HOH   A O   1 
HETATM 1382 O  O   . HOH   C 3 .   ? -1.970  18.547  4.597   1.00 49.54 ? 374 HOH   A O   1 
HETATM 1383 O  O   . HOH   C 3 .   ? 4.907   -2.743  -8.563  1.00 44.42 ? 375 HOH   A O   1 
HETATM 1384 O  O   . HOH   C 3 .   ? -6.365  11.701  10.892  1.00 35.98 ? 376 HOH   A O   1 
HETATM 1385 O  O   A HOH   C 3 .   ? -3.255  -8.106  -1.588  0.27 28.40 ? 377 HOH   A O   1 
HETATM 1386 O  O   B HOH   C 3 .   ? -3.255  -8.104  -1.583  0.26 28.51 ? 377 HOH   A O   1 
HETATM 1387 O  O   . HOH   C 3 .   ? -9.518  0.853   14.832  1.00 64.83 ? 378 HOH   A O   1 
HETATM 1388 O  O   . HOH   C 3 .   ? -18.683 5.947   1.648   1.00 46.67 ? 379 HOH   A O   1 
HETATM 1389 O  O   . HOH   C 3 .   ? -17.557 4.366   5.913   1.00 49.50 ? 380 HOH   A O   1 
HETATM 1390 O  O   . HOH   C 3 .   ? -4.264  15.273  -12.749 1.00 59.36 ? 381 HOH   A O   1 
# 
